data_7UR2
#
_entry.id   7UR2
#
_cell.length_a   72.160
_cell.length_b   82.420
_cell.length_c   83.270
_cell.angle_alpha   81.090
_cell.angle_beta   71.790
_cell.angle_gamma   79.880
#
_symmetry.space_group_name_H-M   'P 1'
#
loop_
_entity.id
_entity.type
_entity.pdbx_description
1 polymer 'Isoform 7 of Kalirin'
2 non-polymer 'SULFATE ION'
3 water water
#
_entity_poly.entity_id   1
_entity_poly.type   'polypeptide(L)'
_entity_poly.pdbx_seq_one_letter_code
;GGGRNPPEGASEEGGAADSDVDAFFRTGSFRNDGLKASDVLPILKEKVAFVSGGRDKRGGPILTFPARSNHDRIRQEDLR
KLVTYLASVPSEDVCKRGFTVIIDMRGSKWDLIKPLLKTLQEAFPAEIHVALIIKPDNFWQKQKTNFGSSKFIFETSMVS
VEGLTKLVDPSQLTEEFDGSLDYNHEEWIELRLSL
;
_entity_poly.pdbx_strand_id   A,B,C,D,E,F,G,H
#
# COMPACT_ATOMS: atom_id res chain seq x y z
N ASP A 22 -25.93 -43.01 -9.35
CA ASP A 22 -26.99 -42.86 -10.39
C ASP A 22 -28.37 -43.03 -9.73
N ALA A 23 -28.39 -43.11 -8.39
CA ALA A 23 -29.66 -43.28 -7.64
C ALA A 23 -29.92 -42.02 -6.79
N PHE A 24 -28.86 -41.24 -6.51
CA PHE A 24 -28.99 -40.05 -5.73
C PHE A 24 -28.46 -38.83 -6.45
N PHE A 25 -27.28 -38.94 -7.08
CA PHE A 25 -26.64 -37.79 -7.72
C PHE A 25 -26.87 -37.70 -9.21
N ARG A 26 -27.06 -36.48 -9.66
CA ARG A 26 -27.18 -36.15 -11.07
C ARG A 26 -25.77 -35.97 -11.59
N THR A 27 -25.45 -36.58 -12.73
CA THR A 27 -24.13 -36.47 -13.36
C THR A 27 -24.30 -36.14 -14.85
N GLY A 28 -23.22 -35.73 -15.49
CA GLY A 28 -23.24 -35.44 -16.92
C GLY A 28 -23.66 -34.04 -17.28
N SER A 29 -24.09 -33.86 -18.53
CA SER A 29 -24.47 -32.56 -19.09
C SER A 29 -25.59 -31.84 -18.29
N PHE A 30 -25.54 -30.50 -18.32
CA PHE A 30 -26.57 -29.65 -17.71
C PHE A 30 -27.61 -29.21 -18.77
N ARG A 31 -27.43 -29.63 -20.06
CA ARG A 31 -28.31 -29.29 -21.21
C ARG A 31 -29.79 -29.32 -20.91
N ASN A 32 -30.26 -30.40 -20.24
CA ASN A 32 -31.70 -30.59 -19.99
C ASN A 32 -32.15 -30.24 -18.59
N ASP A 33 -31.29 -29.55 -17.83
CA ASP A 33 -31.59 -29.22 -16.44
C ASP A 33 -32.39 -27.92 -16.27
N GLY A 34 -32.65 -27.23 -17.37
CA GLY A 34 -33.41 -25.98 -17.38
C GLY A 34 -32.77 -24.92 -16.51
N LEU A 35 -31.43 -24.74 -16.61
CA LEU A 35 -30.71 -23.75 -15.82
C LEU A 35 -31.25 -22.36 -16.05
N LYS A 36 -31.40 -21.61 -14.98
CA LYS A 36 -31.86 -20.22 -14.98
C LYS A 36 -30.69 -19.36 -14.51
N ALA A 37 -30.78 -18.04 -14.71
CA ALA A 37 -29.76 -17.11 -14.25
C ALA A 37 -29.49 -17.27 -12.73
N SER A 38 -30.56 -17.55 -11.94
CA SER A 38 -30.44 -17.74 -10.48
C SER A 38 -29.53 -18.95 -10.14
N ASP A 39 -29.44 -19.94 -11.04
CA ASP A 39 -28.60 -21.12 -10.84
C ASP A 39 -27.12 -20.84 -11.06
N VAL A 40 -26.79 -19.74 -11.75
CA VAL A 40 -25.41 -19.43 -12.09
C VAL A 40 -25.06 -18.01 -11.67
N LEU A 41 -25.84 -17.44 -10.74
CA LEU A 41 -25.70 -16.05 -10.32
C LEU A 41 -24.27 -15.67 -9.84
N PRO A 42 -23.58 -16.41 -8.94
CA PRO A 42 -22.23 -15.96 -8.52
C PRO A 42 -21.24 -15.83 -9.69
N ILE A 43 -21.19 -16.84 -10.59
CA ILE A 43 -20.24 -16.75 -11.71
C ILE A 43 -20.71 -15.71 -12.78
N LEU A 44 -22.04 -15.50 -12.91
CA LEU A 44 -22.54 -14.44 -13.79
C LEU A 44 -22.01 -13.10 -13.32
N LYS A 45 -22.08 -12.84 -11.98
CA LYS A 45 -21.59 -11.60 -11.39
C LYS A 45 -20.09 -11.42 -11.61
N GLU A 46 -19.32 -12.53 -11.64
CA GLU A 46 -17.86 -12.48 -11.88
C GLU A 46 -17.52 -12.04 -13.33
N LYS A 47 -18.50 -12.13 -14.25
CA LYS A 47 -18.35 -11.73 -15.64
C LYS A 47 -17.16 -12.48 -16.31
N VAL A 48 -17.12 -13.81 -16.08
CA VAL A 48 -16.16 -14.71 -16.72
C VAL A 48 -16.49 -14.75 -18.24
N ALA A 49 -17.80 -14.75 -18.55
CA ALA A 49 -18.27 -14.73 -19.93
C ALA A 49 -19.62 -14.04 -20.00
N PHE A 50 -19.96 -13.52 -21.18
CA PHE A 50 -21.24 -12.84 -21.37
C PHE A 50 -21.72 -12.93 -22.81
N VAL A 51 -23.03 -12.77 -22.98
CA VAL A 51 -23.70 -12.75 -24.29
C VAL A 51 -24.28 -11.35 -24.38
N SER A 52 -23.57 -10.46 -25.07
CA SER A 52 -23.89 -9.04 -25.16
C SER A 52 -25.14 -8.73 -25.99
N GLY A 53 -25.54 -9.63 -26.89
CA GLY A 53 -26.61 -9.38 -27.85
C GLY A 53 -26.01 -9.00 -29.19
N GLY A 54 -24.69 -8.80 -29.21
CA GLY A 54 -23.98 -8.48 -30.45
C GLY A 54 -23.95 -9.68 -31.36
N ARG A 55 -23.97 -9.44 -32.68
CA ARG A 55 -23.97 -10.50 -33.67
C ARG A 55 -22.84 -10.33 -34.64
N ASP A 56 -22.27 -11.44 -35.11
CA ASP A 56 -21.19 -11.33 -36.09
C ASP A 56 -21.81 -10.96 -37.48
N LYS A 57 -20.96 -10.80 -38.50
CA LYS A 57 -21.39 -10.40 -39.85
C LYS A 57 -22.24 -11.47 -40.56
N ARG A 58 -22.23 -12.72 -40.06
CA ARG A 58 -23.03 -13.81 -40.61
C ARG A 58 -24.44 -13.83 -39.99
N GLY A 59 -24.65 -13.08 -38.91
CA GLY A 59 -25.90 -13.06 -38.15
C GLY A 59 -25.86 -14.01 -36.95
N GLY A 60 -24.69 -14.59 -36.67
CA GLY A 60 -24.49 -15.52 -35.57
C GLY A 60 -24.30 -14.81 -34.23
N PRO A 61 -24.60 -15.46 -33.09
CA PRO A 61 -24.46 -14.76 -31.79
C PRO A 61 -23.01 -14.72 -31.31
N ILE A 62 -22.67 -13.69 -30.52
CA ILE A 62 -21.33 -13.55 -29.98
C ILE A 62 -21.31 -13.90 -28.50
N LEU A 63 -20.37 -14.79 -28.13
CA LEU A 63 -20.10 -15.16 -26.74
C LEU A 63 -18.72 -14.60 -26.40
N THR A 64 -18.62 -13.74 -25.36
CA THR A 64 -17.35 -13.10 -25.03
C THR A 64 -16.78 -13.59 -23.69
N PHE A 65 -15.46 -13.88 -23.69
CA PHE A 65 -14.67 -14.15 -22.47
C PHE A 65 -13.72 -12.98 -22.32
N PRO A 66 -14.06 -11.96 -21.51
CA PRO A 66 -13.15 -10.80 -21.42
C PRO A 66 -11.90 -11.13 -20.59
N ALA A 67 -10.93 -10.22 -20.58
CA ALA A 67 -9.68 -10.42 -19.80
C ALA A 67 -10.05 -10.70 -18.34
N ARG A 68 -9.58 -11.83 -17.80
CA ARG A 68 -9.88 -12.23 -16.40
C ARG A 68 -9.55 -11.06 -15.45
N HIS A 71 -7.51 -13.21 -10.59
CA HIS A 71 -6.73 -14.44 -10.88
C HIS A 71 -7.21 -15.59 -9.98
N ASP A 72 -8.40 -15.43 -9.40
CA ASP A 72 -8.98 -16.48 -8.50
C ASP A 72 -9.44 -17.67 -9.33
N ARG A 73 -8.93 -18.87 -8.99
CA ARG A 73 -9.30 -20.11 -9.73
C ARG A 73 -10.81 -20.35 -9.61
N ILE A 74 -11.46 -20.72 -10.70
CA ILE A 74 -12.92 -20.97 -10.71
C ILE A 74 -13.15 -22.45 -10.69
N ARG A 75 -14.33 -22.87 -10.22
CA ARG A 75 -14.70 -24.30 -10.20
C ARG A 75 -15.14 -24.71 -11.61
N GLN A 76 -14.65 -25.85 -12.09
CA GLN A 76 -14.99 -26.36 -13.43
C GLN A 76 -16.50 -26.53 -13.60
N GLU A 77 -17.20 -27.06 -12.59
CA GLU A 77 -18.67 -27.23 -12.69
C GLU A 77 -19.38 -25.88 -12.85
N ASP A 78 -18.90 -24.82 -12.17
CA ASP A 78 -19.49 -23.48 -12.31
C ASP A 78 -19.32 -22.96 -13.74
N LEU A 79 -18.15 -23.20 -14.34
CA LEU A 79 -17.90 -22.78 -15.72
C LEU A 79 -18.79 -23.59 -16.70
N ARG A 80 -18.94 -24.92 -16.47
CA ARG A 80 -19.80 -25.74 -17.34
C ARG A 80 -21.25 -25.24 -17.28
N LYS A 81 -21.75 -24.93 -16.05
CA LYS A 81 -23.12 -24.40 -15.91
C LYS A 81 -23.25 -23.06 -16.61
N LEU A 82 -22.24 -22.17 -16.44
CA LEU A 82 -22.28 -20.84 -17.07
C LEU A 82 -22.41 -20.95 -18.61
N VAL A 83 -21.51 -21.71 -19.26
CA VAL A 83 -21.54 -21.80 -20.73
C VAL A 83 -22.83 -22.51 -21.21
N THR A 84 -23.37 -23.44 -20.42
CA THR A 84 -24.64 -24.12 -20.76
C THR A 84 -25.77 -23.09 -20.75
N TYR A 85 -25.82 -22.26 -19.69
CA TYR A 85 -26.85 -21.22 -19.57
C TYR A 85 -26.73 -20.20 -20.72
N LEU A 86 -25.51 -19.71 -20.96
CA LEU A 86 -25.31 -18.68 -22.00
C LEU A 86 -25.65 -19.14 -23.40
N ALA A 87 -25.52 -20.46 -23.66
CA ALA A 87 -25.86 -21.03 -24.99
C ALA A 87 -27.35 -20.85 -25.30
N SER A 88 -28.21 -20.82 -24.25
CA SER A 88 -29.66 -20.70 -24.35
C SER A 88 -30.15 -19.22 -24.46
N VAL A 89 -29.25 -18.24 -24.35
CA VAL A 89 -29.63 -16.82 -24.33
C VAL A 89 -30.13 -16.33 -25.71
N PRO A 90 -29.40 -16.51 -26.86
CA PRO A 90 -29.96 -16.03 -28.14
C PRO A 90 -31.13 -16.88 -28.58
N SER A 91 -31.91 -16.36 -29.55
CA SER A 91 -33.06 -17.09 -30.10
C SER A 91 -32.56 -18.32 -30.85
N GLU A 92 -33.42 -19.33 -31.00
CA GLU A 92 -33.12 -20.58 -31.69
C GLU A 92 -32.58 -20.32 -33.10
N ASP A 93 -33.23 -19.42 -33.89
CA ASP A 93 -32.83 -19.08 -35.25
C ASP A 93 -31.43 -18.46 -35.31
N VAL A 94 -31.09 -17.61 -34.33
CA VAL A 94 -29.77 -16.96 -34.27
C VAL A 94 -28.72 -18.04 -33.92
N CYS A 95 -29.02 -18.90 -32.90
CA CYS A 95 -28.15 -19.98 -32.44
CA CYS A 95 -28.12 -19.98 -32.45
C CYS A 95 -27.81 -20.97 -33.58
N LYS A 96 -28.77 -21.22 -34.49
CA LYS A 96 -28.64 -22.14 -35.62
C LYS A 96 -27.43 -21.79 -36.51
N ARG A 97 -27.05 -20.51 -36.55
CA ARG A 97 -25.90 -20.07 -37.34
C ARG A 97 -24.55 -20.40 -36.64
N GLY A 98 -24.60 -20.84 -35.37
CA GLY A 98 -23.40 -21.13 -34.58
C GLY A 98 -22.81 -19.87 -33.99
N PHE A 99 -22.13 -20.00 -32.84
CA PHE A 99 -21.57 -18.86 -32.14
C PHE A 99 -20.20 -18.43 -32.63
N THR A 100 -19.93 -17.12 -32.55
CA THR A 100 -18.59 -16.57 -32.68
C THR A 100 -18.18 -16.37 -31.23
N VAL A 101 -17.12 -17.05 -30.81
CA VAL A 101 -16.63 -16.91 -29.44
C VAL A 101 -15.42 -15.97 -29.49
N ILE A 102 -15.40 -14.93 -28.66
CA ILE A 102 -14.29 -14.00 -28.60
C ILE A 102 -13.63 -14.16 -27.25
N ILE A 103 -12.36 -14.54 -27.25
CA ILE A 103 -11.62 -14.72 -26.00
C ILE A 103 -10.48 -13.71 -26.00
N ASP A 104 -10.45 -12.79 -25.02
CA ASP A 104 -9.38 -11.80 -24.91
C ASP A 104 -8.22 -12.38 -24.10
N MET A 105 -7.11 -12.69 -24.78
CA MET A 105 -5.88 -13.27 -24.20
C MET A 105 -4.83 -12.14 -23.94
N ARG A 106 -5.15 -10.86 -24.23
CA ARG A 106 -4.21 -9.75 -23.96
C ARG A 106 -3.96 -9.68 -22.45
N GLY A 107 -2.69 -9.78 -22.06
CA GLY A 107 -2.29 -9.79 -20.65
C GLY A 107 -2.51 -11.14 -19.98
N SER A 108 -2.75 -12.18 -20.81
CA SER A 108 -2.94 -13.55 -20.35
C SER A 108 -1.99 -14.48 -21.10
N LYS A 109 -2.10 -15.80 -20.84
CA LYS A 109 -1.26 -16.85 -21.42
C LYS A 109 -2.09 -18.00 -21.93
N TRP A 110 -1.53 -18.79 -22.86
CA TRP A 110 -2.19 -19.95 -23.47
C TRP A 110 -2.70 -20.95 -22.42
N ASP A 111 -1.94 -21.20 -21.35
CA ASP A 111 -2.30 -22.12 -20.26
C ASP A 111 -3.57 -21.68 -19.51
N LEU A 112 -3.95 -20.40 -19.59
CA LEU A 112 -5.17 -19.88 -18.97
C LEU A 112 -6.32 -19.77 -19.99
N ILE A 113 -6.05 -20.05 -21.28
CA ILE A 113 -7.06 -19.95 -22.34
C ILE A 113 -7.51 -21.34 -22.77
N LYS A 114 -6.56 -22.27 -22.92
CA LYS A 114 -6.80 -23.64 -23.33
C LYS A 114 -7.92 -24.29 -22.47
N PRO A 115 -7.97 -24.12 -21.12
CA PRO A 115 -9.06 -24.74 -20.34
C PRO A 115 -10.44 -24.18 -20.69
N LEU A 116 -10.55 -22.91 -21.13
CA LEU A 116 -11.84 -22.33 -21.55
C LEU A 116 -12.29 -23.02 -22.84
N LEU A 117 -11.37 -23.25 -23.78
CA LEU A 117 -11.68 -23.90 -25.05
C LEU A 117 -12.06 -25.36 -24.81
N LYS A 118 -11.33 -26.06 -23.92
CA LYS A 118 -11.62 -27.45 -23.57
C LYS A 118 -13.00 -27.58 -22.94
N THR A 119 -13.37 -26.65 -22.03
CA THR A 119 -14.68 -26.67 -21.36
C THR A 119 -15.78 -26.39 -22.38
N LEU A 120 -15.56 -25.44 -23.32
CA LEU A 120 -16.53 -25.17 -24.37
C LEU A 120 -16.74 -26.40 -25.22
N GLN A 121 -15.64 -27.06 -25.62
CA GLN A 121 -15.72 -28.27 -26.44
C GLN A 121 -16.53 -29.38 -25.73
N GLU A 122 -16.31 -29.56 -24.43
CA GLU A 122 -16.95 -30.62 -23.66
C GLU A 122 -18.37 -30.31 -23.24
N ALA A 123 -18.67 -29.05 -22.87
CA ALA A 123 -19.94 -28.70 -22.24
C ALA A 123 -20.86 -27.78 -23.04
N PHE A 124 -20.35 -26.94 -23.96
CA PHE A 124 -21.20 -25.99 -24.70
C PHE A 124 -22.24 -26.75 -25.58
N PRO A 125 -23.55 -26.59 -25.31
CA PRO A 125 -24.56 -27.39 -26.05
C PRO A 125 -24.94 -26.85 -27.44
N ALA A 126 -24.30 -25.78 -27.93
CA ALA A 126 -24.61 -25.25 -29.25
C ALA A 126 -23.36 -25.36 -30.13
N GLU A 127 -23.48 -25.01 -31.41
CA GLU A 127 -22.33 -25.05 -32.28
C GLU A 127 -21.51 -23.79 -32.13
N ILE A 128 -20.19 -23.94 -32.14
CA ILE A 128 -19.24 -22.83 -32.17
C ILE A 128 -18.76 -22.76 -33.63
N HIS A 129 -19.08 -21.66 -34.33
CA HIS A 129 -18.64 -21.43 -35.70
C HIS A 129 -17.15 -21.17 -35.69
N VAL A 130 -16.67 -20.31 -34.79
CA VAL A 130 -15.25 -19.97 -34.67
C VAL A 130 -14.98 -19.36 -33.31
N ALA A 131 -13.79 -19.64 -32.76
CA ALA A 131 -13.28 -19.03 -31.53
C ALA A 131 -12.14 -18.11 -31.96
N LEU A 132 -12.32 -16.81 -31.71
CA LEU A 132 -11.38 -15.76 -32.06
C LEU A 132 -10.63 -15.36 -30.82
N ILE A 133 -9.33 -15.64 -30.80
CA ILE A 133 -8.51 -15.36 -29.63
C ILE A 133 -7.68 -14.09 -29.90
N ILE A 134 -7.90 -13.03 -29.08
CA ILE A 134 -7.18 -11.76 -29.18
C ILE A 134 -5.79 -12.01 -28.66
N LYS A 135 -4.79 -12.01 -29.57
CA LYS A 135 -3.38 -12.29 -29.27
C LYS A 135 -2.80 -11.35 -28.20
N PRO A 136 -1.95 -11.84 -27.27
CA PRO A 136 -1.30 -10.92 -26.33
C PRO A 136 -0.12 -10.24 -27.01
N SER A 149 -2.41 -24.91 -30.61
CA SER A 149 -3.22 -23.87 -31.31
C SER A 149 -4.61 -24.37 -31.74
N SER A 150 -4.68 -25.28 -32.72
CA SER A 150 -5.99 -25.68 -33.29
C SER A 150 -6.35 -27.16 -33.10
N LYS A 151 -6.44 -27.65 -31.87
CA LYS A 151 -6.80 -29.07 -31.65
C LYS A 151 -8.22 -29.18 -31.10
N PHE A 152 -9.16 -28.35 -31.54
CA PHE A 152 -10.55 -28.41 -31.02
C PHE A 152 -11.54 -28.77 -32.11
N ILE A 153 -12.75 -29.21 -31.74
CA ILE A 153 -13.82 -29.61 -32.68
C ILE A 153 -14.30 -28.42 -33.53
N PHE A 154 -14.03 -27.19 -33.08
CA PHE A 154 -14.38 -25.95 -33.76
C PHE A 154 -13.11 -25.21 -34.24
N GLU A 155 -13.24 -24.35 -35.27
CA GLU A 155 -12.15 -23.55 -35.80
C GLU A 155 -11.72 -22.52 -34.75
N THR A 156 -10.41 -22.29 -34.64
CA THR A 156 -9.85 -21.29 -33.75
C THR A 156 -8.94 -20.38 -34.58
N SER A 157 -8.93 -19.08 -34.29
CA SER A 157 -8.09 -18.15 -35.03
C SER A 157 -7.49 -17.11 -34.08
N MET A 158 -6.14 -16.97 -34.10
CA MET A 158 -5.39 -15.97 -33.32
C MET A 158 -5.49 -14.69 -34.10
N VAL A 159 -6.12 -13.68 -33.50
CA VAL A 159 -6.40 -12.42 -34.18
C VAL A 159 -5.98 -11.18 -33.34
N SER A 160 -5.78 -10.03 -34.00
CA SER A 160 -5.52 -8.78 -33.30
C SER A 160 -6.90 -8.17 -32.99
N VAL A 161 -6.96 -7.14 -32.12
CA VAL A 161 -8.22 -6.49 -31.77
C VAL A 161 -8.83 -5.81 -33.03
N GLU A 162 -8.00 -5.47 -34.04
CA GLU A 162 -8.39 -4.88 -35.31
C GLU A 162 -8.87 -5.96 -36.30
N GLY A 163 -8.22 -7.12 -36.26
CA GLY A 163 -8.59 -8.27 -37.09
C GLY A 163 -9.99 -8.81 -36.76
N LEU A 164 -10.53 -8.45 -35.56
CA LEU A 164 -11.90 -8.80 -35.14
C LEU A 164 -12.92 -8.17 -36.04
N THR A 165 -12.65 -6.91 -36.45
CA THR A 165 -13.51 -6.08 -37.27
C THR A 165 -13.73 -6.69 -38.67
N LYS A 166 -12.90 -7.66 -39.08
CA LYS A 166 -13.10 -8.33 -40.37
C LYS A 166 -14.30 -9.29 -40.30
N LEU A 167 -14.56 -9.85 -39.10
CA LEU A 167 -15.64 -10.81 -38.88
C LEU A 167 -16.80 -10.23 -38.09
N VAL A 168 -16.56 -9.15 -37.33
CA VAL A 168 -17.60 -8.54 -36.52
C VAL A 168 -17.57 -7.02 -36.72
N ASP A 169 -18.72 -6.41 -37.06
CA ASP A 169 -18.83 -4.98 -37.21
C ASP A 169 -18.56 -4.30 -35.83
N PRO A 170 -17.83 -3.15 -35.77
CA PRO A 170 -17.54 -2.52 -34.45
C PRO A 170 -18.79 -2.14 -33.65
N SER A 171 -19.95 -1.94 -34.31
CA SER A 171 -21.22 -1.62 -33.63
C SER A 171 -21.74 -2.83 -32.84
N GLN A 172 -21.19 -4.04 -33.10
CA GLN A 172 -21.59 -5.30 -32.46
C GLN A 172 -20.55 -5.77 -31.44
N LEU A 173 -19.46 -5.01 -31.29
CA LEU A 173 -18.40 -5.30 -30.33
C LEU A 173 -18.54 -4.39 -29.13
N THR A 174 -18.24 -4.91 -27.94
CA THR A 174 -18.32 -4.14 -26.71
C THR A 174 -17.03 -3.30 -26.58
N GLU A 175 -17.02 -2.39 -25.57
CA GLU A 175 -15.98 -1.42 -25.22
C GLU A 175 -14.56 -1.98 -25.20
N GLU A 176 -14.37 -3.20 -24.63
CA GLU A 176 -13.07 -3.89 -24.50
C GLU A 176 -12.36 -4.10 -25.84
N PHE A 177 -13.14 -4.20 -26.94
CA PHE A 177 -12.59 -4.44 -28.27
C PHE A 177 -12.73 -3.23 -29.19
N ASP A 178 -12.74 -2.03 -28.59
CA ASP A 178 -12.86 -0.73 -29.26
C ASP A 178 -14.16 -0.64 -30.08
N GLY A 179 -15.19 -1.35 -29.63
CA GLY A 179 -16.50 -1.36 -30.27
C GLY A 179 -17.46 -0.36 -29.66
N SER A 180 -18.63 -0.17 -30.29
CA SER A 180 -19.61 0.80 -29.81
C SER A 180 -20.91 0.16 -29.31
N LEU A 181 -20.92 -1.18 -29.11
CA LEU A 181 -22.13 -1.83 -28.59
C LEU A 181 -22.26 -1.55 -27.10
N ASP A 182 -23.39 -0.95 -26.70
CA ASP A 182 -23.67 -0.71 -25.29
C ASP A 182 -24.10 -2.03 -24.66
N TYR A 183 -23.49 -2.38 -23.54
CA TYR A 183 -23.81 -3.60 -22.80
C TYR A 183 -23.50 -3.38 -21.34
N ASN A 184 -24.54 -3.46 -20.51
CA ASN A 184 -24.45 -3.29 -19.07
C ASN A 184 -24.73 -4.65 -18.47
N HIS A 185 -23.66 -5.35 -18.07
CA HIS A 185 -23.74 -6.73 -17.57
C HIS A 185 -24.62 -6.84 -16.30
N GLU A 186 -24.49 -5.92 -15.35
CA GLU A 186 -25.31 -5.95 -14.12
C GLU A 186 -26.81 -5.81 -14.45
N GLU A 187 -27.16 -4.90 -15.37
CA GLU A 187 -28.56 -4.72 -15.80
C GLU A 187 -29.06 -5.98 -16.50
N TRP A 188 -28.22 -6.59 -17.35
CA TRP A 188 -28.56 -7.82 -18.07
C TRP A 188 -28.89 -8.94 -17.08
N ILE A 189 -28.06 -9.12 -16.02
CA ILE A 189 -28.30 -10.13 -15.00
C ILE A 189 -29.71 -9.91 -14.35
N GLU A 190 -30.05 -8.65 -13.97
CA GLU A 190 -31.32 -8.30 -13.30
C GLU A 190 -32.52 -8.61 -14.21
N LEU A 191 -32.39 -8.32 -15.51
CA LEU A 191 -33.46 -8.63 -16.47
C LEU A 191 -33.61 -10.17 -16.63
N ARG A 192 -32.49 -10.93 -16.63
CA ARG A 192 -32.54 -12.40 -16.75
C ARG A 192 -33.17 -13.02 -15.51
N LEU A 193 -32.90 -12.47 -14.32
CA LEU A 193 -33.50 -12.94 -13.07
C LEU A 193 -35.02 -12.71 -13.03
N SER A 194 -35.53 -11.76 -13.84
CA SER A 194 -36.96 -11.44 -13.92
C SER A 194 -37.74 -12.38 -14.87
N LEU A 195 -37.03 -13.25 -15.63
CA LEU A 195 -37.62 -14.20 -16.59
C LEU A 195 -38.45 -15.30 -15.88
N ASP B 22 -48.95 13.53 9.09
CA ASP B 22 -49.31 13.41 10.53
C ASP B 22 -50.14 12.13 10.72
N ALA B 23 -51.26 12.02 10.02
CA ALA B 23 -52.15 10.84 10.12
C ALA B 23 -51.55 9.67 9.33
N PHE B 24 -50.42 9.91 8.65
CA PHE B 24 -49.76 8.89 7.87
C PHE B 24 -48.36 8.59 8.37
N PHE B 25 -47.58 9.63 8.72
CA PHE B 25 -46.20 9.47 9.14
C PHE B 25 -46.02 9.43 10.65
N ARG B 26 -45.13 8.54 11.06
CA ARG B 26 -44.70 8.42 12.44
C ARG B 26 -43.55 9.38 12.60
N THR B 27 -43.55 10.19 13.67
CA THR B 27 -42.47 11.13 13.95
C THR B 27 -42.04 11.00 15.42
N GLY B 28 -40.92 11.62 15.76
CA GLY B 28 -40.42 11.67 17.12
C GLY B 28 -39.57 10.49 17.52
N SER B 29 -39.50 10.25 18.84
CA SER B 29 -38.69 9.21 19.47
C SER B 29 -38.99 7.78 18.92
N PHE B 30 -37.96 6.95 18.88
CA PHE B 30 -38.03 5.53 18.50
C PHE B 30 -38.20 4.64 19.75
N ARG B 31 -38.22 5.26 20.98
CA ARG B 31 -38.27 4.55 22.26
C ARG B 31 -39.37 3.49 22.35
N ASN B 32 -40.56 3.76 21.80
CA ASN B 32 -41.67 2.80 21.91
C ASN B 32 -41.91 1.99 20.66
N ASP B 33 -40.99 2.06 19.68
CA ASP B 33 -41.18 1.37 18.40
C ASP B 33 -40.77 -0.11 18.39
N GLY B 34 -40.16 -0.59 19.47
CA GLY B 34 -39.71 -1.97 19.60
C GLY B 34 -38.72 -2.36 18.51
N LEU B 35 -37.69 -1.50 18.31
CA LEU B 35 -36.68 -1.76 17.30
C LEU B 35 -35.97 -3.08 17.55
N LYS B 36 -35.72 -3.82 16.47
CA LYS B 36 -35.01 -5.09 16.50
C LYS B 36 -33.70 -4.89 15.77
N ALA B 37 -32.75 -5.84 15.93
CA ALA B 37 -31.45 -5.77 15.24
C ALA B 37 -31.65 -5.61 13.71
N SER B 38 -32.68 -6.29 13.14
CA SER B 38 -32.98 -6.21 11.70
C SER B 38 -33.33 -4.77 11.26
N ASP B 39 -33.86 -3.93 12.19
CA ASP B 39 -34.22 -2.54 11.88
C ASP B 39 -33.00 -1.62 11.81
N VAL B 40 -31.87 -2.06 12.38
CA VAL B 40 -30.67 -1.22 12.41
C VAL B 40 -29.47 -1.96 11.85
N LEU B 41 -29.74 -3.00 11.03
CA LEU B 41 -28.69 -3.88 10.52
C LEU B 41 -27.55 -3.14 9.76
N PRO B 42 -27.80 -2.24 8.78
CA PRO B 42 -26.65 -1.62 8.09
C PRO B 42 -25.71 -0.86 9.03
N ILE B 43 -26.23 -0.06 9.95
CA ILE B 43 -25.37 0.71 10.87
C ILE B 43 -24.75 -0.23 11.95
N LEU B 44 -25.43 -1.33 12.32
CA LEU B 44 -24.84 -2.32 13.23
C LEU B 44 -23.61 -2.92 12.59
N LYS B 45 -23.69 -3.30 11.30
CA LYS B 45 -22.56 -3.85 10.56
C LYS B 45 -21.39 -2.87 10.47
N GLU B 46 -21.68 -1.54 10.38
CA GLU B 46 -20.64 -0.50 10.34
C GLU B 46 -19.87 -0.41 11.67
N LYS B 47 -20.45 -0.96 12.76
CA LYS B 47 -19.84 -0.98 14.09
C LYS B 47 -19.53 0.47 14.56
N VAL B 48 -20.48 1.38 14.34
CA VAL B 48 -20.44 2.78 14.84
C VAL B 48 -20.47 2.70 16.38
N ALA B 49 -21.27 1.79 16.92
CA ALA B 49 -21.35 1.58 18.36
C ALA B 49 -21.72 0.14 18.67
N PHE B 50 -21.36 -0.34 19.87
CA PHE B 50 -21.68 -1.72 20.28
C PHE B 50 -21.83 -1.81 21.78
N VAL B 51 -22.56 -2.85 22.22
CA VAL B 51 -22.74 -3.19 23.64
C VAL B 51 -22.08 -4.56 23.79
N SER B 52 -20.85 -4.57 24.32
CA SER B 52 -20.02 -5.77 24.44
C SER B 52 -20.47 -6.78 25.48
N GLY B 53 -21.25 -6.33 26.46
CA GLY B 53 -21.63 -7.16 27.61
C GLY B 53 -20.73 -6.83 28.80
N GLY B 54 -19.71 -6.00 28.55
CA GLY B 54 -18.81 -5.55 29.60
C GLY B 54 -19.52 -4.57 30.51
N ARG B 55 -19.15 -4.57 31.79
CA ARG B 55 -19.78 -3.71 32.79
C ARG B 55 -18.76 -2.84 33.50
N ASP B 56 -19.15 -1.60 33.89
CA ASP B 56 -18.24 -0.72 34.66
C ASP B 56 -18.10 -1.28 36.11
N LYS B 57 -17.24 -0.64 36.94
CA LYS B 57 -16.98 -1.08 38.33
C LYS B 57 -18.23 -0.96 39.22
N ARG B 58 -19.24 -0.19 38.81
CA ARG B 58 -20.49 -0.05 39.55
C ARG B 58 -21.52 -1.12 39.14
N GLY B 59 -21.24 -1.85 38.06
CA GLY B 59 -22.14 -2.86 37.51
C GLY B 59 -23.01 -2.31 36.39
N GLY B 60 -22.75 -1.08 35.98
CA GLY B 60 -23.50 -0.45 34.89
C GLY B 60 -23.08 -0.99 33.52
N PRO B 61 -23.93 -0.94 32.48
CA PRO B 61 -23.52 -1.46 31.17
C PRO B 61 -22.61 -0.50 30.42
N ILE B 62 -21.72 -1.03 29.57
CA ILE B 62 -20.82 -0.22 28.76
C ILE B 62 -21.33 -0.14 27.31
N LEU B 63 -21.42 1.08 26.79
CA LEU B 63 -21.74 1.37 25.40
C LEU B 63 -20.49 1.95 24.77
N THR B 64 -19.97 1.31 23.71
CA THR B 64 -18.71 1.76 23.10
C THR B 64 -18.91 2.32 21.70
N PHE B 65 -18.25 3.47 21.42
CA PHE B 65 -18.15 4.08 20.10
C PHE B 65 -16.68 3.97 19.71
N PRO B 66 -16.27 2.90 18.97
CA PRO B 66 -14.86 2.77 18.64
C PRO B 66 -14.42 3.75 17.57
N ALA B 67 -13.10 3.83 17.33
CA ALA B 67 -12.56 4.62 16.23
C ALA B 67 -12.94 3.91 14.93
N ARG B 68 -13.34 4.62 13.89
CA ARG B 68 -13.67 3.90 12.65
C ARG B 68 -12.81 4.32 11.46
N SER B 69 -12.49 3.35 10.59
CA SER B 69 -11.69 3.58 9.37
C SER B 69 -12.53 4.27 8.31
N ASN B 70 -13.84 3.93 8.23
CA ASN B 70 -14.80 4.52 7.30
C ASN B 70 -15.18 5.92 7.80
N HIS B 71 -14.72 6.97 7.09
CA HIS B 71 -15.00 8.35 7.46
C HIS B 71 -16.23 8.94 6.70
N ASP B 72 -17.05 8.04 6.09
CA ASP B 72 -18.31 8.39 5.44
C ASP B 72 -19.28 8.94 6.47
N ARG B 73 -20.03 9.99 6.12
CA ARG B 73 -20.98 10.59 7.04
C ARG B 73 -22.19 9.65 7.22
N ILE B 74 -22.81 9.70 8.39
CA ILE B 74 -23.95 8.85 8.71
C ILE B 74 -25.21 9.70 8.77
N ARG B 75 -26.37 9.06 8.62
CA ARG B 75 -27.68 9.71 8.70
C ARG B 75 -28.03 9.80 10.17
N GLN B 76 -28.48 10.98 10.63
CA GLN B 76 -28.85 11.20 12.04
C GLN B 76 -29.95 10.23 12.50
N GLU B 77 -30.96 9.98 11.65
CA GLU B 77 -32.03 9.03 12.01
C GLU B 77 -31.46 7.61 12.26
N ASP B 78 -30.46 7.17 11.47
CA ASP B 78 -29.84 5.85 11.63
C ASP B 78 -29.12 5.77 12.96
N LEU B 79 -28.42 6.85 13.35
CA LEU B 79 -27.73 6.91 14.64
C LEU B 79 -28.75 6.91 15.79
N ARG B 80 -29.86 7.64 15.65
CA ARG B 80 -30.91 7.68 16.69
C ARG B 80 -31.50 6.28 16.90
N LYS B 81 -31.79 5.57 15.80
CA LYS B 81 -32.31 4.20 15.89
C LYS B 81 -31.28 3.28 16.52
N LEU B 82 -30.00 3.39 16.12
CA LEU B 82 -28.94 2.55 16.67
C LEU B 82 -28.83 2.67 18.19
N VAL B 83 -28.73 3.91 18.69
CA VAL B 83 -28.55 4.11 20.16
C VAL B 83 -29.82 3.70 20.90
N THR B 84 -31.01 3.85 20.27
CA THR B 84 -32.27 3.41 20.88
C THR B 84 -32.26 1.88 21.02
N TYR B 85 -31.85 1.17 19.95
CA TYR B 85 -31.76 -0.29 19.99
C TYR B 85 -30.74 -0.75 21.04
N LEU B 86 -29.53 -0.17 21.04
CA LEU B 86 -28.47 -0.61 21.94
C LEU B 86 -28.83 -0.39 23.42
N ALA B 87 -29.64 0.64 23.71
CA ALA B 87 -30.09 0.91 25.08
C ALA B 87 -30.93 -0.25 25.65
N SER B 88 -31.60 -1.03 24.77
CA SER B 88 -32.47 -2.17 25.13
C SER B 88 -31.72 -3.49 25.28
N VAL B 89 -30.41 -3.53 24.96
CA VAL B 89 -29.63 -4.78 24.97
C VAL B 89 -29.41 -5.29 26.44
N PRO B 90 -28.89 -4.52 27.42
CA PRO B 90 -28.73 -5.07 28.77
C PRO B 90 -30.08 -5.26 29.47
N SER B 91 -30.08 -6.02 30.57
CA SER B 91 -31.30 -6.28 31.35
C SER B 91 -31.77 -4.99 32.02
N GLU B 92 -33.04 -4.92 32.40
CA GLU B 92 -33.65 -3.78 33.08
C GLU B 92 -32.83 -3.33 34.30
N ASP B 93 -32.47 -4.30 35.18
CA ASP B 93 -31.71 -4.05 36.41
C ASP B 93 -30.34 -3.48 36.12
N VAL B 94 -29.68 -3.97 35.06
CA VAL B 94 -28.34 -3.48 34.70
C VAL B 94 -28.48 -2.03 34.15
N CYS B 95 -29.46 -1.78 33.27
CA CYS B 95 -29.73 -0.48 32.67
CA CYS B 95 -29.73 -0.47 32.67
C CYS B 95 -30.02 0.59 33.72
N LYS B 96 -30.72 0.21 34.82
CA LYS B 96 -31.08 1.11 35.91
C LYS B 96 -29.86 1.79 36.58
N ARG B 97 -28.70 1.15 36.50
CA ARG B 97 -27.46 1.68 37.07
C ARG B 97 -26.88 2.82 36.22
N GLY B 98 -27.37 2.99 35.00
CA GLY B 98 -26.85 4.01 34.10
C GLY B 98 -25.67 3.50 33.31
N PHE B 99 -25.59 3.88 32.04
CA PHE B 99 -24.52 3.44 31.17
C PHE B 99 -23.24 4.19 31.39
N THR B 100 -22.12 3.51 31.16
CA THR B 100 -20.82 4.12 31.00
C THR B 100 -20.62 4.12 29.48
N VAL B 101 -20.51 5.30 28.88
CA VAL B 101 -20.32 5.41 27.43
C VAL B 101 -18.85 5.66 27.19
N ILE B 102 -18.20 4.87 26.31
CA ILE B 102 -16.80 5.07 25.99
C ILE B 102 -16.71 5.47 24.52
N ILE B 103 -16.15 6.67 24.24
CA ILE B 103 -16.00 7.14 22.87
C ILE B 103 -14.51 7.34 22.58
N ASP B 104 -13.98 6.61 21.58
CA ASP B 104 -12.57 6.72 21.22
C ASP B 104 -12.36 7.92 20.31
N MET B 105 -11.62 8.92 20.79
CA MET B 105 -11.31 10.11 20.00
C MET B 105 -9.90 10.01 19.35
N ARG B 106 -9.15 8.92 19.63
CA ARG B 106 -7.81 8.73 19.01
C ARG B 106 -7.98 8.58 17.49
N GLY B 107 -7.28 9.41 16.73
CA GLY B 107 -7.40 9.42 15.28
C GLY B 107 -8.57 10.26 14.80
N SER B 108 -9.24 10.97 15.72
CA SER B 108 -10.38 11.83 15.43
C SER B 108 -10.18 13.20 16.12
N LYS B 109 -11.23 14.04 16.18
CA LYS B 109 -11.23 15.39 16.78
C LYS B 109 -12.49 15.60 17.58
N TRP B 110 -12.46 16.52 18.57
CA TRP B 110 -13.59 16.84 19.43
C TRP B 110 -14.85 17.26 18.64
N ASP B 111 -14.69 18.02 17.53
CA ASP B 111 -15.82 18.46 16.69
C ASP B 111 -16.54 17.28 16.01
N LEU B 112 -15.90 16.09 15.93
CA LEU B 112 -16.51 14.88 15.36
C LEU B 112 -17.04 13.95 16.46
N ILE B 113 -16.84 14.32 17.74
CA ILE B 113 -17.30 13.52 18.88
C ILE B 113 -18.54 14.17 19.51
N LYS B 114 -18.51 15.50 19.66
CA LYS B 114 -19.62 16.29 20.24
C LYS B 114 -20.98 15.92 19.58
N PRO B 115 -21.11 15.74 18.22
CA PRO B 115 -22.44 15.36 17.67
C PRO B 115 -22.93 13.99 18.15
N LEU B 116 -22.00 13.05 18.47
CA LEU B 116 -22.40 11.75 19.01
C LEU B 116 -23.04 11.93 20.40
N LEU B 117 -22.41 12.75 21.26
CA LEU B 117 -22.89 13.06 22.61
C LEU B 117 -24.23 13.81 22.56
N LYS B 118 -24.37 14.77 21.61
CA LYS B 118 -25.62 15.53 21.45
C LYS B 118 -26.77 14.59 21.06
N THR B 119 -26.51 13.63 20.15
CA THR B 119 -27.52 12.64 19.73
C THR B 119 -27.88 11.72 20.89
N LEU B 120 -26.88 11.31 21.67
CA LEU B 120 -27.16 10.48 22.84
C LEU B 120 -28.04 11.24 23.84
N GLN B 121 -27.70 12.51 24.12
CA GLN B 121 -28.48 13.33 25.04
C GLN B 121 -29.95 13.44 24.59
N GLU B 122 -30.17 13.65 23.29
CA GLU B 122 -31.49 13.84 22.73
C GLU B 122 -32.29 12.51 22.57
N ALA B 123 -31.63 11.44 22.11
CA ALA B 123 -32.30 10.21 21.71
C ALA B 123 -32.11 8.97 22.61
N PHE B 124 -31.00 8.86 23.36
CA PHE B 124 -30.75 7.66 24.17
C PHE B 124 -31.83 7.50 25.26
N PRO B 125 -32.62 6.40 25.22
CA PRO B 125 -33.73 6.27 26.19
C PRO B 125 -33.35 5.69 27.54
N ALA B 126 -32.08 5.62 27.87
CA ALA B 126 -31.63 5.13 29.17
C ALA B 126 -30.79 6.20 29.84
N GLU B 127 -30.50 6.04 31.15
CA GLU B 127 -29.63 7.00 31.84
C GLU B 127 -28.15 6.76 31.45
N ILE B 128 -27.41 7.84 31.26
CA ILE B 128 -25.97 7.79 31.04
C ILE B 128 -25.33 8.26 32.34
N HIS B 129 -24.60 7.37 32.99
CA HIS B 129 -23.91 7.71 34.22
C HIS B 129 -22.72 8.62 33.94
N VAL B 130 -21.94 8.28 32.89
CA VAL B 130 -20.78 9.06 32.48
C VAL B 130 -20.41 8.71 31.04
N ALA B 131 -19.93 9.71 30.29
CA ALA B 131 -19.39 9.52 28.95
C ALA B 131 -17.90 9.80 29.05
N LEU B 132 -17.09 8.80 28.71
CA LEU B 132 -15.64 8.84 28.77
C LEU B 132 -15.08 8.99 27.37
N ILE B 133 -14.35 10.08 27.12
CA ILE B 133 -13.76 10.40 25.80
C ILE B 133 -12.27 10.14 25.85
N ILE B 134 -11.76 9.22 24.99
CA ILE B 134 -10.36 8.79 24.99
C ILE B 134 -9.48 9.75 24.19
N LYS B 135 -8.58 10.44 24.91
CA LYS B 135 -7.52 11.36 24.46
C LYS B 135 -6.43 10.62 23.67
N PRO B 136 -5.77 11.26 22.65
CA PRO B 136 -4.71 10.53 21.91
C PRO B 136 -3.40 10.32 22.67
N ASP B 137 -3.02 11.31 23.49
CA ASP B 137 -1.79 11.29 24.26
C ASP B 137 -1.96 12.17 25.50
N ASN B 138 -1.00 12.10 26.42
CA ASN B 138 -1.11 12.83 27.67
C ASN B 138 -0.85 14.33 27.54
N PHE B 139 -0.34 14.83 26.39
CA PHE B 139 -0.11 16.27 26.25
C PHE B 139 -1.27 16.97 25.55
N TRP B 140 -2.19 16.21 24.98
CA TRP B 140 -3.39 16.78 24.36
C TRP B 140 -4.13 17.63 25.42
N GLN B 141 -4.42 18.91 25.13
CA GLN B 141 -5.10 19.74 26.13
C GLN B 141 -6.53 20.09 25.71
N LYS B 142 -7.50 19.85 26.63
CA LYS B 142 -8.92 20.16 26.38
C LYS B 142 -9.16 21.68 26.32
N GLN B 143 -8.29 22.49 26.99
CA GLN B 143 -8.40 23.96 27.01
C GLN B 143 -8.33 24.59 25.59
N LYS B 144 -7.74 23.88 24.60
CA LYS B 144 -7.64 24.38 23.21
C LYS B 144 -8.89 24.00 22.38
N THR B 145 -9.90 23.44 23.04
CA THR B 145 -11.19 23.06 22.45
C THR B 145 -12.33 23.67 23.30
N ASN B 146 -13.59 23.57 22.82
CA ASN B 146 -14.77 24.03 23.55
C ASN B 146 -15.36 22.90 24.42
N PHE B 147 -14.56 21.82 24.66
CA PHE B 147 -14.99 20.67 25.46
C PHE B 147 -15.47 21.08 26.87
N GLY B 148 -14.66 21.89 27.56
CA GLY B 148 -14.91 22.36 28.91
C GLY B 148 -16.21 23.12 29.13
N SER B 149 -16.70 23.80 28.06
CA SER B 149 -17.91 24.62 28.05
C SER B 149 -19.12 23.87 27.46
N SER B 150 -18.88 22.74 26.77
CA SER B 150 -19.92 21.92 26.14
C SER B 150 -20.70 21.22 27.20
N LYS B 151 -21.95 21.68 27.41
CA LYS B 151 -22.81 21.21 28.48
C LYS B 151 -23.66 20.01 28.08
N PHE B 152 -23.69 19.00 28.94
CA PHE B 152 -24.54 17.84 28.74
C PHE B 152 -25.24 17.51 30.05
N ILE B 153 -26.39 16.81 29.94
CA ILE B 153 -27.20 16.41 31.11
C ILE B 153 -26.41 15.38 31.94
N PHE B 154 -25.47 14.66 31.30
CA PHE B 154 -24.64 13.65 31.94
C PHE B 154 -23.19 14.13 32.05
N GLU B 155 -22.44 13.58 33.02
CA GLU B 155 -21.01 13.87 33.20
C GLU B 155 -20.24 13.39 31.96
N THR B 156 -19.32 14.24 31.43
CA THR B 156 -18.44 13.94 30.30
C THR B 156 -17.01 14.17 30.75
N SER B 157 -16.14 13.19 30.52
CA SER B 157 -14.75 13.29 30.97
C SER B 157 -13.80 12.88 29.88
N MET B 158 -12.80 13.72 29.66
CA MET B 158 -11.70 13.49 28.72
C MET B 158 -10.64 12.73 29.50
N VAL B 159 -10.36 11.48 29.09
CA VAL B 159 -9.44 10.62 29.84
C VAL B 159 -8.40 9.99 28.90
N SER B 160 -7.31 9.47 29.46
CA SER B 160 -6.38 8.67 28.67
C SER B 160 -6.91 7.23 28.66
N VAL B 161 -6.36 6.37 27.80
CA VAL B 161 -6.78 4.97 27.72
C VAL B 161 -6.50 4.26 29.07
N GLU B 162 -5.49 4.75 29.86
CA GLU B 162 -5.12 4.24 31.19
C GLU B 162 -6.11 4.76 32.25
N GLY B 163 -6.52 6.04 32.12
CA GLY B 163 -7.49 6.66 33.03
C GLY B 163 -8.86 6.00 33.01
N LEU B 164 -9.15 5.26 31.92
CA LEU B 164 -10.37 4.51 31.74
C LEU B 164 -10.48 3.36 32.78
N THR B 165 -9.32 2.76 33.17
CA THR B 165 -9.22 1.66 34.15
C THR B 165 -9.56 2.12 35.59
N LYS B 166 -9.70 3.41 35.81
CA LYS B 166 -10.13 3.90 37.12
C LYS B 166 -11.62 3.61 37.28
N LEU B 167 -12.36 3.56 36.16
CA LEU B 167 -13.81 3.35 36.21
C LEU B 167 -14.24 1.98 35.67
N VAL B 168 -13.38 1.34 34.87
CA VAL B 168 -13.70 0.06 34.26
C VAL B 168 -12.50 -0.88 34.40
N ASP B 169 -12.76 -2.09 34.93
CA ASP B 169 -11.73 -3.11 35.05
C ASP B 169 -11.30 -3.57 33.62
N PRO B 170 -9.98 -3.78 33.37
CA PRO B 170 -9.54 -4.19 32.01
C PRO B 170 -10.21 -5.47 31.48
N SER B 171 -10.69 -6.37 32.36
CA SER B 171 -11.39 -7.60 31.95
C SER B 171 -12.77 -7.29 31.33
N GLN B 172 -13.26 -6.04 31.50
CA GLN B 172 -14.56 -5.58 31.01
C GLN B 172 -14.40 -4.65 29.80
N LEU B 173 -13.15 -4.37 29.42
CA LEU B 173 -12.85 -3.54 28.26
C LEU B 173 -12.47 -4.44 27.09
N THR B 174 -12.84 -4.04 25.88
CA THR B 174 -12.47 -4.80 24.68
C THR B 174 -11.02 -4.47 24.29
N GLU B 175 -10.48 -5.22 23.30
CA GLU B 175 -9.09 -5.12 22.81
C GLU B 175 -8.67 -3.69 22.41
N GLU B 176 -9.58 -2.86 21.84
CA GLU B 176 -9.26 -1.48 21.42
C GLU B 176 -8.75 -0.60 22.58
N PHE B 177 -9.13 -0.94 23.84
CA PHE B 177 -8.73 -0.16 25.01
C PHE B 177 -7.77 -0.93 25.91
N ASP B 178 -6.97 -1.83 25.30
CA ASP B 178 -5.98 -2.69 25.95
C ASP B 178 -6.65 -3.57 27.02
N GLY B 179 -7.90 -3.98 26.73
CA GLY B 179 -8.69 -4.83 27.61
C GLY B 179 -8.69 -6.29 27.21
N SER B 180 -9.21 -7.15 28.07
CA SER B 180 -9.22 -8.60 27.79
C SER B 180 -10.64 -9.19 27.60
N LEU B 181 -11.67 -8.34 27.46
CA LEU B 181 -13.01 -8.86 27.23
C LEU B 181 -13.14 -9.35 25.80
N ASP B 182 -13.52 -10.62 25.62
CA ASP B 182 -13.75 -11.18 24.29
C ASP B 182 -15.09 -10.69 23.78
N TYR B 183 -15.11 -10.21 22.53
CA TYR B 183 -16.35 -9.72 21.92
C TYR B 183 -16.23 -9.84 20.41
N ASN B 184 -17.10 -10.67 19.82
CA ASN B 184 -17.16 -10.90 18.38
C ASN B 184 -18.43 -10.20 17.88
N HIS B 185 -18.29 -9.00 17.31
CA HIS B 185 -19.41 -8.16 16.85
C HIS B 185 -20.26 -8.86 15.78
N GLU B 186 -19.62 -9.52 14.77
CA GLU B 186 -20.36 -10.23 13.71
C GLU B 186 -21.21 -11.36 14.30
N GLU B 187 -20.65 -12.13 15.24
CA GLU B 187 -21.38 -13.22 15.89
C GLU B 187 -22.52 -12.66 16.73
N TRP B 188 -22.28 -11.55 17.45
CA TRP B 188 -23.29 -10.88 18.27
C TRP B 188 -24.47 -10.47 17.38
N ILE B 189 -24.18 -9.89 16.18
CA ILE B 189 -25.21 -9.48 15.22
C ILE B 189 -26.09 -10.70 14.82
N GLU B 190 -25.46 -11.82 14.47
CA GLU B 190 -26.16 -13.06 14.07
C GLU B 190 -27.05 -13.57 15.18
N LEU B 191 -26.53 -13.55 16.40
CA LEU B 191 -27.26 -13.95 17.61
C LEU B 191 -28.48 -13.07 17.81
N ARG B 192 -28.32 -11.73 17.69
CA ARG B 192 -29.44 -10.79 17.90
C ARG B 192 -30.49 -10.95 16.81
N LEU B 193 -30.07 -11.19 15.56
CA LEU B 193 -31.02 -11.38 14.46
C LEU B 193 -31.89 -12.66 14.64
N SER B 194 -31.38 -13.65 15.38
CA SER B 194 -32.06 -14.93 15.61
C SER B 194 -33.05 -14.88 16.81
N LEU B 195 -33.13 -13.75 17.53
CA LEU B 195 -34.04 -13.62 18.68
C LEU B 195 -35.48 -13.37 18.27
N ALA C 23 -21.22 20.12 7.96
CA ALA C 23 -22.24 19.30 8.60
C ALA C 23 -21.69 17.92 8.95
N PHE C 24 -21.87 17.48 10.21
CA PHE C 24 -21.40 16.17 10.66
C PHE C 24 -22.21 15.05 10.00
N PHE C 25 -23.53 15.20 9.94
CA PHE C 25 -24.42 14.17 9.39
C PHE C 25 -24.70 14.36 7.92
N ARG C 26 -25.02 13.25 7.25
CA ARG C 26 -25.46 13.25 5.87
C ARG C 26 -26.94 13.64 5.88
N THR C 27 -27.33 14.60 5.02
CA THR C 27 -28.71 15.08 4.90
C THR C 27 -29.11 15.14 3.43
N GLY C 28 -30.39 15.39 3.17
CA GLY C 28 -30.91 15.55 1.81
C GLY C 28 -31.27 14.25 1.12
N SER C 29 -31.36 14.32 -0.21
CA SER C 29 -31.74 13.22 -1.09
C SER C 29 -30.86 11.95 -0.91
N PHE C 30 -31.47 10.78 -1.14
CA PHE C 30 -30.81 9.47 -1.11
C PHE C 30 -30.39 9.04 -2.52
N ARG C 31 -30.71 9.87 -3.53
CA ARG C 31 -30.53 9.51 -4.95
C ARG C 31 -29.09 9.07 -5.28
N ASN C 32 -28.06 9.64 -4.62
CA ASN C 32 -26.68 9.30 -4.94
C ASN C 32 -26.01 8.44 -3.89
N ASP C 33 -26.79 7.86 -2.98
CA ASP C 33 -26.25 7.05 -1.88
C ASP C 33 -26.03 5.58 -2.22
N GLY C 34 -26.42 5.16 -3.42
CA GLY C 34 -26.24 3.78 -3.87
C GLY C 34 -26.95 2.77 -2.99
N LEU C 35 -28.22 3.06 -2.63
CA LEU C 35 -29.02 2.19 -1.77
C LEU C 35 -29.17 0.81 -2.36
N LYS C 36 -29.08 -0.21 -1.51
CA LYS C 36 -29.24 -1.61 -1.88
C LYS C 36 -30.50 -2.15 -1.19
N ALA C 37 -30.95 -3.37 -1.57
CA ALA C 37 -32.10 -4.01 -0.94
C ALA C 37 -31.90 -4.09 0.59
N SER C 38 -30.66 -4.41 1.04
CA SER C 38 -30.30 -4.51 2.46
CA SER C 38 -30.33 -4.53 2.47
C SER C 38 -30.59 -3.21 3.21
N ASP C 39 -30.45 -2.06 2.54
CA ASP C 39 -30.68 -0.75 3.18
C ASP C 39 -32.14 -0.44 3.42
N VAL C 40 -33.05 -1.13 2.72
CA VAL C 40 -34.49 -0.84 2.83
C VAL C 40 -35.26 -2.11 3.17
N LEU C 41 -34.56 -3.13 3.68
CA LEU C 41 -35.14 -4.45 3.90
C LEU C 41 -36.41 -4.43 4.75
N PRO C 42 -36.50 -3.79 5.96
CA PRO C 42 -37.75 -3.87 6.72
C PRO C 42 -38.97 -3.36 5.95
N ILE C 43 -38.88 -2.19 5.31
CA ILE C 43 -40.04 -1.65 4.58
C ILE C 43 -40.27 -2.46 3.27
N LEU C 44 -39.21 -3.03 2.65
CA LEU C 44 -39.40 -3.91 1.48
C LEU C 44 -40.27 -5.09 1.88
N LYS C 45 -39.96 -5.71 3.02
CA LYS C 45 -40.70 -6.87 3.54
C LYS C 45 -42.16 -6.53 3.82
N GLU C 46 -42.45 -5.26 4.24
CA GLU C 46 -43.82 -4.79 4.51
C GLU C 46 -44.64 -4.70 3.22
N LYS C 47 -43.95 -4.71 2.05
CA LYS C 47 -44.58 -4.65 0.74
C LYS C 47 -45.49 -3.39 0.63
N VAL C 48 -44.96 -2.23 1.09
CA VAL C 48 -45.60 -0.91 0.94
C VAL C 48 -45.63 -0.61 -0.58
N ALA C 49 -44.54 -0.98 -1.28
CA ALA C 49 -44.46 -0.81 -2.74
C ALA C 49 -43.57 -1.88 -3.33
N PHE C 50 -43.77 -2.18 -4.62
CA PHE C 50 -42.95 -3.17 -5.32
C PHE C 50 -42.86 -2.87 -6.79
N VAL C 51 -41.81 -3.40 -7.43
CA VAL C 51 -41.57 -3.30 -8.86
C VAL C 51 -41.62 -4.76 -9.36
N SER C 52 -42.77 -5.15 -9.90
CA SER C 52 -43.06 -6.51 -10.34
C SER C 52 -42.28 -7.00 -11.56
N GLY C 53 -41.80 -6.08 -12.40
CA GLY C 53 -41.18 -6.44 -13.67
C GLY C 53 -42.18 -6.25 -14.80
N GLY C 54 -43.43 -5.96 -14.42
CA GLY C 54 -44.50 -5.69 -15.36
C GLY C 54 -44.27 -4.35 -16.02
N ARG C 55 -44.68 -4.23 -17.29
CA ARG C 55 -44.48 -3.01 -18.05
C ARG C 55 -45.80 -2.50 -18.61
N ASP C 56 -45.97 -1.16 -18.70
CA ASP C 56 -47.22 -0.60 -19.27
C ASP C 56 -47.23 -0.82 -20.81
N LYS C 57 -48.35 -0.46 -21.47
CA LYS C 57 -48.52 -0.64 -22.92
C LYS C 57 -47.46 0.12 -23.75
N ARG C 58 -46.71 1.05 -23.12
CA ARG C 58 -45.63 1.79 -23.77
C ARG C 58 -44.24 1.17 -23.49
N GLY C 59 -44.18 0.17 -22.62
CA GLY C 59 -42.91 -0.43 -22.23
C GLY C 59 -42.25 0.22 -21.02
N GLY C 60 -42.94 1.19 -20.42
CA GLY C 60 -42.47 1.85 -19.20
C GLY C 60 -42.61 0.92 -18.00
N PRO C 61 -41.78 1.09 -16.95
CA PRO C 61 -41.91 0.18 -15.79
C PRO C 61 -43.11 0.51 -14.89
N ILE C 62 -43.67 -0.50 -14.23
CA ILE C 62 -44.77 -0.33 -13.30
C ILE C 62 -44.28 -0.38 -11.86
N LEU C 63 -44.68 0.65 -11.08
CA LEU C 63 -44.42 0.73 -9.64
C LEU C 63 -45.76 0.58 -8.96
N THR C 64 -45.92 -0.42 -8.09
CA THR C 64 -47.20 -0.66 -7.43
C THR C 64 -47.16 -0.38 -5.94
N PHE C 65 -48.20 0.32 -5.45
CA PHE C 65 -48.48 0.52 -4.03
C PHE C 65 -49.74 -0.25 -3.74
N PRO C 66 -49.65 -1.53 -3.30
CA PRO C 66 -50.88 -2.31 -3.08
C PRO C 66 -51.58 -1.86 -1.80
N ALA C 67 -52.79 -2.40 -1.56
CA ALA C 67 -53.50 -2.15 -0.32
C ALA C 67 -52.59 -2.74 0.83
N ARG C 68 -52.31 -1.90 1.83
CA ARG C 68 -51.43 -2.11 2.98
CA ARG C 68 -51.37 -2.24 2.90
C ARG C 68 -51.81 -3.35 3.83
N SER C 69 -50.80 -4.14 4.28
CA SER C 69 -50.94 -5.29 5.17
C SER C 69 -50.69 -4.86 6.64
N ASN C 70 -49.66 -4.04 6.88
CA ASN C 70 -49.36 -3.48 8.20
C ASN C 70 -49.83 -2.02 8.22
N HIS C 71 -50.81 -1.71 9.06
CA HIS C 71 -51.44 -0.38 9.10
C HIS C 71 -50.76 0.60 10.12
N ASP C 72 -49.59 0.22 10.67
CA ASP C 72 -48.80 1.11 11.53
C ASP C 72 -48.33 2.30 10.71
N ARG C 73 -48.09 3.47 11.34
CA ARG C 73 -47.59 4.64 10.60
C ARG C 73 -46.15 4.39 10.15
N ILE C 74 -45.77 5.03 9.06
CA ILE C 74 -44.47 4.85 8.42
C ILE C 74 -43.59 6.04 8.72
N ARG C 75 -42.27 5.81 8.80
CA ARG C 75 -41.28 6.85 8.94
C ARG C 75 -41.04 7.42 7.55
N GLN C 76 -41.05 8.76 7.42
CA GLN C 76 -40.88 9.42 6.12
C GLN C 76 -39.57 9.03 5.47
N GLU C 77 -38.47 8.99 6.25
CA GLU C 77 -37.16 8.61 5.71
C GLU C 77 -37.19 7.19 5.13
N ASP C 78 -37.92 6.24 5.76
CA ASP C 78 -38.01 4.85 5.26
C ASP C 78 -38.73 4.82 3.92
N LEU C 79 -39.81 5.62 3.79
CA LEU C 79 -40.54 5.68 2.52
C LEU C 79 -39.68 6.34 1.43
N ARG C 80 -38.94 7.41 1.78
CA ARG C 80 -38.05 8.09 0.81
C ARG C 80 -36.98 7.13 0.29
N LYS C 81 -36.36 6.36 1.20
CA LYS C 81 -35.37 5.37 0.83
C LYS C 81 -35.98 4.28 -0.04
N LEU C 82 -37.18 3.79 0.31
CA LEU C 82 -37.89 2.76 -0.47
C LEU C 82 -38.13 3.21 -1.91
N VAL C 83 -38.75 4.38 -2.12
CA VAL C 83 -39.08 4.82 -3.49
C VAL C 83 -37.80 5.13 -4.28
N THR C 84 -36.73 5.56 -3.58
CA THR C 84 -35.43 5.83 -4.22
C THR C 84 -34.85 4.52 -4.72
N TYR C 85 -34.91 3.48 -3.85
CA TYR C 85 -34.39 2.17 -4.22
C TYR C 85 -35.20 1.55 -5.38
N LEU C 86 -36.53 1.55 -5.31
CA LEU C 86 -37.38 0.96 -6.33
C LEU C 86 -37.29 1.65 -7.69
N ALA C 87 -36.92 2.94 -7.70
CA ALA C 87 -36.71 3.67 -8.96
C ALA C 87 -35.53 3.09 -9.75
N SER C 88 -34.49 2.54 -9.05
CA SER C 88 -33.26 2.00 -9.62
C SER C 88 -33.40 0.55 -10.09
N VAL C 89 -34.56 -0.11 -9.81
CA VAL C 89 -34.77 -1.53 -10.10
C VAL C 89 -34.80 -1.81 -11.63
N PRO C 90 -35.67 -1.17 -12.47
CA PRO C 90 -35.62 -1.46 -13.92
C PRO C 90 -34.33 -0.93 -14.54
N SER C 91 -34.02 -1.33 -15.79
CA SER C 91 -32.81 -0.85 -16.45
C SER C 91 -32.93 0.65 -16.73
N GLU C 92 -31.79 1.35 -16.87
CA GLU C 92 -31.77 2.79 -17.17
C GLU C 92 -32.65 3.15 -18.39
N ASP C 93 -32.55 2.37 -19.49
CA ASP C 93 -33.32 2.59 -20.71
C ASP C 93 -34.83 2.44 -20.46
N VAL C 94 -35.24 1.46 -19.64
CA VAL C 94 -36.66 1.25 -19.33
C VAL C 94 -37.17 2.43 -18.44
N CYS C 95 -36.36 2.85 -17.46
CA CYS C 95 -36.67 3.95 -16.54
CA CYS C 95 -36.70 3.95 -16.56
C CYS C 95 -36.89 5.27 -17.31
N LYS C 96 -36.11 5.51 -18.38
CA LYS C 96 -36.20 6.74 -19.18
CA LYS C 96 -36.21 6.76 -19.14
C LYS C 96 -37.59 6.92 -19.83
N ARG C 97 -38.38 5.83 -19.96
CA ARG C 97 -39.73 5.87 -20.56
C ARG C 97 -40.75 6.45 -19.58
N GLY C 98 -40.38 6.53 -18.31
CA GLY C 98 -41.27 7.03 -17.27
C GLY C 98 -42.09 5.91 -16.71
N PHE C 99 -42.28 5.93 -15.39
CA PHE C 99 -43.04 4.92 -14.66
C PHE C 99 -44.54 5.11 -14.75
N THR C 100 -45.26 4.01 -14.73
CA THR C 100 -46.71 3.99 -14.50
C THR C 100 -46.79 3.60 -13.04
N VAL C 101 -47.33 4.48 -12.21
CA VAL C 101 -47.45 4.17 -10.77
C VAL C 101 -48.90 3.75 -10.52
N ILE C 102 -49.10 2.61 -9.86
CA ILE C 102 -50.45 2.14 -9.55
C ILE C 102 -50.60 2.16 -8.06
N ILE C 103 -51.58 2.93 -7.55
CA ILE C 103 -51.83 3.02 -6.12
C ILE C 103 -53.24 2.52 -5.84
N ASP C 104 -53.35 1.44 -5.04
CA ASP C 104 -54.65 0.91 -4.69
C ASP C 104 -55.23 1.68 -3.52
N MET C 105 -56.36 2.39 -3.77
CA MET C 105 -57.06 3.14 -2.72
C MET C 105 -58.25 2.35 -2.17
N ARG C 106 -58.55 1.16 -2.74
CA ARG C 106 -59.66 0.30 -2.27
C ARG C 106 -59.36 -0.14 -0.83
N GLY C 107 -60.29 0.12 0.07
CA GLY C 107 -60.12 -0.19 1.48
C GLY C 107 -59.29 0.84 2.22
N SER C 108 -59.01 1.98 1.55
CA SER C 108 -58.24 3.07 2.12
C SER C 108 -58.97 4.40 1.89
N LYS C 109 -58.36 5.52 2.33
CA LYS C 109 -58.90 6.87 2.21
C LYS C 109 -57.88 7.76 1.51
N TRP C 110 -58.33 8.81 0.81
CA TRP C 110 -57.48 9.77 0.10
C TRP C 110 -56.36 10.33 1.01
N ASP C 111 -56.66 10.57 2.31
CA ASP C 111 -55.72 11.09 3.31
C ASP C 111 -54.56 10.13 3.58
N LEU C 112 -54.72 8.83 3.27
CA LEU C 112 -53.65 7.86 3.43
C LEU C 112 -52.92 7.60 2.11
N ILE C 113 -53.40 8.16 0.98
CA ILE C 113 -52.69 7.89 -0.26
C ILE C 113 -52.06 9.19 -0.82
N LYS C 114 -52.60 10.41 -0.51
CA LYS C 114 -52.00 11.70 -0.89
C LYS C 114 -50.52 11.78 -0.36
N PRO C 115 -50.18 11.33 0.89
CA PRO C 115 -48.76 11.40 1.32
C PRO C 115 -47.83 10.54 0.46
N LEU C 116 -48.33 9.44 -0.16
CA LEU C 116 -47.53 8.62 -1.06
C LEU C 116 -47.16 9.42 -2.32
N LEU C 117 -48.15 10.14 -2.89
CA LEU C 117 -47.96 10.98 -4.07
C LEU C 117 -47.03 12.16 -3.76
N LYS C 118 -47.19 12.78 -2.58
CA LYS C 118 -46.32 13.88 -2.16
C LYS C 118 -44.85 13.40 -2.02
N THR C 119 -44.64 12.21 -1.42
CA THR C 119 -43.31 11.63 -1.24
C THR C 119 -42.71 11.29 -2.60
N LEU C 120 -43.51 10.73 -3.55
CA LEU C 120 -43.03 10.47 -4.92
C LEU C 120 -42.58 11.77 -5.59
N GLN C 121 -43.37 12.82 -5.43
CA GLN C 121 -43.07 14.13 -6.02
C GLN C 121 -41.73 14.68 -5.49
N GLU C 122 -41.52 14.57 -4.18
CA GLU C 122 -40.33 15.10 -3.53
C GLU C 122 -39.09 14.23 -3.70
N ALA C 123 -39.25 12.89 -3.63
CA ALA C 123 -38.12 11.98 -3.53
C ALA C 123 -37.90 11.04 -4.71
N PHE C 124 -38.92 10.71 -5.54
CA PHE C 124 -38.74 9.73 -6.60
C PHE C 124 -37.74 10.24 -7.67
N PRO C 125 -36.57 9.58 -7.83
CA PRO C 125 -35.54 10.11 -8.74
C PRO C 125 -35.74 9.74 -10.22
N ALA C 126 -36.92 9.31 -10.62
CA ALA C 126 -37.21 8.98 -12.01
C ALA C 126 -38.47 9.72 -12.46
N GLU C 127 -38.75 9.73 -13.76
CA GLU C 127 -39.97 10.37 -14.29
C GLU C 127 -41.17 9.44 -14.06
N ILE C 128 -42.33 10.05 -13.85
CA ILE C 128 -43.60 9.33 -13.69
C ILE C 128 -44.45 9.76 -14.86
N HIS C 129 -44.75 8.79 -15.73
CA HIS C 129 -45.61 9.03 -16.88
C HIS C 129 -47.03 9.33 -16.38
N VAL C 130 -47.51 8.53 -15.40
CA VAL C 130 -48.83 8.73 -14.80
C VAL C 130 -48.92 7.93 -13.49
N ALA C 131 -49.68 8.48 -12.52
CA ALA C 131 -50.04 7.80 -11.29
C ALA C 131 -51.52 7.52 -11.34
N LEU C 132 -51.84 6.22 -11.34
CA LEU C 132 -53.21 5.71 -11.44
C LEU C 132 -53.65 5.30 -10.06
N ILE C 133 -54.69 5.99 -9.56
CA ILE C 133 -55.26 5.71 -8.25
C ILE C 133 -56.50 4.87 -8.45
N ILE C 134 -56.45 3.66 -7.90
CA ILE C 134 -57.54 2.69 -8.03
C ILE C 134 -58.60 3.00 -7.01
N LYS C 135 -59.76 3.42 -7.50
CA LYS C 135 -60.87 3.76 -6.64
C LYS C 135 -61.77 2.53 -6.38
N PRO C 136 -62.45 2.45 -5.21
CA PRO C 136 -63.46 1.36 -5.02
C PRO C 136 -64.64 1.47 -6.00
N ASP C 137 -65.40 0.36 -6.22
CA ASP C 137 -66.54 0.42 -7.14
C ASP C 137 -67.74 1.18 -6.51
N ASN C 138 -67.64 1.55 -5.19
CA ASN C 138 -68.66 2.34 -4.51
C ASN C 138 -68.21 3.84 -4.30
N PHE C 139 -67.10 4.27 -4.95
CA PHE C 139 -66.55 5.63 -4.87
C PHE C 139 -67.60 6.69 -5.22
N TRP C 140 -68.54 6.37 -6.13
CA TRP C 140 -69.62 7.27 -6.55
C TRP C 140 -70.52 7.72 -5.37
N GLN C 141 -70.59 6.93 -4.28
CA GLN C 141 -71.41 7.21 -3.11
C GLN C 141 -70.80 8.16 -2.10
N LYS C 142 -69.46 8.16 -2.03
CA LYS C 142 -68.65 8.87 -1.05
C LYS C 142 -68.72 10.41 -1.16
N GLN C 143 -68.22 11.08 -0.09
CA GLN C 143 -68.16 12.54 0.09
C GLN C 143 -67.33 13.20 -1.02
N ASN C 146 -60.52 15.92 -1.66
CA ASN C 146 -60.06 17.09 -2.41
C ASN C 146 -59.08 16.70 -3.56
N PHE C 147 -59.13 15.41 -4.03
CA PHE C 147 -58.32 14.88 -5.14
C PHE C 147 -58.29 15.84 -6.34
N GLY C 148 -59.46 16.34 -6.74
CA GLY C 148 -59.64 17.26 -7.86
C GLY C 148 -58.83 18.54 -7.80
N SER C 149 -58.50 19.03 -6.58
CA SER C 149 -57.72 20.25 -6.37
C SER C 149 -56.23 19.96 -6.08
N SER C 150 -55.87 18.70 -5.77
CA SER C 150 -54.49 18.28 -5.45
C SER C 150 -53.65 18.20 -6.74
N LYS C 151 -52.66 19.12 -6.88
CA LYS C 151 -51.79 19.22 -8.07
C LYS C 151 -50.38 18.65 -7.83
N PHE C 152 -49.89 17.84 -8.81
CA PHE C 152 -48.59 17.19 -8.76
C PHE C 152 -47.76 17.46 -10.04
N ILE C 153 -46.44 17.26 -9.95
CA ILE C 153 -45.52 17.47 -11.09
C ILE C 153 -45.78 16.41 -12.19
N PHE C 154 -46.42 15.27 -11.84
CA PHE C 154 -46.76 14.18 -12.76
C PHE C 154 -48.27 14.06 -12.89
N GLU C 155 -48.76 13.50 -14.01
CA GLU C 155 -50.20 13.33 -14.24
C GLU C 155 -50.76 12.29 -13.27
N THR C 156 -51.96 12.57 -12.70
CA THR C 156 -52.64 11.66 -11.78
C THR C 156 -54.03 11.41 -12.30
N SER C 157 -54.53 10.18 -12.14
CA SER C 157 -55.87 9.86 -12.60
C SER C 157 -56.53 8.84 -11.71
N MET C 158 -57.80 9.09 -11.37
CA MET C 158 -58.60 8.18 -10.56
C MET C 158 -59.30 7.23 -11.53
N VAL C 159 -58.99 5.93 -11.47
CA VAL C 159 -59.55 4.93 -12.38
C VAL C 159 -60.11 3.74 -11.62
N SER C 160 -60.99 2.95 -12.27
CA SER C 160 -61.48 1.70 -11.69
C SER C 160 -60.43 0.63 -12.00
N VAL C 161 -60.55 -0.57 -11.37
CA VAL C 161 -59.62 -1.68 -11.59
C VAL C 161 -59.71 -2.14 -13.09
N GLU C 162 -60.88 -1.92 -13.75
CA GLU C 162 -61.13 -2.23 -15.16
C GLU C 162 -60.49 -1.17 -16.05
N GLY C 163 -60.57 0.11 -15.64
CA GLY C 163 -59.97 1.24 -16.35
C GLY C 163 -58.47 1.12 -16.45
N LEU C 164 -57.85 0.39 -15.49
CA LEU C 164 -56.41 0.13 -15.43
C LEU C 164 -55.93 -0.69 -16.64
N THR C 165 -56.74 -1.68 -17.07
CA THR C 165 -56.44 -2.57 -18.20
C THR C 165 -56.41 -1.82 -19.57
N LYS C 166 -56.87 -0.56 -19.60
CA LYS C 166 -56.79 0.26 -20.82
C LYS C 166 -55.38 0.78 -21.00
N LEU C 167 -54.60 0.91 -19.90
CA LEU C 167 -53.23 1.41 -19.96
C LEU C 167 -52.19 0.31 -19.73
N VAL C 168 -52.61 -0.80 -19.12
CA VAL C 168 -51.71 -1.90 -18.84
C VAL C 168 -52.39 -3.22 -19.17
N ASP C 169 -51.70 -4.04 -19.98
CA ASP C 169 -52.21 -5.35 -20.38
C ASP C 169 -52.36 -6.24 -19.11
N PRO C 170 -53.45 -7.04 -18.98
CA PRO C 170 -53.62 -7.87 -17.77
C PRO C 170 -52.44 -8.82 -17.48
N SER C 171 -51.67 -9.22 -18.52
CA SER C 171 -50.51 -10.11 -18.36
C SER C 171 -49.36 -9.40 -17.63
N GLN C 172 -49.43 -8.05 -17.52
CA GLN C 172 -48.41 -7.20 -16.89
C GLN C 172 -48.87 -6.68 -15.52
N LEU C 173 -50.10 -7.02 -15.14
CA LEU C 173 -50.69 -6.66 -13.84
C LEU C 173 -50.61 -7.83 -12.88
N THR C 174 -50.40 -7.57 -11.59
CA THR C 174 -50.34 -8.64 -10.60
C THR C 174 -51.78 -8.99 -10.15
N GLU C 175 -51.92 -10.05 -9.30
CA GLU C 175 -53.18 -10.63 -8.80
C GLU C 175 -54.14 -9.64 -8.10
N GLU C 176 -53.61 -8.61 -7.40
CA GLU C 176 -54.41 -7.58 -6.70
C GLU C 176 -55.34 -6.81 -7.65
N PHE C 177 -55.03 -6.84 -8.97
CA PHE C 177 -55.79 -6.11 -9.98
C PHE C 177 -56.35 -7.04 -11.07
N ASP C 178 -56.60 -8.32 -10.72
CA ASP C 178 -57.15 -9.36 -11.61
C ASP C 178 -56.23 -9.62 -12.83
N GLY C 179 -54.94 -9.42 -12.64
CA GLY C 179 -53.93 -9.65 -13.67
C GLY C 179 -53.33 -11.04 -13.57
N SER C 180 -52.56 -11.45 -14.59
CA SER C 180 -51.96 -12.79 -14.62
C SER C 180 -50.44 -12.75 -14.51
N LEU C 181 -49.85 -11.59 -14.15
CA LEU C 181 -48.40 -11.54 -14.01
C LEU C 181 -47.98 -12.26 -12.74
N ASP C 182 -47.08 -13.23 -12.88
CA ASP C 182 -46.56 -13.92 -11.72
C ASP C 182 -45.53 -13.03 -11.07
N TYR C 183 -45.68 -12.82 -9.76
CA TYR C 183 -44.74 -12.04 -8.98
C TYR C 183 -44.77 -12.53 -7.55
N ASN C 184 -43.63 -13.06 -7.08
CA ASN C 184 -43.44 -13.52 -5.73
C ASN C 184 -42.48 -12.54 -5.06
N HIS C 185 -43.02 -11.64 -4.23
CA HIS C 185 -42.28 -10.57 -3.57
C HIS C 185 -41.16 -11.10 -2.66
N GLU C 186 -41.42 -12.17 -1.89
CA GLU C 186 -40.42 -12.76 -0.99
C GLU C 186 -39.23 -13.34 -1.78
N GLU C 187 -39.51 -14.02 -2.90
CA GLU C 187 -38.48 -14.58 -3.77
C GLU C 187 -37.68 -13.43 -4.42
N TRP C 188 -38.37 -12.37 -4.84
CA TRP C 188 -37.73 -11.18 -5.44
C TRP C 188 -36.74 -10.56 -4.44
N ILE C 189 -37.16 -10.40 -3.17
CA ILE C 189 -36.28 -9.85 -2.12
C ILE C 189 -34.99 -10.72 -1.99
N GLU C 190 -35.13 -12.07 -1.90
CA GLU C 190 -33.97 -12.97 -1.78
C GLU C 190 -32.98 -12.78 -2.93
N LEU C 191 -33.49 -12.69 -4.16
CA LEU C 191 -32.58 -12.50 -5.28
C LEU C 191 -31.94 -11.09 -5.27
N ARG C 192 -32.66 -10.04 -4.83
CA ARG C 192 -32.06 -8.69 -4.78
C ARG C 192 -30.96 -8.67 -3.72
N LEU C 193 -31.16 -9.42 -2.63
CA LEU C 193 -30.13 -9.48 -1.58
C LEU C 193 -28.87 -10.25 -2.05
N SER C 194 -29.00 -11.07 -3.10
CA SER C 194 -27.92 -11.91 -3.67
C SER C 194 -27.11 -11.18 -4.73
N LEU C 195 -27.56 -10.00 -5.17
CA LEU C 195 -26.87 -9.21 -6.19
C LEU C 195 -25.62 -8.52 -5.68
N ALA D 23 34.03 -16.61 -9.74
CA ALA D 23 32.69 -16.71 -10.30
C ALA D 23 32.09 -15.32 -10.55
N PHE D 24 31.50 -15.12 -11.76
CA PHE D 24 30.86 -13.88 -12.18
C PHE D 24 29.55 -13.64 -11.42
N PHE D 25 28.76 -14.70 -11.22
CA PHE D 25 27.47 -14.59 -10.55
C PHE D 25 27.57 -14.85 -9.07
N ARG D 26 26.68 -14.21 -8.32
CA ARG D 26 26.50 -14.43 -6.90
C ARG D 26 25.62 -15.66 -6.74
N THR D 27 26.03 -16.61 -5.89
CA THR D 27 25.29 -17.85 -5.63
C THR D 27 25.21 -18.08 -4.12
N GLY D 28 24.40 -19.05 -3.73
CA GLY D 28 24.24 -19.43 -2.34
C GLY D 28 23.23 -18.61 -1.56
N SER D 29 23.38 -18.63 -0.23
CA SER D 29 22.51 -17.96 0.74
C SER D 29 22.31 -16.45 0.46
N PHE D 30 21.12 -15.95 0.79
CA PHE D 30 20.77 -14.53 0.68
C PHE D 30 21.00 -13.80 2.02
N ARG D 31 21.44 -14.54 3.06
CA ARG D 31 21.59 -14.02 4.41
C ARG D 31 22.47 -12.76 4.52
N ASN D 32 23.49 -12.62 3.67
CA ASN D 32 24.38 -11.45 3.76
C ASN D 32 24.16 -10.45 2.64
N ASP D 33 23.05 -10.58 1.90
CA ASP D 33 22.76 -9.70 0.77
C ASP D 33 22.05 -8.41 1.13
N GLY D 34 21.63 -8.26 2.39
CA GLY D 34 20.96 -7.05 2.85
C GLY D 34 19.65 -6.78 2.13
N LEU D 35 18.83 -7.84 1.95
CA LEU D 35 17.55 -7.72 1.29
C LEU D 35 16.64 -6.71 2.00
N LYS D 36 15.92 -5.91 1.23
CA LYS D 36 14.96 -4.91 1.67
C LYS D 36 13.59 -5.33 1.17
N ALA D 37 12.50 -4.72 1.70
CA ALA D 37 11.14 -5.02 1.25
C ALA D 37 10.99 -4.88 -0.28
N SER D 38 11.67 -3.86 -0.87
CA SER D 38 11.62 -3.61 -2.31
C SER D 38 12.22 -4.79 -3.10
N ASP D 39 13.15 -5.56 -2.54
CA ASP D 39 13.74 -6.74 -3.20
C ASP D 39 12.81 -7.93 -3.25
N VAL D 40 11.80 -7.97 -2.38
CA VAL D 40 10.89 -9.12 -2.30
C VAL D 40 9.43 -8.69 -2.45
N LEU D 41 9.21 -7.49 -3.01
CA LEU D 41 7.89 -6.88 -3.10
C LEU D 41 6.83 -7.80 -3.77
N PRO D 42 7.04 -8.41 -4.96
CA PRO D 42 5.97 -9.24 -5.55
C PRO D 42 5.51 -10.38 -4.63
N ILE D 43 6.43 -11.15 -4.04
CA ILE D 43 6.02 -12.28 -3.18
C ILE D 43 5.48 -11.75 -1.81
N LEU D 44 5.95 -10.58 -1.33
CA LEU D 44 5.39 -9.97 -0.12
C LEU D 44 3.90 -9.69 -0.34
N LYS D 45 3.57 -9.09 -1.50
CA LYS D 45 2.20 -8.77 -1.87
C LYS D 45 1.33 -10.01 -1.96
N GLU D 46 1.91 -11.17 -2.37
CA GLU D 46 1.18 -12.44 -2.48
C GLU D 46 0.77 -12.97 -1.09
N LYS D 47 1.41 -12.46 -0.02
CA LYS D 47 1.12 -12.84 1.36
C LYS D 47 1.26 -14.37 1.54
N VAL D 48 2.38 -14.93 1.00
CA VAL D 48 2.76 -16.33 1.18
C VAL D 48 3.10 -16.51 2.69
N ALA D 49 3.76 -15.49 3.27
CA ALA D 49 4.10 -15.47 4.69
C ALA D 49 4.16 -14.05 5.20
N PHE D 50 3.96 -13.88 6.52
CA PHE D 50 4.01 -12.55 7.11
C PHE D 50 4.50 -12.60 8.55
N VAL D 51 5.04 -11.47 9.02
CA VAL D 51 5.50 -11.29 10.39
C VAL D 51 4.58 -10.21 10.95
N SER D 52 3.54 -10.64 11.68
CA SER D 52 2.51 -9.76 12.21
C SER D 52 2.95 -8.80 13.31
N GLY D 53 4.03 -9.13 14.01
CA GLY D 53 4.49 -8.38 15.17
C GLY D 53 4.08 -9.10 16.45
N GLY D 54 3.25 -10.14 16.28
CA GLY D 54 2.79 -10.97 17.38
C GLY D 54 3.94 -11.79 17.93
N ARG D 55 3.93 -12.06 19.24
CA ARG D 55 4.99 -12.83 19.89
C ARG D 55 4.43 -14.06 20.62
N ASP D 56 5.23 -15.15 20.68
CA ASP D 56 4.79 -16.37 21.37
C ASP D 56 4.84 -16.15 22.90
N LYS D 57 4.33 -17.14 23.71
CA LYS D 57 4.31 -17.02 25.16
C LYS D 57 5.75 -16.88 25.77
N ARG D 58 6.81 -17.16 24.96
CA ARG D 58 8.21 -17.03 25.39
C ARG D 58 8.85 -15.69 25.00
N GLY D 59 8.15 -14.91 24.20
CA GLY D 59 8.65 -13.62 23.72
C GLY D 59 9.32 -13.71 22.36
N GLY D 60 9.29 -14.89 21.75
CA GLY D 60 9.84 -15.14 20.43
C GLY D 60 8.96 -14.57 19.34
N PRO D 61 9.51 -14.24 18.16
CA PRO D 61 8.65 -13.68 17.08
C PRO D 61 7.83 -14.75 16.35
N ILE D 62 6.63 -14.40 15.88
CA ILE D 62 5.76 -15.31 15.13
C ILE D 62 5.88 -15.05 13.64
N LEU D 63 6.14 -16.11 12.88
CA LEU D 63 6.15 -16.12 11.43
C LEU D 63 4.94 -16.93 10.96
N THR D 64 4.04 -16.35 10.18
CA THR D 64 2.84 -17.05 9.75
C THR D 64 2.82 -17.35 8.24
N PHE D 65 2.41 -18.56 7.88
CA PHE D 65 2.15 -19.00 6.51
C PHE D 65 0.66 -19.30 6.41
N PRO D 66 -0.14 -18.41 5.77
CA PRO D 66 -1.58 -18.72 5.60
C PRO D 66 -1.81 -19.94 4.71
N ALA D 67 -3.02 -20.55 4.79
CA ALA D 67 -3.42 -21.64 3.90
C ALA D 67 -3.47 -21.07 2.46
N ARG D 68 -2.95 -21.83 1.45
CA ARG D 68 -2.87 -21.34 0.06
C ARG D 68 -3.00 -22.50 -0.96
N SER D 69 -4.09 -23.26 -0.87
CA SER D 69 -4.40 -24.47 -1.65
C SER D 69 -4.67 -24.29 -3.16
N ASN D 70 -5.05 -23.10 -3.63
CA ASN D 70 -5.39 -23.01 -5.06
C ASN D 70 -4.72 -21.81 -5.76
N HIS D 71 -3.39 -21.71 -5.62
CA HIS D 71 -2.61 -20.64 -6.22
C HIS D 71 -1.49 -21.20 -7.11
N ASP D 72 -0.92 -20.32 -7.93
CA ASP D 72 0.16 -20.68 -8.84
C ASP D 72 1.39 -21.15 -8.10
N ARG D 73 2.19 -21.99 -8.75
CA ARG D 73 3.45 -22.45 -8.21
C ARG D 73 4.36 -21.23 -8.04
N ILE D 74 5.13 -21.21 -6.98
CA ILE D 74 6.05 -20.11 -6.72
C ILE D 74 7.49 -20.56 -7.04
N ARG D 75 8.36 -19.58 -7.28
CA ARG D 75 9.76 -19.86 -7.57
C ARG D 75 10.47 -20.06 -6.24
N GLN D 76 11.31 -21.11 -6.14
CA GLN D 76 12.04 -21.43 -4.93
C GLN D 76 12.91 -20.26 -4.47
N GLU D 77 13.61 -19.61 -5.41
CA GLU D 77 14.47 -18.44 -5.08
C GLU D 77 13.65 -17.31 -4.45
N ASP D 78 12.41 -17.08 -4.93
CA ASP D 78 11.54 -16.04 -4.36
C ASP D 78 11.15 -16.37 -2.94
N LEU D 79 10.85 -17.66 -2.66
CA LEU D 79 10.52 -18.08 -1.31
C LEU D 79 11.74 -17.98 -0.39
N ARG D 80 12.92 -18.34 -0.90
CA ARG D 80 14.17 -18.23 -0.09
C ARG D 80 14.45 -16.79 0.28
N LYS D 81 14.27 -15.84 -0.69
CA LYS D 81 14.46 -14.43 -0.42
C LYS D 81 13.42 -13.93 0.57
N LEU D 82 12.15 -14.34 0.41
CA LEU D 82 11.08 -13.94 1.33
C LEU D 82 11.38 -14.32 2.79
N VAL D 83 11.67 -15.61 3.06
CA VAL D 83 11.90 -16.02 4.45
C VAL D 83 13.21 -15.39 5.00
N THR D 84 14.21 -15.17 4.12
CA THR D 84 15.44 -14.49 4.54
C THR D 84 15.10 -13.06 4.98
N TYR D 85 14.27 -12.34 4.21
CA TYR D 85 13.84 -10.98 4.56
C TYR D 85 13.02 -10.99 5.85
N LEU D 86 12.03 -11.89 5.96
CA LEU D 86 11.15 -11.90 7.12
C LEU D 86 11.89 -12.25 8.42
N ALA D 87 12.98 -13.03 8.32
CA ALA D 87 13.80 -13.38 9.49
C ALA D 87 14.43 -12.12 10.12
N SER D 88 14.70 -11.07 9.31
CA SER D 88 15.32 -9.80 9.73
C SER D 88 14.31 -8.76 10.26
N VAL D 89 12.97 -9.03 10.19
CA VAL D 89 11.93 -8.08 10.58
C VAL D 89 11.95 -7.83 12.11
N PRO D 90 11.88 -8.84 13.03
CA PRO D 90 11.94 -8.50 14.46
C PRO D 90 13.33 -8.00 14.86
N SER D 91 13.46 -7.42 16.07
CA SER D 91 14.74 -6.96 16.58
C SER D 91 15.66 -8.14 16.81
N GLU D 92 16.99 -7.91 16.78
CA GLU D 92 18.00 -8.95 17.01
C GLU D 92 17.74 -9.75 18.30
N ASP D 93 17.46 -9.03 19.42
CA ASP D 93 17.17 -9.63 20.74
C ASP D 93 15.94 -10.53 20.71
N VAL D 94 14.89 -10.13 19.98
CA VAL D 94 13.66 -10.93 19.86
C VAL D 94 13.97 -12.19 19.01
N CYS D 95 14.71 -12.03 17.88
CA CYS D 95 15.10 -13.12 16.98
CA CYS D 95 15.14 -13.08 16.96
C CYS D 95 15.93 -14.19 17.68
N LYS D 96 16.75 -13.80 18.69
CA LYS D 96 17.60 -14.69 19.47
C LYS D 96 16.82 -15.74 20.27
N ARG D 97 15.55 -15.46 20.57
CA ARG D 97 14.66 -16.38 21.31
C ARG D 97 14.16 -17.50 20.40
N GLY D 98 14.29 -17.32 19.09
CA GLY D 98 13.81 -18.31 18.13
C GLY D 98 12.38 -18.03 17.73
N PHE D 99 12.05 -18.31 16.48
CA PHE D 99 10.71 -18.09 15.95
C PHE D 99 9.73 -19.19 16.29
N THR D 100 8.46 -18.83 16.43
CA THR D 100 7.33 -19.76 16.43
C THR D 100 6.77 -19.59 15.03
N VAL D 101 6.83 -20.66 14.23
CA VAL D 101 6.31 -20.61 12.87
C VAL D 101 4.92 -21.25 12.89
N ILE D 102 3.93 -20.56 12.33
CA ILE D 102 2.57 -21.06 12.20
C ILE D 102 2.29 -21.31 10.72
N ILE D 103 1.94 -22.56 10.38
CA ILE D 103 1.63 -22.92 9.01
C ILE D 103 0.25 -23.51 9.00
N ASP D 104 -0.70 -22.81 8.37
CA ASP D 104 -2.08 -23.26 8.32
C ASP D 104 -2.27 -24.33 7.26
N MET D 105 -2.65 -25.56 7.70
CA MET D 105 -2.92 -26.64 6.75
C MET D 105 -4.45 -26.84 6.53
N ARG D 106 -5.28 -26.12 7.28
CA ARG D 106 -6.74 -26.25 7.12
C ARG D 106 -7.16 -25.77 5.73
N GLY D 107 -7.86 -26.64 4.99
CA GLY D 107 -8.29 -26.33 3.63
C GLY D 107 -7.19 -26.52 2.62
N SER D 108 -6.00 -26.99 3.05
CA SER D 108 -4.83 -27.30 2.23
C SER D 108 -4.44 -28.78 2.43
N LYS D 109 -3.25 -29.17 1.96
CA LYS D 109 -2.76 -30.56 2.02
C LYS D 109 -1.32 -30.58 2.48
N TRP D 110 -0.87 -31.70 3.08
CA TRP D 110 0.49 -31.89 3.57
C TRP D 110 1.54 -31.65 2.47
N ASP D 111 1.26 -32.09 1.22
CA ASP D 111 2.14 -31.94 0.06
C ASP D 111 2.39 -30.47 -0.30
N LEU D 112 1.51 -29.54 0.14
CA LEU D 112 1.68 -28.10 -0.08
C LEU D 112 2.32 -27.43 1.13
N ILE D 113 2.50 -28.16 2.24
CA ILE D 113 3.07 -27.63 3.50
C ILE D 113 4.52 -28.07 3.67
N LYS D 114 4.79 -29.35 3.41
CA LYS D 114 6.12 -29.95 3.53
C LYS D 114 7.21 -29.11 2.77
N PRO D 115 6.97 -28.59 1.54
CA PRO D 115 8.02 -27.77 0.87
C PRO D 115 8.30 -26.45 1.60
N LEU D 116 7.31 -25.93 2.36
CA LEU D 116 7.49 -24.72 3.16
C LEU D 116 8.46 -25.02 4.29
N LEU D 117 8.28 -26.16 4.98
CA LEU D 117 9.12 -26.59 6.08
C LEU D 117 10.53 -26.89 5.58
N LYS D 118 10.67 -27.53 4.39
CA LYS D 118 11.98 -27.86 3.81
C LYS D 118 12.76 -26.59 3.46
N THR D 119 12.08 -25.59 2.87
CA THR D 119 12.70 -24.31 2.50
C THR D 119 13.16 -23.57 3.75
N LEU D 120 12.35 -23.59 4.83
CA LEU D 120 12.73 -22.96 6.08
C LEU D 120 14.00 -23.61 6.64
N GLN D 121 14.05 -24.95 6.62
CA GLN D 121 15.21 -25.70 7.10
C GLN D 121 16.48 -25.31 6.32
N GLU D 122 16.36 -25.21 5.00
CA GLU D 122 17.50 -24.91 4.14
C GLU D 122 17.91 -23.44 4.12
N ALA D 123 16.96 -22.51 4.13
CA ALA D 123 17.23 -21.10 3.90
C ALA D 123 16.97 -20.12 5.05
N PHE D 124 16.12 -20.47 6.05
CA PHE D 124 15.79 -19.50 7.11
C PHE D 124 17.05 -19.18 7.97
N PRO D 125 17.53 -17.92 7.97
CA PRO D 125 18.79 -17.62 8.68
C PRO D 125 18.68 -17.41 10.19
N ALA D 126 17.49 -17.63 10.78
CA ALA D 126 17.28 -17.52 12.22
C ALA D 126 16.91 -18.88 12.81
N GLU D 127 16.92 -18.99 14.15
CA GLU D 127 16.52 -20.23 14.80
C GLU D 127 14.99 -20.34 14.82
N ILE D 128 14.49 -21.57 14.64
CA ILE D 128 13.06 -21.86 14.74
C ILE D 128 12.88 -22.65 16.03
N HIS D 129 12.15 -22.07 17.00
CA HIS D 129 11.86 -22.72 18.26
C HIS D 129 10.90 -23.90 18.00
N VAL D 130 9.84 -23.66 17.19
CA VAL D 130 8.86 -24.68 16.85
C VAL D 130 8.06 -24.22 15.61
N ALA D 131 7.69 -25.19 14.79
CA ALA D 131 6.78 -25.00 13.66
C ALA D 131 5.49 -25.72 14.02
N LEU D 132 4.41 -24.94 14.11
CA LEU D 132 3.09 -25.41 14.46
C LEU D 132 2.28 -25.53 13.19
N ILE D 133 1.88 -26.77 12.85
CA ILE D 133 1.08 -27.04 11.65
C ILE D 133 -0.37 -27.13 12.09
N ILE D 134 -1.18 -26.17 11.62
CA ILE D 134 -2.57 -26.04 12.04
C ILE D 134 -3.48 -27.02 11.29
N LYS D 135 -4.00 -28.03 12.04
CA LYS D 135 -4.90 -29.05 11.52
C LYS D 135 -6.37 -28.68 11.82
N PRO D 136 -7.33 -29.19 11.03
CA PRO D 136 -8.75 -28.86 11.34
C PRO D 136 -9.22 -29.54 12.63
N ASP D 137 -10.35 -29.06 13.18
CA ASP D 137 -10.89 -29.60 14.43
C ASP D 137 -11.32 -31.08 14.30
N ASN D 138 -11.67 -31.53 13.08
CA ASN D 138 -12.11 -32.91 12.77
C ASN D 138 -10.97 -33.85 12.26
N PHE D 139 -9.70 -33.39 12.25
CA PHE D 139 -8.54 -34.18 11.80
C PHE D 139 -8.47 -35.57 12.44
N TRP D 140 -8.75 -35.67 13.77
CA TRP D 140 -8.69 -36.92 14.54
C TRP D 140 -9.65 -37.98 13.97
N GLN D 141 -10.77 -37.57 13.37
CA GLN D 141 -11.74 -38.46 12.74
C GLN D 141 -11.36 -38.90 11.33
N LYS D 142 -10.92 -37.96 10.51
CA LYS D 142 -10.64 -38.14 9.07
C LYS D 142 -9.46 -39.06 8.73
N GLN D 143 -8.37 -38.97 9.52
CA GLN D 143 -7.04 -39.61 9.45
C GLN D 143 -6.05 -38.59 8.88
N SER D 150 7.33 -35.59 9.18
CA SER D 150 8.71 -35.72 8.69
C SER D 150 9.73 -35.15 9.70
N LYS D 151 11.02 -35.50 9.51
CA LYS D 151 12.10 -35.03 10.38
C LYS D 151 12.69 -33.71 9.85
N PHE D 152 12.78 -32.69 10.73
CA PHE D 152 13.36 -31.38 10.48
C PHE D 152 14.34 -30.99 11.61
N ILE D 153 15.27 -30.03 11.35
CA ILE D 153 16.27 -29.57 12.32
C ILE D 153 15.58 -28.87 13.51
N PHE D 154 14.34 -28.37 13.30
CA PHE D 154 13.54 -27.72 14.32
C PHE D 154 12.34 -28.61 14.68
N GLU D 155 11.78 -28.44 15.91
CA GLU D 155 10.62 -29.19 16.36
C GLU D 155 9.40 -28.80 15.53
N THR D 156 8.58 -29.81 15.19
CA THR D 156 7.33 -29.59 14.47
C THR D 156 6.23 -30.22 15.30
N SER D 157 5.04 -29.61 15.30
CA SER D 157 3.90 -30.14 16.04
C SER D 157 2.60 -29.87 15.27
N MET D 158 1.75 -30.87 15.17
CA MET D 158 0.45 -30.76 14.49
C MET D 158 -0.61 -30.48 15.54
N VAL D 159 -1.15 -29.24 15.51
CA VAL D 159 -2.11 -28.76 16.51
C VAL D 159 -3.37 -28.18 15.87
N SER D 160 -4.48 -28.23 16.60
CA SER D 160 -5.74 -27.57 16.21
C SER D 160 -5.61 -26.08 16.63
N VAL D 161 -6.60 -25.22 16.33
CA VAL D 161 -6.55 -23.82 16.79
C VAL D 161 -6.57 -23.81 18.34
N GLU D 162 -7.29 -24.78 18.95
CA GLU D 162 -7.35 -24.95 20.41
C GLU D 162 -5.94 -25.23 20.94
N GLY D 163 -5.25 -26.16 20.30
CA GLY D 163 -3.87 -26.52 20.63
C GLY D 163 -2.93 -25.34 20.50
N LEU D 164 -3.09 -24.57 19.39
CA LEU D 164 -2.29 -23.38 19.09
C LEU D 164 -2.41 -22.29 20.19
N THR D 165 -3.61 -22.03 20.67
CA THR D 165 -3.85 -20.97 21.67
C THR D 165 -3.28 -21.31 23.07
N LYS D 166 -2.89 -22.56 23.31
CA LYS D 166 -2.25 -22.92 24.58
C LYS D 166 -0.77 -22.44 24.55
N LEU D 167 -0.18 -22.26 23.33
CA LEU D 167 1.22 -21.87 23.13
C LEU D 167 1.40 -20.40 22.77
N VAL D 168 0.35 -19.79 22.26
CA VAL D 168 0.35 -18.38 21.84
C VAL D 168 -0.92 -17.77 22.36
N ASP D 169 -0.79 -16.64 23.07
CA ASP D 169 -1.95 -15.91 23.58
C ASP D 169 -2.82 -15.41 22.39
N PRO D 170 -4.17 -15.54 22.44
CA PRO D 170 -5.00 -15.08 21.30
C PRO D 170 -4.79 -13.62 20.91
N SER D 171 -4.32 -12.74 21.84
CA SER D 171 -4.04 -11.34 21.54
C SER D 171 -2.82 -11.18 20.60
N GLN D 172 -2.04 -12.26 20.43
CA GLN D 172 -0.83 -12.28 19.60
C GLN D 172 -1.06 -13.05 18.30
N LEU D 173 -2.27 -13.59 18.12
CA LEU D 173 -2.66 -14.32 16.91
C LEU D 173 -3.51 -13.43 16.04
N THR D 174 -3.37 -13.57 14.72
CA THR D 174 -4.18 -12.81 13.78
C THR D 174 -5.54 -13.51 13.62
N GLU D 175 -6.47 -12.83 12.94
CA GLU D 175 -7.86 -13.15 12.63
C GLU D 175 -8.10 -14.60 12.23
N GLU D 176 -7.26 -15.14 11.31
CA GLU D 176 -7.38 -16.49 10.76
C GLU D 176 -7.35 -17.57 11.85
N PHE D 177 -6.70 -17.27 12.99
CA PHE D 177 -6.53 -18.22 14.09
C PHE D 177 -7.35 -17.79 15.31
N ASP D 178 -8.54 -17.20 15.05
CA ASP D 178 -9.52 -16.68 16.03
C ASP D 178 -8.83 -15.77 17.06
N GLY D 179 -7.80 -15.09 16.61
CA GLY D 179 -7.02 -14.17 17.44
C GLY D 179 -7.51 -12.74 17.33
N SER D 180 -6.98 -11.86 18.18
CA SER D 180 -7.40 -10.46 18.20
C SER D 180 -6.26 -9.48 17.86
N LEU D 181 -5.13 -9.99 17.32
CA LEU D 181 -4.05 -9.10 16.90
C LEU D 181 -4.42 -8.45 15.58
N ASP D 182 -4.43 -7.11 15.57
CA ASP D 182 -4.70 -6.36 14.35
C ASP D 182 -3.47 -6.39 13.49
N TYR D 183 -3.64 -6.73 12.22
CA TYR D 183 -2.55 -6.78 11.26
C TYR D 183 -3.09 -6.53 9.87
N ASN D 184 -2.65 -5.42 9.28
CA ASN D 184 -3.01 -5.01 7.94
C ASN D 184 -1.75 -5.17 7.09
N HIS D 185 -1.69 -6.26 6.31
CA HIS D 185 -0.52 -6.63 5.50
C HIS D 185 -0.14 -5.53 4.48
N GLU D 186 -1.10 -4.94 3.78
CA GLU D 186 -0.82 -3.87 2.79
C GLU D 186 -0.24 -2.61 3.46
N GLU D 187 -0.76 -2.22 4.64
CA GLU D 187 -0.21 -1.10 5.41
C GLU D 187 1.20 -1.42 5.90
N TRP D 188 1.45 -2.68 6.35
CA TRP D 188 2.76 -3.14 6.78
C TRP D 188 3.77 -3.03 5.64
N ILE D 189 3.39 -3.45 4.42
CA ILE D 189 4.26 -3.35 3.24
C ILE D 189 4.66 -1.88 3.00
N GLU D 190 3.69 -0.94 3.04
CA GLU D 190 3.96 0.50 2.83
C GLU D 190 4.93 1.03 3.86
N LEU D 191 4.74 0.63 5.12
CA LEU D 191 5.58 1.00 6.27
C LEU D 191 7.01 0.50 6.00
N ARG D 192 7.17 -0.79 5.60
CA ARG D 192 8.49 -1.37 5.32
C ARG D 192 9.20 -0.71 4.15
N LEU D 193 8.45 -0.33 3.10
CA LEU D 193 9.03 0.34 1.95
C LEU D 193 9.49 1.77 2.25
N SER D 194 8.96 2.39 3.32
CA SER D 194 9.31 3.76 3.71
CA SER D 194 9.30 3.76 3.70
C SER D 194 10.52 3.82 4.63
N LEU D 195 11.05 2.65 5.07
CA LEU D 195 12.21 2.56 5.96
C LEU D 195 13.51 2.83 5.19
N ALA E 23 73.41 1.91 -15.40
CA ALA E 23 74.31 2.99 -15.74
C ALA E 23 73.55 4.26 -16.16
N PHE E 24 72.40 4.14 -16.89
CA PHE E 24 71.59 5.30 -17.26
C PHE E 24 70.37 5.40 -16.36
N PHE E 25 69.70 4.27 -16.12
CA PHE E 25 68.46 4.25 -15.35
C PHE E 25 68.72 4.12 -13.88
N ARG E 26 67.78 4.64 -13.09
CA ARG E 26 67.79 4.49 -11.64
C ARG E 26 67.31 3.07 -11.32
N THR E 27 68.05 2.37 -10.46
CA THR E 27 67.73 1.00 -10.05
C THR E 27 67.85 0.87 -8.53
N GLY E 28 67.39 -0.25 -8.01
CA GLY E 28 67.44 -0.56 -6.60
C GLY E 28 66.33 0.07 -5.79
N SER E 29 66.60 0.17 -4.49
CA SER E 29 65.69 0.68 -3.47
C SER E 29 65.14 2.08 -3.79
N PHE E 30 63.87 2.32 -3.40
CA PHE E 30 63.22 3.64 -3.49
C PHE E 30 63.42 4.43 -2.18
N ARG E 31 64.09 3.82 -1.16
CA ARG E 31 64.30 4.41 0.18
C ARG E 31 64.81 5.86 0.13
N ASN E 32 65.78 6.16 -0.75
CA ASN E 32 66.39 7.49 -0.78
C ASN E 32 65.86 8.38 -1.89
N ASP E 33 64.76 7.99 -2.54
CA ASP E 33 64.23 8.78 -3.66
C ASP E 33 63.29 9.92 -3.24
N GLY E 34 63.04 10.07 -1.95
CA GLY E 34 62.19 11.11 -1.38
C GLY E 34 60.79 11.05 -1.91
N LEU E 35 60.18 9.84 -1.95
CA LEU E 35 58.83 9.68 -2.47
C LEU E 35 57.84 10.50 -1.65
N LYS E 36 56.91 11.18 -2.32
CA LYS E 36 55.85 11.95 -1.69
C LYS E 36 54.54 11.28 -2.07
N ALA E 37 53.45 11.64 -1.41
CA ALA E 37 52.13 11.10 -1.72
C ALA E 37 51.79 11.30 -3.22
N SER E 38 52.19 12.46 -3.80
CA SER E 38 51.93 12.76 -5.21
C SER E 38 52.62 11.74 -6.15
N ASP E 39 53.76 11.15 -5.72
CA ASP E 39 54.47 10.15 -6.54
C ASP E 39 53.76 8.81 -6.58
N VAL E 40 52.88 8.58 -5.61
CA VAL E 40 52.20 7.26 -5.51
C VAL E 40 50.70 7.45 -5.48
N LEU E 41 50.20 8.58 -5.98
CA LEU E 41 48.78 8.91 -5.84
C LEU E 41 47.84 7.84 -6.47
N PRO E 42 48.04 7.34 -7.71
CA PRO E 42 47.07 6.37 -8.26
C PRO E 42 46.92 5.11 -7.38
N ILE E 43 48.03 4.49 -6.95
CA ILE E 43 47.92 3.28 -6.13
C ILE E 43 47.42 3.60 -4.69
N LEU E 44 47.73 4.81 -4.16
CA LEU E 44 47.19 5.26 -2.87
C LEU E 44 45.67 5.26 -2.95
N LYS E 45 45.11 5.84 -4.04
CA LYS E 45 43.68 5.91 -4.25
C LYS E 45 43.04 4.53 -4.35
N GLU E 46 43.78 3.53 -4.88
CA GLU E 46 43.28 2.14 -5.01
C GLU E 46 43.10 1.49 -3.65
N LYS E 47 43.75 2.05 -2.60
CA LYS E 47 43.66 1.56 -1.22
C LYS E 47 44.09 0.08 -1.14
N VAL E 48 45.24 -0.22 -1.79
CA VAL E 48 45.89 -1.52 -1.70
C VAL E 48 46.40 -1.70 -0.26
N ALA E 49 46.92 -0.60 0.31
CA ALA E 49 47.41 -0.58 1.69
C ALA E 49 47.25 0.79 2.30
N PHE E 50 47.16 0.86 3.63
CA PHE E 50 47.05 2.14 4.31
C PHE E 50 47.68 2.10 5.70
N VAL E 51 48.03 3.27 6.20
CA VAL E 51 48.55 3.48 7.54
C VAL E 51 47.51 4.34 8.24
N SER E 52 46.65 3.68 9.03
CA SER E 52 45.51 4.32 9.69
C SER E 52 45.89 5.28 10.83
N GLY E 53 47.07 5.11 11.41
CA GLY E 53 47.45 5.86 12.61
C GLY E 53 47.29 4.99 13.84
N GLY E 54 46.66 3.83 13.65
CA GLY E 54 46.47 2.85 14.72
C GLY E 54 47.80 2.25 15.12
N ARG E 55 47.95 1.89 16.40
CA ARG E 55 49.19 1.32 16.92
C ARG E 55 48.93 -0.01 17.60
N ASP E 56 49.89 -0.92 17.54
CA ASP E 56 49.75 -2.22 18.22
C ASP E 56 49.99 -1.98 19.72
N LYS E 57 49.84 -3.04 20.54
CA LYS E 57 49.97 -2.95 22.00
C LYS E 57 51.39 -2.58 22.44
N ARG E 58 52.40 -2.75 21.57
CA ARG E 58 53.79 -2.40 21.88
C ARG E 58 54.07 -0.91 21.55
N GLY E 59 53.14 -0.25 20.86
CA GLY E 59 53.30 1.12 20.39
C GLY E 59 53.81 1.20 18.96
N GLY E 60 53.94 0.05 18.30
CA GLY E 60 54.40 -0.02 16.91
C GLY E 60 53.31 0.40 15.93
N PRO E 61 53.66 0.92 14.75
CA PRO E 61 52.63 1.33 13.79
C PRO E 61 51.98 0.16 13.06
N ILE E 62 50.72 0.32 12.67
CA ILE E 62 50.01 -0.71 11.92
C ILE E 62 49.93 -0.34 10.45
N LEU E 63 50.32 -1.30 9.61
CA LEU E 63 50.21 -1.22 8.15
C LEU E 63 49.14 -2.22 7.73
N THR E 64 48.07 -1.77 7.07
CA THR E 64 46.96 -2.64 6.72
C THR E 64 46.84 -2.85 5.22
N PHE E 65 46.64 -4.12 4.80
CA PHE E 65 46.32 -4.51 3.43
C PHE E 65 44.89 -5.02 3.49
N PRO E 66 43.88 -4.18 3.20
CA PRO E 66 42.50 -4.65 3.31
C PRO E 66 42.12 -5.55 2.13
N ALA E 67 40.91 -6.14 2.17
CA ALA E 67 40.34 -6.89 1.05
C ALA E 67 40.23 -5.91 -0.13
N ARG E 68 40.83 -6.25 -1.28
CA ARG E 68 40.98 -5.34 -2.43
C ARG E 68 39.64 -4.77 -2.92
N SER E 69 39.66 -3.48 -3.33
CA SER E 69 38.48 -2.75 -3.84
C SER E 69 38.05 -3.25 -5.22
N ASN E 70 39.00 -3.77 -6.01
CA ASN E 70 38.76 -4.36 -7.34
C ASN E 70 39.67 -5.58 -7.57
N HIS E 71 39.48 -6.32 -8.69
CA HIS E 71 40.30 -7.50 -9.01
C HIS E 71 41.48 -7.19 -9.98
N ASP E 72 41.66 -5.90 -10.39
CA ASP E 72 42.72 -5.48 -11.33
C ASP E 72 44.11 -5.83 -10.82
N ARG E 73 44.98 -6.35 -11.70
CA ARG E 73 46.35 -6.68 -11.30
C ARG E 73 47.15 -5.38 -11.19
N ILE E 74 48.16 -5.38 -10.32
CA ILE E 74 48.94 -4.15 -10.10
C ILE E 74 50.37 -4.36 -10.60
N ARG E 75 51.06 -3.24 -10.84
CA ARG E 75 52.47 -3.25 -11.31
C ARG E 75 53.37 -3.37 -10.08
N GLN E 76 54.33 -4.31 -10.11
CA GLN E 76 55.23 -4.54 -8.97
C GLN E 76 55.95 -3.25 -8.52
N GLU E 77 56.43 -2.43 -9.47
CA GLU E 77 57.11 -1.18 -9.11
C GLU E 77 56.17 -0.25 -8.33
N ASP E 78 54.86 -0.21 -8.68
CA ASP E 78 53.88 0.63 -7.98
C ASP E 78 53.72 0.18 -6.55
N LEU E 79 53.67 -1.14 -6.34
CA LEU E 79 53.55 -1.70 -4.99
C LEU E 79 54.82 -1.42 -4.17
N ARG E 80 56.00 -1.54 -4.80
CA ARG E 80 57.27 -1.25 -4.10
C ARG E 80 57.31 0.20 -3.65
N LYS E 81 56.91 1.13 -4.54
CA LYS E 81 56.86 2.56 -4.20
C LYS E 81 55.83 2.82 -3.09
N LEU E 82 54.65 2.17 -3.17
CA LEU E 82 53.61 2.34 -2.15
C LEU E 82 54.12 1.95 -0.76
N VAL E 83 54.68 0.74 -0.61
CA VAL E 83 55.13 0.26 0.72
C VAL E 83 56.33 1.10 1.20
N THR E 84 57.17 1.60 0.29
CA THR E 84 58.28 2.48 0.66
C THR E 84 57.72 3.79 1.23
N TYR E 85 56.72 4.38 0.56
CA TYR E 85 56.12 5.63 1.03
C TYR E 85 55.43 5.43 2.37
N LEU E 86 54.62 4.39 2.49
CA LEU E 86 53.86 4.13 3.72
C LEU E 86 54.76 3.87 4.92
N ALA E 87 55.96 3.31 4.70
CA ALA E 87 56.92 3.05 5.79
C ALA E 87 57.35 4.35 6.48
N SER E 88 57.39 5.48 5.72
CA SER E 88 57.82 6.81 6.18
C SER E 88 56.67 7.62 6.84
N VAL E 89 55.43 7.10 6.85
CA VAL E 89 54.26 7.83 7.36
C VAL E 89 54.31 8.02 8.88
N PRO E 90 54.48 6.99 9.74
CA PRO E 90 54.53 7.27 11.20
C PRO E 90 55.79 8.04 11.55
N SER E 91 55.84 8.63 12.77
CA SER E 91 57.03 9.34 13.24
C SER E 91 58.20 8.36 13.33
N GLU E 92 59.43 8.86 13.26
CA GLU E 92 60.67 8.08 13.34
C GLU E 92 60.67 7.16 14.58
N ASP E 93 60.30 7.70 15.77
CA ASP E 93 60.29 6.95 17.03
C ASP E 93 59.29 5.80 16.99
N VAL E 94 58.11 6.04 16.36
CA VAL E 94 57.09 5.00 16.26
C VAL E 94 57.59 3.89 15.29
N CYS E 95 58.14 4.27 14.10
CA CYS E 95 58.66 3.32 13.10
CA CYS E 95 58.67 3.31 13.10
C CYS E 95 59.75 2.41 13.69
N LYS E 96 60.60 2.96 14.59
CA LYS E 96 61.70 2.24 15.22
C LYS E 96 61.23 0.96 15.98
N ARG E 97 59.98 0.95 16.46
CA ARG E 97 59.41 -0.20 17.19
C ARG E 97 59.09 -1.39 16.26
N GLY E 98 59.08 -1.16 14.97
CA GLY E 98 58.75 -2.19 14.00
C GLY E 98 57.26 -2.19 13.73
N PHE E 99 56.88 -2.48 12.49
CA PHE E 99 55.46 -2.49 12.13
C PHE E 99 54.76 -3.79 12.46
N THR E 100 53.47 -3.69 12.75
CA THR E 100 52.55 -4.81 12.78
C THR E 100 51.82 -4.70 11.44
N VAL E 101 51.96 -5.69 10.58
CA VAL E 101 51.30 -5.68 9.28
C VAL E 101 50.06 -6.53 9.38
N ILE E 102 48.90 -6.03 8.93
CA ILE E 102 47.65 -6.79 8.96
C ILE E 102 47.20 -6.99 7.51
N ILE E 103 47.08 -8.24 7.09
CA ILE E 103 46.66 -8.57 5.73
C ILE E 103 45.32 -9.31 5.78
N ASP E 104 44.29 -8.72 5.15
CA ASP E 104 43.00 -9.42 5.16
C ASP E 104 42.92 -10.44 3.99
N MET E 105 42.85 -11.76 4.30
CA MET E 105 42.75 -12.82 3.28
C MET E 105 41.29 -13.30 3.12
N ARG E 106 40.34 -12.77 3.91
CA ARG E 106 38.94 -13.17 3.79
C ARG E 106 38.40 -12.77 2.41
N GLY E 107 37.83 -13.75 1.72
CA GLY E 107 37.31 -13.60 0.37
C GLY E 107 38.41 -13.63 -0.67
N SER E 108 39.65 -13.97 -0.27
CA SER E 108 40.82 -14.05 -1.14
C SER E 108 41.51 -15.41 -0.98
N LYS E 109 42.69 -15.55 -1.59
CA LYS E 109 43.46 -16.80 -1.63
C LYS E 109 44.92 -16.52 -1.37
N TRP E 110 45.69 -17.55 -0.94
CA TRP E 110 47.12 -17.44 -0.63
C TRP E 110 47.96 -16.93 -1.82
N ASP E 111 47.60 -17.30 -3.07
CA ASP E 111 48.32 -16.85 -4.27
C ASP E 111 48.18 -15.34 -4.49
N LEU E 112 47.18 -14.69 -3.87
CA LEU E 112 47.00 -13.25 -3.98
C LEU E 112 47.57 -12.51 -2.75
N ILE E 113 48.03 -13.27 -1.74
CA ILE E 113 48.58 -12.70 -0.49
C ILE E 113 50.10 -12.83 -0.45
N LYS E 114 50.61 -14.02 -0.83
CA LYS E 114 52.04 -14.32 -0.87
C LYS E 114 52.83 -13.22 -1.62
N PRO E 115 52.38 -12.66 -2.79
CA PRO E 115 53.16 -11.59 -3.44
C PRO E 115 53.28 -10.33 -2.61
N LEU E 116 52.29 -10.02 -1.77
CA LEU E 116 52.28 -8.92 -0.82
C LEU E 116 53.42 -9.11 0.21
N LEU E 117 53.53 -10.32 0.77
CA LEU E 117 54.58 -10.64 1.76
C LEU E 117 55.97 -10.60 1.11
N LYS E 118 56.09 -11.16 -0.12
CA LYS E 118 57.37 -11.18 -0.85
C LYS E 118 57.84 -9.77 -1.15
N THR E 119 56.93 -8.88 -1.55
CA THR E 119 57.26 -7.48 -1.87
C THR E 119 57.68 -6.75 -0.61
N LEU E 120 57.00 -7.02 0.53
CA LEU E 120 57.39 -6.40 1.80
C LEU E 120 58.80 -6.81 2.19
N GLN E 121 59.08 -8.11 2.06
CA GLN E 121 60.39 -8.65 2.40
C GLN E 121 61.48 -7.98 1.55
N GLU E 122 61.23 -7.81 0.26
CA GLU E 122 62.21 -7.26 -0.66
C GLU E 122 62.33 -5.73 -0.61
N ALA E 123 61.20 -5.01 -0.45
CA ALA E 123 61.19 -3.56 -0.61
C ALA E 123 60.88 -2.71 0.63
N PHE E 124 60.21 -3.25 1.66
CA PHE E 124 59.82 -2.44 2.84
C PHE E 124 61.08 -1.95 3.59
N PRO E 125 61.33 -0.62 3.67
CA PRO E 125 62.58 -0.13 4.28
C PRO E 125 62.61 -0.12 5.80
N ALA E 126 61.48 -0.41 6.47
CA ALA E 126 61.43 -0.44 7.94
C ALA E 126 61.36 -1.88 8.45
N GLU E 127 61.52 -2.07 9.74
CA GLU E 127 61.42 -3.43 10.26
C GLU E 127 59.95 -3.80 10.45
N ILE E 128 59.65 -5.06 10.15
CA ILE E 128 58.34 -5.69 10.33
C ILE E 128 58.47 -6.56 11.56
N HIS E 129 57.75 -6.19 12.62
CA HIS E 129 57.78 -6.96 13.84
C HIS E 129 57.02 -8.30 13.63
N VAL E 130 55.86 -8.22 12.98
CA VAL E 130 55.00 -9.36 12.73
C VAL E 130 53.99 -9.01 11.62
N ALA E 131 53.61 -10.02 10.81
CA ALA E 131 52.57 -9.93 9.76
C ALA E 131 51.44 -10.87 10.17
N LEU E 132 50.26 -10.31 10.36
CA LEU E 132 49.07 -11.02 10.79
C LEU E 132 48.16 -11.17 9.61
N ILE E 133 47.89 -12.42 9.23
CA ILE E 133 47.07 -12.67 8.07
C ILE E 133 45.72 -13.21 8.52
N ILE E 134 44.65 -12.45 8.25
CA ILE E 134 43.30 -12.87 8.63
C ILE E 134 42.83 -13.97 7.67
N LYS E 135 42.65 -15.18 8.18
CA LYS E 135 42.26 -16.35 7.41
C LYS E 135 40.86 -16.26 6.83
N PRO E 136 40.64 -16.81 5.60
CA PRO E 136 39.25 -16.90 5.10
C PRO E 136 38.45 -17.93 5.90
N ASP E 137 37.12 -17.98 5.70
CA ASP E 137 36.23 -18.95 6.36
C ASP E 137 36.63 -20.41 6.00
N ASN E 138 37.38 -20.58 4.88
CA ASN E 138 37.96 -21.81 4.32
C ASN E 138 38.65 -22.67 5.40
N SER E 150 55.23 -19.25 6.03
CA SER E 150 56.28 -18.96 7.03
C SER E 150 57.66 -18.94 6.36
N LYS E 151 57.69 -18.65 5.06
CA LYS E 151 58.96 -18.61 4.28
C LYS E 151 59.39 -17.15 4.09
N PHE E 152 59.21 -16.32 5.13
CA PHE E 152 59.58 -14.88 5.07
C PHE E 152 60.50 -14.53 6.24
N ILE E 153 61.34 -13.46 6.14
CA ILE E 153 62.32 -13.24 7.24
C ILE E 153 61.68 -12.52 8.46
N PHE E 154 60.42 -12.10 8.38
CA PHE E 154 59.69 -11.57 9.54
C PHE E 154 58.67 -12.64 9.94
N GLU E 155 58.25 -12.65 11.22
CA GLU E 155 57.25 -13.59 11.70
C GLU E 155 55.90 -13.36 11.03
N THR E 156 55.22 -14.45 10.62
CA THR E 156 53.88 -14.39 10.03
C THR E 156 52.97 -15.29 10.85
N SER E 157 51.73 -14.84 11.07
CA SER E 157 50.79 -15.63 11.84
C SER E 157 49.41 -15.58 11.18
N MET E 158 48.80 -16.78 11.02
CA MET E 158 47.45 -16.91 10.46
C MET E 158 46.49 -16.75 11.62
N VAL E 159 45.61 -15.74 11.56
CA VAL E 159 44.70 -15.44 12.67
C VAL E 159 43.26 -15.28 12.23
N SER E 160 42.34 -15.32 13.22
CA SER E 160 40.93 -14.97 13.03
C SER E 160 40.85 -13.44 13.30
N VAL E 161 39.72 -12.77 13.00
CA VAL E 161 39.60 -11.34 13.35
C VAL E 161 39.75 -11.14 14.84
N GLU E 162 39.26 -12.10 15.66
CA GLU E 162 39.37 -12.01 17.11
C GLU E 162 40.83 -12.16 17.54
N GLY E 163 41.58 -13.03 16.84
CA GLY E 163 43.00 -13.27 17.12
C GLY E 163 43.87 -12.04 16.98
N LEU E 164 43.38 -11.02 16.24
CA LEU E 164 44.08 -9.73 16.12
C LEU E 164 44.13 -9.00 17.45
N THR E 165 43.10 -9.19 18.31
CA THR E 165 42.96 -8.47 19.59
C THR E 165 44.01 -8.93 20.60
N LYS E 166 44.72 -10.04 20.29
CA LYS E 166 45.83 -10.51 21.13
C LYS E 166 46.99 -9.49 21.06
N LEU E 167 47.21 -8.91 19.89
CA LEU E 167 48.35 -8.00 19.67
C LEU E 167 47.93 -6.56 19.41
N VAL E 168 46.65 -6.33 19.12
CA VAL E 168 46.16 -4.98 18.83
C VAL E 168 44.85 -4.75 19.58
N ASP E 169 44.77 -3.64 20.31
CA ASP E 169 43.54 -3.23 21.00
C ASP E 169 42.47 -2.87 19.93
N PRO E 170 41.18 -3.25 20.14
CA PRO E 170 40.14 -2.94 19.13
C PRO E 170 39.98 -1.44 18.79
N SER E 171 40.36 -0.54 19.71
CA SER E 171 40.31 0.91 19.47
C SER E 171 41.35 1.36 18.41
N GLN E 172 42.30 0.47 18.10
CA GLN E 172 43.40 0.74 17.15
C GLN E 172 43.19 -0.02 15.84
N LEU E 173 42.11 -0.80 15.76
CA LEU E 173 41.74 -1.53 14.55
C LEU E 173 40.65 -0.79 13.82
N THR E 174 40.70 -0.80 12.48
CA THR E 174 39.68 -0.12 11.68
C THR E 174 38.43 -1.03 11.61
N GLU E 175 37.32 -0.46 11.11
CA GLU E 175 35.98 -1.05 11.06
C GLU E 175 35.93 -2.43 10.37
N GLU E 176 36.81 -2.69 9.34
CA GLU E 176 36.91 -3.98 8.61
C GLU E 176 37.18 -5.13 9.56
N PHE E 177 37.91 -4.86 10.66
CA PHE E 177 38.37 -5.88 11.61
C PHE E 177 37.65 -5.80 12.96
N ASP E 178 36.38 -5.33 12.95
CA ASP E 178 35.51 -5.15 14.10
C ASP E 178 36.13 -4.20 15.15
N GLY E 179 36.93 -3.25 14.68
CA GLY E 179 37.56 -2.25 15.53
C GLY E 179 36.80 -0.94 15.54
N SER E 180 37.21 0.00 16.40
CA SER E 180 36.54 1.29 16.52
C SER E 180 37.43 2.48 16.10
N LEU E 181 38.57 2.24 15.46
CA LEU E 181 39.40 3.35 14.98
C LEU E 181 38.80 3.98 13.72
N ASP E 182 38.47 5.26 13.76
CA ASP E 182 37.95 5.96 12.59
C ASP E 182 39.09 6.25 11.64
N TYR E 183 38.88 6.00 10.35
CA TYR E 183 39.90 6.26 9.34
C TYR E 183 39.24 6.52 7.99
N ASN E 184 39.43 7.72 7.45
CA ASN E 184 38.90 8.14 6.15
C ASN E 184 40.09 8.26 5.22
N HIS E 185 40.27 7.26 4.36
CA HIS E 185 41.42 7.15 3.45
C HIS E 185 41.53 8.32 2.47
N GLU E 186 40.40 8.76 1.88
CA GLU E 186 40.45 9.88 0.94
C GLU E 186 40.83 11.20 1.63
N GLU E 187 40.34 11.43 2.85
CA GLU E 187 40.71 12.61 3.63
C GLU E 187 42.20 12.54 4.00
N TRP E 188 42.70 11.33 4.37
CA TRP E 188 44.11 11.12 4.69
C TRP E 188 44.98 11.48 3.46
N ILE E 189 44.60 11.02 2.24
CA ILE E 189 45.35 11.29 1.02
C ILE E 189 45.46 12.82 0.81
N GLU E 190 44.34 13.55 0.92
CA GLU E 190 44.35 15.01 0.76
C GLU E 190 45.26 15.68 1.80
N LEU E 191 45.22 15.24 3.07
CA LEU E 191 46.09 15.71 4.15
C LEU E 191 47.56 15.50 3.74
N ARG E 192 47.92 14.29 3.28
CA ARG E 192 49.31 13.97 2.86
C ARG E 192 49.76 14.82 1.69
N LEU E 193 48.88 15.04 0.70
CA LEU E 193 49.22 15.87 -0.47
C LEU E 193 49.48 17.35 -0.08
N SER E 194 48.90 17.80 1.05
CA SER E 194 49.04 19.19 1.49
C SER E 194 50.33 19.45 2.29
N LEU E 195 51.08 18.40 2.69
CA LEU E 195 52.30 18.54 3.49
C LEU E 195 53.47 19.21 2.75
N ALA F 23 -6.69 30.88 8.32
CA ALA F 23 -8.02 30.40 8.72
C ALA F 23 -8.30 29.01 8.12
N PHE F 24 -8.06 28.81 6.78
CA PHE F 24 -8.22 27.55 6.07
C PHE F 24 -7.21 26.49 6.56
N PHE F 25 -5.98 26.92 6.83
CA PHE F 25 -4.92 26.02 7.25
C PHE F 25 -4.85 25.87 8.74
N ARG F 26 -4.33 24.73 9.19
CA ARG F 26 -4.08 24.47 10.61
C ARG F 26 -2.77 25.16 10.94
N THR F 27 -2.73 25.94 12.02
CA THR F 27 -1.52 26.67 12.43
C THR F 27 -1.27 26.45 13.92
N GLY F 28 -0.09 26.84 14.38
CA GLY F 28 0.30 26.76 15.78
C GLY F 28 0.81 25.40 16.20
N SER F 29 0.73 25.14 17.51
CA SER F 29 1.22 23.94 18.17
C SER F 29 0.71 22.61 17.55
N PHE F 30 1.56 21.58 17.63
CA PHE F 30 1.24 20.21 17.19
C PHE F 30 0.76 19.37 18.37
N ARG F 31 0.69 19.99 19.55
CA ARG F 31 0.34 19.36 20.82
C ARG F 31 -0.96 18.57 20.78
N ASN F 32 -1.99 19.05 20.06
CA ASN F 32 -3.28 18.36 20.00
C ASN F 32 -3.49 17.56 18.70
N ASP F 33 -2.45 17.40 17.88
CA ASP F 33 -2.61 16.74 16.57
C ASP F 33 -2.47 15.23 16.61
N GLY F 34 -2.16 14.64 17.77
CA GLY F 34 -2.02 13.19 17.91
C GLY F 34 -0.96 12.59 16.99
N LEU F 35 0.22 13.22 16.96
CA LEU F 35 1.32 12.77 16.11
C LEU F 35 1.76 11.35 16.46
N LYS F 36 2.04 10.56 15.43
CA LYS F 36 2.55 9.20 15.50
C LYS F 36 3.94 9.16 14.85
N ALA F 37 4.70 8.06 15.05
CA ALA F 37 6.03 7.90 14.44
C ALA F 37 5.97 8.08 12.91
N SER F 38 4.88 7.59 12.26
CA SER F 38 4.70 7.69 10.80
C SER F 38 4.62 9.17 10.36
N ASP F 39 4.18 10.09 11.24
CA ASP F 39 4.08 11.51 10.92
C ASP F 39 5.43 12.22 10.91
N VAL F 40 6.43 11.62 11.57
CA VAL F 40 7.74 12.25 11.70
C VAL F 40 8.85 11.31 11.21
N LEU F 41 8.48 10.33 10.39
CA LEU F 41 9.41 9.29 9.94
C LEU F 41 10.68 9.85 9.25
N PRO F 42 10.65 10.78 8.26
CA PRO F 42 11.91 11.23 7.64
C PRO F 42 12.90 11.84 8.66
N ILE F 43 12.43 12.73 9.59
CA ILE F 43 13.34 13.32 10.56
C ILE F 43 13.75 12.29 11.65
N LEU F 44 12.88 11.30 11.94
CA LEU F 44 13.26 10.22 12.87
C LEU F 44 14.45 9.46 12.30
N LYS F 45 14.39 9.13 10.99
CA LYS F 45 15.46 8.41 10.30
C LYS F 45 16.77 9.22 10.30
N GLU F 46 16.68 10.57 10.25
CA GLU F 46 17.86 11.45 10.28
C GLU F 46 18.55 11.42 11.65
N LYS F 47 17.84 10.95 12.70
CA LYS F 47 18.38 10.83 14.07
C LYS F 47 18.89 12.21 14.57
N VAL F 48 18.07 13.25 14.36
CA VAL F 48 18.33 14.60 14.87
C VAL F 48 18.24 14.53 16.41
N ALA F 49 17.28 13.74 16.90
CA ALA F 49 17.10 13.53 18.33
C ALA F 49 16.48 12.16 18.57
N PHE F 50 16.70 11.62 19.78
CA PHE F 50 16.16 10.31 20.13
C PHE F 50 15.90 10.19 21.62
N VAL F 51 15.01 9.28 21.99
CA VAL F 51 14.68 8.95 23.37
C VAL F 51 15.10 7.49 23.52
N SER F 52 16.29 7.28 24.11
CA SER F 52 16.92 5.97 24.23
C SER F 52 16.26 5.02 25.23
N GLY F 53 15.51 5.56 26.19
CA GLY F 53 14.95 4.77 27.29
C GLY F 53 15.81 4.93 28.53
N GLY F 54 16.96 5.59 28.37
CA GLY F 54 17.87 5.90 29.46
C GLY F 54 17.24 6.93 30.39
N ARG F 55 17.62 6.88 31.65
CA ARG F 55 17.05 7.80 32.66
C ARG F 55 18.17 8.48 33.46
N ASP F 56 17.89 9.69 33.96
CA ASP F 56 18.88 10.42 34.78
C ASP F 56 18.83 9.90 36.22
N LYS F 57 19.77 10.34 37.05
CA LYS F 57 19.88 9.88 38.45
C LYS F 57 18.59 10.16 39.24
N ARG F 58 17.76 11.09 38.79
CA ARG F 58 16.50 11.40 39.48
C ARG F 58 15.34 10.50 38.97
N GLY F 59 15.58 9.76 37.89
CA GLY F 59 14.57 8.90 37.27
C GLY F 59 13.84 9.55 36.12
N GLY F 60 14.28 10.76 35.75
CA GLY F 60 13.70 11.52 34.65
C GLY F 60 14.12 10.97 33.29
N PRO F 61 13.33 11.15 32.21
CA PRO F 61 13.73 10.58 30.92
C PRO F 61 14.80 11.41 30.22
N ILE F 62 15.64 10.77 29.41
CA ILE F 62 16.70 11.47 28.66
C ILE F 62 16.29 11.65 27.20
N LEU F 63 16.43 12.90 26.71
CA LEU F 63 16.24 13.26 25.32
C LEU F 63 17.62 13.64 24.79
N THR F 64 18.10 12.96 23.74
CA THR F 64 19.43 13.24 23.21
C THR F 64 19.42 13.85 21.80
N PHE F 65 20.26 14.88 21.60
CA PHE F 65 20.56 15.49 20.31
C PHE F 65 22.01 15.15 20.03
N PRO F 66 22.29 14.08 19.25
CA PRO F 66 23.70 13.73 19.02
C PRO F 66 24.36 14.69 18.03
N ALA F 67 25.68 14.60 17.90
CA ALA F 67 26.42 15.37 16.90
C ALA F 67 26.08 14.76 15.55
N ARG F 68 25.88 15.58 14.52
CA ARG F 68 25.58 14.99 13.20
C ARG F 68 26.58 15.45 12.14
N HIS F 71 26.29 19.34 8.41
CA HIS F 71 25.13 18.66 7.84
C HIS F 71 24.09 19.66 7.30
N ASP F 72 23.12 19.14 6.52
CA ASP F 72 22.03 19.89 5.89
C ASP F 72 21.14 20.57 6.92
N ARG F 73 20.59 21.73 6.55
CA ARG F 73 19.67 22.47 7.42
C ARG F 73 18.34 21.74 7.49
N ILE F 74 17.67 21.82 8.64
CA ILE F 74 16.39 21.14 8.83
C ILE F 74 15.26 22.17 8.83
N ARG F 75 14.04 21.71 8.53
CA ARG F 75 12.85 22.56 8.51
C ARG F 75 12.36 22.73 9.94
N GLN F 76 12.07 23.97 10.36
CA GLN F 76 11.62 24.25 11.73
C GLN F 76 10.36 23.46 12.09
N GLU F 77 9.39 23.36 11.17
CA GLU F 77 8.16 22.60 11.43
C GLU F 77 8.46 21.11 11.68
N ASP F 78 9.45 20.53 10.96
CA ASP F 78 9.84 19.13 11.17
C ASP F 78 10.43 18.93 12.55
N LEU F 79 11.26 19.87 13.01
CA LEU F 79 11.85 19.82 14.35
C LEU F 79 10.75 19.97 15.43
N ARG F 80 9.78 20.87 15.20
CA ARG F 80 8.69 21.05 16.18
C ARG F 80 7.88 19.76 16.32
N LYS F 81 7.57 19.12 15.18
CA LYS F 81 6.83 17.86 15.19
C LYS F 81 7.63 16.77 15.88
N LEU F 82 8.94 16.68 15.58
CA LEU F 82 9.81 15.68 16.19
C LEU F 82 9.82 15.78 17.72
N VAL F 83 10.07 16.97 18.27
CA VAL F 83 10.18 17.12 19.73
C VAL F 83 8.80 16.92 20.39
N THR F 84 7.71 17.28 19.69
CA THR F 84 6.35 17.03 20.21
C THR F 84 6.12 15.51 20.34
N TYR F 85 6.47 14.76 19.28
CA TYR F 85 6.33 13.30 19.29
C TYR F 85 7.21 12.64 20.37
N LEU F 86 8.49 13.03 20.44
CA LEU F 86 9.42 12.41 21.38
C LEU F 86 9.03 12.64 22.83
N ALA F 87 8.34 13.77 23.13
CA ALA F 87 7.88 14.08 24.49
C ALA F 87 6.89 13.02 24.98
N SER F 88 6.12 12.39 24.05
CA SER F 88 5.11 11.38 24.37
C SER F 88 5.66 9.93 24.48
N VAL F 89 6.96 9.72 24.23
CA VAL F 89 7.57 8.39 24.23
C VAL F 89 7.66 7.80 25.67
N PRO F 90 8.23 8.47 26.72
CA PRO F 90 8.24 7.84 28.05
C PRO F 90 6.84 7.79 28.65
N SER F 91 6.67 6.99 29.71
CA SER F 91 5.39 6.90 30.41
C SER F 91 5.09 8.24 31.09
N GLU F 92 3.80 8.49 31.37
CA GLU F 92 3.33 9.71 32.05
C GLU F 92 4.08 9.95 33.37
N ASP F 93 4.22 8.90 34.20
CA ASP F 93 4.91 8.97 35.50
C ASP F 93 6.39 9.36 35.36
N VAL F 94 7.06 8.83 34.33
CA VAL F 94 8.48 9.13 34.09
C VAL F 94 8.60 10.60 33.60
N CYS F 95 7.71 11.02 32.68
CA CYS F 95 7.66 12.36 32.11
CA CYS F 95 7.68 12.39 32.12
C CYS F 95 7.46 13.44 33.19
N LYS F 96 6.66 13.11 34.23
CA LYS F 96 6.34 14.01 35.34
C LYS F 96 7.59 14.50 36.09
N ARG F 97 8.68 13.74 36.04
CA ARG F 97 9.94 14.08 36.71
C ARG F 97 10.73 15.14 35.93
N GLY F 98 10.34 15.38 34.67
CA GLY F 98 11.01 16.35 33.82
C GLY F 98 12.18 15.71 33.08
N PHE F 99 12.41 16.13 31.85
CA PHE F 99 13.47 15.54 31.02
C PHE F 99 14.83 16.10 31.33
N THR F 100 15.84 15.28 31.10
CA THR F 100 17.23 15.72 31.02
C THR F 100 17.53 15.71 29.53
N VAL F 101 17.83 16.88 28.96
CA VAL F 101 18.13 16.98 27.54
C VAL F 101 19.63 17.00 27.40
N ILE F 102 20.20 16.13 26.54
CA ILE F 102 21.64 16.12 26.30
C ILE F 102 21.87 16.56 24.86
N ILE F 103 22.61 17.66 24.66
CA ILE F 103 22.94 18.14 23.33
C ILE F 103 24.46 18.09 23.14
N ASP F 104 24.93 17.34 22.15
CA ASP F 104 26.37 17.27 21.91
C ASP F 104 26.81 18.47 21.06
N MET F 105 27.66 19.33 21.65
CA MET F 105 28.18 20.51 20.95
C MET F 105 29.62 20.27 20.49
N ARG F 106 30.19 19.07 20.75
CA ARG F 106 31.54 18.72 20.29
C ARG F 106 31.54 18.72 18.75
N GLY F 107 32.43 19.48 18.14
CA GLY F 107 32.49 19.62 16.69
C GLY F 107 31.45 20.60 16.16
N SER F 108 30.83 21.37 17.06
CA SER F 108 29.83 22.39 16.71
C SER F 108 30.14 23.68 17.53
N LYS F 109 29.17 24.60 17.64
CA LYS F 109 29.31 25.88 18.35
C LYS F 109 27.98 26.36 18.89
N TRP F 110 27.98 27.33 19.85
CA TRP F 110 26.78 27.82 20.52
C TRP F 110 25.70 28.36 19.57
N ASP F 111 26.08 29.10 18.53
CA ASP F 111 25.13 29.70 17.57
C ASP F 111 24.29 28.66 16.82
N LEU F 112 24.77 27.40 16.77
CA LEU F 112 24.06 26.32 16.09
C LEU F 112 23.30 25.44 17.09
N ILE F 113 23.54 25.66 18.39
CA ILE F 113 22.85 24.90 19.45
C ILE F 113 21.67 25.68 19.99
N LYS F 114 21.86 27.00 20.21
CA LYS F 114 20.84 27.91 20.76
C LYS F 114 19.48 27.77 20.00
N PRO F 115 19.42 27.64 18.64
CA PRO F 115 18.11 27.47 17.98
C PRO F 115 17.39 26.17 18.38
N LEU F 116 18.15 25.10 18.71
CA LEU F 116 17.56 23.83 19.18
C LEU F 116 16.88 24.08 20.53
N LEU F 117 17.58 24.81 21.42
CA LEU F 117 17.03 25.12 22.74
C LEU F 117 15.83 26.05 22.67
N LYS F 118 15.86 27.05 21.77
CA LYS F 118 14.72 27.96 21.57
C LYS F 118 13.49 27.19 21.08
N THR F 119 13.68 26.22 20.14
CA THR F 119 12.60 25.39 19.62
C THR F 119 12.04 24.50 20.72
N LEU F 120 12.93 23.87 21.53
CA LEU F 120 12.46 23.05 22.65
C LEU F 120 11.63 23.89 23.63
N GLN F 121 12.10 25.11 23.97
CA GLN F 121 11.39 26.00 24.89
C GLN F 121 9.99 26.35 24.35
N GLU F 122 9.89 26.63 23.05
CA GLU F 122 8.63 27.02 22.42
C GLU F 122 7.68 25.86 22.14
N ALA F 123 8.21 24.71 21.68
CA ALA F 123 7.40 23.60 21.19
C ALA F 123 7.35 22.33 22.07
N PHE F 124 8.38 22.03 22.88
CA PHE F 124 8.39 20.82 23.71
C PHE F 124 7.26 20.83 24.75
N PRO F 125 6.30 19.88 24.69
CA PRO F 125 5.16 19.95 25.61
C PRO F 125 5.41 19.41 27.03
N ALA F 126 6.60 18.86 27.30
CA ALA F 126 6.93 18.33 28.61
C ALA F 126 7.90 19.26 29.35
N GLU F 127 8.08 19.03 30.64
CA GLU F 127 9.00 19.83 31.42
C GLU F 127 10.44 19.36 31.14
N ILE F 128 11.35 20.33 31.06
CA ILE F 128 12.78 20.08 30.92
C ILE F 128 13.40 20.44 32.28
N HIS F 129 13.92 19.44 32.97
CA HIS F 129 14.58 19.68 34.25
C HIS F 129 15.90 20.41 34.03
N VAL F 130 16.67 19.96 33.02
CA VAL F 130 17.97 20.54 32.68
C VAL F 130 18.35 20.16 31.24
N ALA F 131 19.01 21.09 30.54
CA ALA F 131 19.61 20.86 29.25
C ALA F 131 21.12 20.89 29.45
N LEU F 132 21.76 19.77 29.18
CA LEU F 132 23.20 19.57 29.32
C LEU F 132 23.85 19.64 27.95
N ILE F 133 24.73 20.62 27.76
CA ILE F 133 25.39 20.84 26.49
C ILE F 133 26.82 20.32 26.64
N ILE F 134 27.18 19.28 25.86
CA ILE F 134 28.52 18.66 25.91
C ILE F 134 29.46 19.60 25.18
N LYS F 135 30.32 20.26 25.95
CA LYS F 135 31.20 21.27 25.39
C LYS F 135 32.40 20.61 24.74
N PRO F 136 32.96 21.22 23.67
CA PRO F 136 34.20 20.69 23.10
C PRO F 136 35.35 20.84 24.11
N ASP F 137 36.46 20.10 23.90
CA ASP F 137 37.65 20.15 24.77
C ASP F 137 38.38 21.52 24.75
N ASN F 138 38.08 22.37 23.75
CA ASN F 138 38.71 23.69 23.60
C ASN F 138 37.83 24.85 24.10
N PHE F 139 36.58 24.55 24.55
CA PHE F 139 35.58 25.53 24.96
C PHE F 139 36.11 26.64 25.89
N TRP F 140 37.04 26.31 26.81
CA TRP F 140 37.62 27.27 27.77
C TRP F 140 38.25 28.49 27.06
N GLN F 141 38.73 28.29 25.81
CA GLN F 141 39.36 29.31 24.95
C GLN F 141 38.36 30.35 24.45
N LYS F 142 37.15 29.91 24.15
CA LYS F 142 36.09 30.72 23.56
C LYS F 142 35.46 31.70 24.54
N GLN F 143 34.86 32.78 23.99
CA GLN F 143 34.11 33.73 24.79
C GLN F 143 32.69 33.16 24.89
N LYS F 144 32.14 33.15 26.11
CA LYS F 144 30.83 32.53 26.38
C LYS F 144 29.83 33.56 26.99
N THR F 145 29.95 34.82 26.54
CA THR F 145 29.11 35.95 26.95
C THR F 145 27.66 35.72 26.51
N ASN F 146 27.45 35.42 25.19
CA ASN F 146 26.10 35.17 24.66
C ASN F 146 25.47 33.99 25.37
N PHE F 147 26.18 32.85 25.44
CA PHE F 147 25.67 31.67 26.15
C PHE F 147 25.31 32.03 27.62
N GLY F 148 26.23 32.68 28.32
CA GLY F 148 26.10 33.04 29.73
C GLY F 148 24.90 33.92 30.08
N SER F 149 24.43 34.72 29.11
CA SER F 149 23.29 35.63 29.33
C SER F 149 22.02 35.17 28.59
N SER F 150 22.08 34.02 27.88
CA SER F 150 20.93 33.47 27.14
C SER F 150 19.84 33.03 28.13
N LYS F 151 18.61 33.48 27.87
CA LYS F 151 17.51 33.21 28.80
C LYS F 151 16.68 32.04 28.35
N PHE F 152 16.52 31.07 29.26
CA PHE F 152 15.68 29.89 29.06
C PHE F 152 14.86 29.67 30.31
N ILE F 153 13.68 29.05 30.15
CA ILE F 153 12.77 28.71 31.27
C ILE F 153 13.45 27.63 32.12
N PHE F 154 14.28 26.77 31.49
CA PHE F 154 14.98 25.66 32.13
C PHE F 154 16.45 25.94 32.33
N GLU F 155 17.07 25.23 33.30
CA GLU F 155 18.49 25.31 33.55
C GLU F 155 19.23 24.74 32.32
N THR F 156 20.31 25.42 31.89
CA THR F 156 21.15 25.05 30.74
C THR F 156 22.61 25.08 31.20
N SER F 157 23.29 23.91 31.18
CA SER F 157 24.67 23.80 31.65
C SER F 157 25.61 23.26 30.60
N MET F 158 26.76 23.93 30.43
CA MET F 158 27.89 23.47 29.60
C MET F 158 28.67 22.50 30.44
N VAL F 159 28.80 21.25 29.99
CA VAL F 159 29.49 20.24 30.78
C VAL F 159 30.43 19.43 29.88
N SER F 160 31.44 18.79 30.50
CA SER F 160 32.31 17.86 29.79
C SER F 160 31.59 16.50 29.79
N VAL F 161 32.06 15.49 29.04
CA VAL F 161 31.45 14.15 29.09
C VAL F 161 31.56 13.56 30.50
N GLU F 162 32.60 13.95 31.28
CA GLU F 162 32.81 13.52 32.66
C GLU F 162 31.79 14.20 33.57
N GLY F 163 31.53 15.49 33.36
CA GLY F 163 30.56 16.26 34.12
C GLY F 163 29.13 15.76 33.99
N LEU F 164 28.84 15.09 32.86
CA LEU F 164 27.56 14.49 32.53
C LEU F 164 27.23 13.35 33.49
N THR F 165 28.28 12.56 33.87
CA THR F 165 28.15 11.39 34.75
C THR F 165 27.75 11.78 36.19
N LYS F 166 27.82 13.08 36.54
CA LYS F 166 27.37 13.54 37.85
C LYS F 166 25.84 13.51 37.92
N LEU F 167 25.17 13.67 36.75
CA LEU F 167 23.72 13.73 36.67
C LEU F 167 23.12 12.48 36.03
N VAL F 168 23.91 11.72 35.26
CA VAL F 168 23.44 10.53 34.57
C VAL F 168 24.45 9.41 34.73
N ASP F 169 23.99 8.25 35.19
CA ASP F 169 24.86 7.07 35.34
C ASP F 169 25.31 6.59 33.95
N PRO F 170 26.60 6.17 33.75
CA PRO F 170 27.05 5.73 32.42
C PRO F 170 26.25 4.58 31.80
N SER F 171 25.57 3.75 32.64
CA SER F 171 24.71 2.65 32.14
C SER F 171 23.44 3.20 31.45
N GLN F 172 23.14 4.49 31.64
CA GLN F 172 21.97 5.16 31.09
C GLN F 172 22.33 6.09 29.92
N LEU F 173 23.64 6.17 29.61
CA LEU F 173 24.15 6.97 28.50
C LEU F 173 24.46 6.07 27.32
N THR F 174 24.20 6.57 26.11
CA THR F 174 24.48 5.80 24.89
C THR F 174 25.98 5.93 24.56
N GLU F 175 26.43 5.15 23.55
CA GLU F 175 27.79 5.03 23.03
C GLU F 175 28.51 6.39 22.83
N GLU F 176 27.83 7.39 22.23
CA GLU F 176 28.37 8.73 21.93
C GLU F 176 28.95 9.44 23.16
N PHE F 177 28.47 9.11 24.36
CA PHE F 177 28.91 9.75 25.61
C PHE F 177 29.66 8.78 26.50
N ASP F 178 30.36 7.79 25.88
CA ASP F 178 31.15 6.74 26.53
C ASP F 178 30.30 5.94 27.55
N GLY F 179 29.01 5.81 27.25
CA GLY F 179 28.07 5.09 28.09
C GLY F 179 27.90 3.65 27.62
N SER F 180 27.19 2.84 28.41
CA SER F 180 26.99 1.42 28.08
C SER F 180 25.52 1.08 27.78
N LEU F 181 24.64 2.10 27.61
CA LEU F 181 23.25 1.79 27.28
C LEU F 181 23.14 1.37 25.81
N ASP F 182 22.62 0.16 25.57
CA ASP F 182 22.40 -0.31 24.20
C ASP F 182 21.17 0.37 23.66
N TYR F 183 21.28 0.93 22.46
CA TYR F 183 20.17 1.60 21.80
C TYR F 183 20.36 1.52 20.30
N ASN F 184 19.42 0.84 19.63
CA ASN F 184 19.40 0.66 18.19
C ASN F 184 18.26 1.51 17.65
N HIS F 185 18.60 2.69 17.11
CA HIS F 185 17.63 3.69 16.63
C HIS F 185 16.73 3.14 15.51
N GLU F 186 17.30 2.41 14.53
CA GLU F 186 16.51 1.83 13.44
C GLU F 186 15.48 0.82 13.97
N GLU F 187 15.89 -0.04 14.93
CA GLU F 187 14.99 -1.01 15.54
C GLU F 187 13.88 -0.29 16.32
N TRP F 188 14.24 0.78 17.06
CA TRP F 188 13.30 1.57 17.83
C TRP F 188 12.23 2.15 16.90
N ILE F 189 12.64 2.75 15.75
CA ILE F 189 11.71 3.31 14.76
C ILE F 189 10.69 2.23 14.30
N GLU F 190 11.17 1.02 13.94
CA GLU F 190 10.31 -0.08 13.46
C GLU F 190 9.30 -0.48 14.53
N LEU F 191 9.75 -0.52 15.79
CA LEU F 191 8.93 -0.85 16.95
C LEU F 191 7.83 0.20 17.12
N ARG F 192 8.15 1.52 17.06
CA ARG F 192 7.19 2.64 17.20
C ARG F 192 6.18 2.67 16.05
N LEU F 193 6.61 2.30 14.84
CA LEU F 193 5.72 2.28 13.68
C LEU F 193 4.68 1.15 13.80
N SER F 194 4.97 0.09 14.58
CA SER F 194 4.08 -1.05 14.78
C SER F 194 3.02 -0.79 15.89
N LEU F 195 3.07 0.38 16.58
CA LEU F 195 2.12 0.76 17.63
C LEU F 195 1.46 2.11 17.33
N ALA G 23 5.77 -31.65 -8.45
CA ALA G 23 6.66 -30.60 -7.96
C ALA G 23 5.87 -29.36 -7.50
N PHE G 24 6.22 -28.83 -6.33
CA PHE G 24 5.60 -27.67 -5.69
C PHE G 24 6.08 -26.34 -6.30
N PHE G 25 7.36 -26.26 -6.64
CA PHE G 25 7.95 -25.05 -7.18
C PHE G 25 7.92 -24.98 -8.67
N ARG G 26 7.84 -23.75 -9.20
CA ARG G 26 7.94 -23.46 -10.61
C ARG G 26 9.43 -23.44 -10.95
N THR G 27 9.81 -24.13 -12.03
CA THR G 27 11.20 -24.23 -12.49
C THR G 27 11.27 -23.98 -13.99
N GLY G 28 12.50 -23.80 -14.50
CA GLY G 28 12.73 -23.61 -15.92
C GLY G 28 12.62 -22.17 -16.38
N SER G 29 12.42 -22.02 -17.70
CA SER G 29 12.34 -20.72 -18.39
C SER G 29 11.29 -19.76 -17.80
N PHE G 30 11.56 -18.45 -17.92
CA PHE G 30 10.64 -17.39 -17.51
C PHE G 30 9.82 -16.88 -18.70
N ARG G 31 10.09 -17.40 -19.91
CA ARG G 31 9.48 -16.86 -21.13
C ARG G 31 7.93 -16.89 -21.13
N ASN G 32 7.30 -17.83 -20.41
CA ASN G 32 5.83 -17.90 -20.38
C ASN G 32 5.24 -17.37 -19.06
N ASP G 33 6.06 -16.70 -18.21
CA ASP G 33 5.57 -16.25 -16.91
C ASP G 33 4.90 -14.87 -16.91
N GLY G 34 4.90 -14.19 -18.06
CA GLY G 34 4.29 -12.88 -18.21
C GLY G 34 4.89 -11.85 -17.26
N LEU G 35 6.24 -11.81 -17.19
CA LEU G 35 6.98 -10.89 -16.33
C LEU G 35 6.62 -9.45 -16.64
N LYS G 36 6.49 -8.64 -15.59
CA LYS G 36 6.20 -7.21 -15.66
C LYS G 36 7.41 -6.47 -15.09
N ALA G 37 7.50 -5.15 -15.30
CA ALA G 37 8.59 -4.34 -14.77
C ALA G 37 8.73 -4.50 -13.25
N SER G 38 7.58 -4.62 -12.52
CA SER G 38 7.57 -4.80 -11.06
C SER G 38 8.28 -6.10 -10.65
N ASP G 39 8.29 -7.11 -11.53
CA ASP G 39 8.95 -8.39 -11.23
C ASP G 39 10.48 -8.30 -11.33
N VAL G 40 11.00 -7.29 -12.02
CA VAL G 40 12.44 -7.15 -12.25
C VAL G 40 12.94 -5.79 -11.79
N LEU G 41 12.18 -5.11 -10.92
CA LEU G 41 12.46 -3.75 -10.52
C LEU G 41 13.88 -3.54 -9.95
N PRO G 42 14.39 -4.31 -8.96
CA PRO G 42 15.73 -4.01 -8.43
C PRO G 42 16.83 -4.03 -9.52
N ILE G 43 16.85 -5.03 -10.40
CA ILE G 43 17.89 -5.12 -11.44
C ILE G 43 17.62 -4.05 -12.55
N LEU G 44 16.36 -3.64 -12.79
CA LEU G 44 16.09 -2.55 -13.72
C LEU G 44 16.76 -1.29 -13.20
N LYS G 45 16.57 -0.99 -11.88
CA LYS G 45 17.16 0.19 -11.25
C LYS G 45 18.71 0.15 -11.34
N GLU G 46 19.33 -1.04 -11.30
CA GLU G 46 20.78 -1.19 -11.43
C GLU G 46 21.28 -0.83 -12.85
N LYS G 47 20.35 -0.82 -13.84
CA LYS G 47 20.67 -0.47 -15.23
C LYS G 47 21.79 -1.39 -15.78
N VAL G 48 21.66 -2.70 -15.51
CA VAL G 48 22.54 -3.74 -16.07
C VAL G 48 22.30 -3.76 -17.59
N ALA G 49 21.04 -3.62 -18.00
CA ALA G 49 20.66 -3.57 -19.41
C ALA G 49 19.43 -2.72 -19.60
N PHE G 50 19.26 -2.18 -20.82
CA PHE G 50 18.08 -1.35 -21.12
C PHE G 50 17.73 -1.43 -22.58
N VAL G 51 16.47 -1.10 -22.89
CA VAL G 51 15.93 -1.03 -24.24
C VAL G 51 15.54 0.43 -24.41
N SER G 52 16.40 1.19 -25.08
CA SER G 52 16.26 2.65 -25.22
C SER G 52 15.13 3.10 -26.16
N GLY G 53 14.72 2.22 -27.07
CA GLY G 53 13.77 2.57 -28.12
C GLY G 53 14.53 2.85 -29.40
N GLY G 54 15.86 2.90 -29.32
CA GLY G 54 16.72 3.10 -30.48
C GLY G 54 16.67 1.88 -31.38
N ARG G 55 16.78 2.11 -32.69
CA ARG G 55 16.74 1.03 -33.67
C ARG G 55 17.98 1.02 -34.53
N ASP G 56 18.41 -0.16 -34.97
CA ASP G 56 19.59 -0.24 -35.83
C ASP G 56 19.19 0.15 -37.27
N LYS G 57 20.16 0.18 -38.18
CA LYS G 57 19.94 0.57 -39.58
C LYS G 57 19.04 -0.42 -40.37
N ARG G 58 18.79 -1.63 -39.83
CA ARG G 58 17.88 -2.60 -40.43
C ARG G 58 16.44 -2.37 -39.94
N GLY G 59 16.29 -1.55 -38.89
CA GLY G 59 14.99 -1.31 -38.26
C GLY G 59 14.73 -2.26 -37.09
N GLY G 60 15.76 -2.99 -36.68
CA GLY G 60 15.69 -3.91 -35.54
C GLY G 60 15.87 -3.20 -34.20
N PRO G 61 15.40 -3.78 -33.07
CA PRO G 61 15.56 -3.07 -31.80
C PRO G 61 16.95 -3.25 -31.20
N ILE G 62 17.35 -2.29 -30.39
CA ILE G 62 18.65 -2.33 -29.72
C ILE G 62 18.48 -2.62 -28.23
N LEU G 63 19.25 -3.62 -27.75
CA LEU G 63 19.36 -3.98 -26.33
C LEU G 63 20.76 -3.59 -25.89
N THR G 64 20.88 -2.71 -24.87
CA THR G 64 22.19 -2.24 -24.44
C THR G 64 22.59 -2.73 -23.06
N PHE G 65 23.84 -3.19 -22.91
CA PHE G 65 24.50 -3.53 -21.65
C PHE G 65 25.58 -2.49 -21.45
N PRO G 66 25.32 -1.40 -20.70
CA PRO G 66 26.36 -0.38 -20.55
C PRO G 66 27.48 -0.84 -19.61
N ALA G 67 28.56 -0.09 -19.58
CA ALA G 67 29.68 -0.30 -18.66
C ALA G 67 29.16 -0.05 -17.26
N ARG G 68 29.44 -0.98 -16.33
CA ARG G 68 28.97 -0.89 -14.95
C ARG G 68 30.07 -0.37 -14.03
N SER G 69 29.70 0.50 -13.08
CA SER G 69 30.64 1.10 -12.11
C SER G 69 30.53 0.44 -10.72
N ASN G 70 29.39 -0.23 -10.43
CA ASN G 70 29.11 -0.89 -9.14
C ASN G 70 30.09 -2.04 -8.85
N HIS G 71 30.29 -2.94 -9.85
CA HIS G 71 31.15 -4.14 -9.83
C HIS G 71 30.65 -5.25 -8.87
N ASP G 72 29.52 -4.99 -8.15
CA ASP G 72 28.87 -5.97 -7.26
C ASP G 72 28.27 -7.07 -8.13
N ARG G 73 28.44 -8.34 -7.70
CA ARG G 73 27.97 -9.50 -8.45
C ARG G 73 26.43 -9.57 -8.48
N ILE G 74 25.88 -10.06 -9.60
CA ILE G 74 24.44 -10.18 -9.73
C ILE G 74 24.05 -11.67 -9.69
N ARG G 75 22.76 -11.93 -9.37
CA ARG G 75 22.20 -13.28 -9.33
C ARG G 75 21.82 -13.67 -10.75
N GLN G 76 22.19 -14.89 -11.17
CA GLN G 76 21.89 -15.39 -12.53
C GLN G 76 20.38 -15.37 -12.82
N GLU G 77 19.54 -15.80 -11.83
CA GLU G 77 18.09 -15.79 -12.02
C GLU G 77 17.56 -14.37 -12.29
N ASP G 78 18.12 -13.33 -11.63
CA ASP G 78 17.72 -11.94 -11.84
C ASP G 78 18.07 -11.48 -13.25
N LEU G 79 19.25 -11.88 -13.74
CA LEU G 79 19.65 -11.54 -15.11
C LEU G 79 18.76 -12.26 -16.13
N ARG G 80 18.39 -13.54 -15.86
CA ARG G 80 17.51 -14.29 -16.78
C ARG G 80 16.16 -13.63 -16.87
N LYS G 81 15.60 -13.19 -15.73
CA LYS G 81 14.32 -12.50 -15.70
C LYS G 81 14.41 -11.17 -16.44
N LEU G 82 15.51 -10.42 -16.22
CA LEU G 82 15.71 -9.11 -16.87
C LEU G 82 15.70 -9.24 -18.39
N VAL G 83 16.53 -10.13 -18.95
CA VAL G 83 16.61 -10.24 -20.41
C VAL G 83 15.30 -10.80 -20.99
N THR G 84 14.56 -11.68 -20.26
CA THR G 84 13.29 -12.12 -20.87
C THR G 84 12.24 -10.97 -20.78
N TYR G 85 12.28 -10.09 -19.76
CA TYR G 85 11.37 -8.94 -19.73
C TYR G 85 11.71 -7.96 -20.86
N LEU G 86 13.01 -7.62 -21.00
CA LEU G 86 13.44 -6.65 -22.01
C LEU G 86 13.16 -7.10 -23.44
N ALA G 87 13.15 -8.43 -23.68
CA ALA G 87 12.84 -8.96 -25.02
C ALA G 87 11.42 -8.59 -25.46
N SER G 88 10.48 -8.42 -24.49
CA SER G 88 9.06 -8.12 -24.73
C SER G 88 8.78 -6.61 -24.88
N VAL G 89 9.78 -5.73 -24.67
CA VAL G 89 9.58 -4.28 -24.70
C VAL G 89 9.27 -3.76 -26.13
N PRO G 90 10.05 -4.04 -27.21
CA PRO G 90 9.67 -3.50 -28.53
C PRO G 90 8.41 -4.16 -29.05
N SER G 91 7.76 -3.53 -30.02
CA SER G 91 6.57 -4.04 -30.66
C SER G 91 6.93 -5.32 -31.46
N GLU G 92 5.94 -6.21 -31.69
CA GLU G 92 6.10 -7.49 -32.36
C GLU G 92 6.82 -7.37 -33.71
N ASP G 93 6.41 -6.42 -34.55
CA ASP G 93 6.99 -6.19 -35.89
C ASP G 93 8.48 -5.83 -35.83
N VAL G 94 8.87 -5.02 -34.82
CA VAL G 94 10.25 -4.59 -34.64
C VAL G 94 11.07 -5.81 -34.16
N CYS G 95 10.55 -6.57 -33.15
CA CYS G 95 11.19 -7.75 -32.59
CA CYS G 95 11.21 -7.76 -32.59
C CYS G 95 11.47 -8.82 -33.67
N LYS G 96 10.56 -8.95 -34.64
CA LYS G 96 10.63 -9.92 -35.73
C LYS G 96 11.96 -9.80 -36.53
N ARG G 97 12.54 -8.59 -36.59
CA ARG G 97 13.80 -8.35 -37.30
C ARG G 97 15.03 -8.85 -36.51
N GLY G 98 14.83 -9.26 -35.25
CA GLY G 98 15.93 -9.69 -34.38
C GLY G 98 16.62 -8.50 -33.75
N PHE G 99 17.19 -8.68 -32.54
CA PHE G 99 17.85 -7.60 -31.81
C PHE G 99 19.31 -7.38 -32.19
N THR G 100 19.75 -6.13 -32.10
CA THR G 100 21.16 -5.78 -32.09
C THR G 100 21.46 -5.62 -30.62
N VAL G 101 22.36 -6.43 -30.08
CA VAL G 101 22.75 -6.33 -28.68
C VAL G 101 24.06 -5.58 -28.63
N ILE G 102 24.15 -4.51 -27.81
CA ILE G 102 25.39 -3.73 -27.68
C ILE G 102 25.89 -3.93 -26.27
N ILE G 103 27.10 -4.48 -26.12
CA ILE G 103 27.72 -4.71 -24.82
C ILE G 103 28.99 -3.89 -24.74
N ASP G 104 29.06 -2.95 -23.81
CA ASP G 104 30.24 -2.12 -23.68
C ASP G 104 31.31 -2.86 -22.87
N MET G 105 32.47 -3.14 -23.51
CA MET G 105 33.59 -3.79 -22.84
C MET G 105 34.70 -2.78 -22.45
N ARG G 106 34.65 -1.50 -22.87
CA ARG G 106 35.71 -0.59 -22.46
C ARG G 106 35.56 -0.30 -20.97
N GLY G 107 36.67 -0.47 -20.25
CA GLY G 107 36.72 -0.39 -18.80
C GLY G 107 36.41 -1.73 -18.15
N SER G 108 36.25 -2.79 -18.97
CA SER G 108 35.96 -4.15 -18.53
C SER G 108 36.88 -5.15 -19.24
N LYS G 109 36.59 -6.46 -19.12
CA LYS G 109 37.38 -7.56 -19.69
C LYS G 109 36.44 -8.60 -20.29
N TRP G 110 36.93 -9.40 -21.28
CA TRP G 110 36.17 -10.45 -21.95
C TRP G 110 35.54 -11.46 -20.97
N ASP G 111 36.26 -11.83 -19.89
CA ASP G 111 35.80 -12.77 -18.87
C ASP G 111 34.57 -12.24 -18.10
N LEU G 112 34.32 -10.92 -18.13
CA LEU G 112 33.15 -10.31 -17.49
C LEU G 112 32.03 -10.03 -18.50
N ILE G 113 32.29 -10.29 -19.80
CA ILE G 113 31.32 -10.08 -20.88
C ILE G 113 30.72 -11.41 -21.33
N LYS G 114 31.58 -12.45 -21.45
CA LYS G 114 31.21 -13.80 -21.87
C LYS G 114 30.00 -14.34 -21.06
N PRO G 115 29.89 -14.14 -19.72
CA PRO G 115 28.70 -14.64 -18.99
C PRO G 115 27.39 -13.96 -19.40
N LEU G 116 27.46 -12.68 -19.85
CA LEU G 116 26.27 -11.98 -20.33
C LEU G 116 25.78 -12.63 -21.62
N LEU G 117 26.72 -12.94 -22.54
CA LEU G 117 26.41 -13.58 -23.82
C LEU G 117 25.87 -15.01 -23.60
N LYS G 118 26.45 -15.76 -22.64
CA LYS G 118 25.98 -17.10 -22.31
C LYS G 118 24.55 -17.07 -21.77
N THR G 119 24.24 -16.11 -20.89
CA THR G 119 22.88 -15.94 -20.34
C THR G 119 21.89 -15.56 -21.44
N LEU G 120 22.29 -14.66 -22.37
CA LEU G 120 21.44 -14.30 -23.51
C LEU G 120 21.15 -15.53 -24.36
N GLN G 121 22.18 -16.32 -24.65
CA GLN G 121 22.03 -17.53 -25.45
C GLN G 121 21.03 -18.51 -24.80
N GLU G 122 21.12 -18.67 -23.50
CA GLU G 122 20.29 -19.62 -22.76
C GLU G 122 18.87 -19.12 -22.48
N ALA G 123 18.72 -17.82 -22.14
CA ALA G 123 17.46 -17.30 -21.67
C ALA G 123 16.72 -16.29 -22.58
N PHE G 124 17.41 -15.56 -23.48
CA PHE G 124 16.75 -14.53 -24.28
C PHE G 124 15.68 -15.15 -25.24
N PRO G 125 14.38 -14.80 -25.07
CA PRO G 125 13.33 -15.47 -25.86
C PRO G 125 13.11 -14.90 -27.27
N ALA G 126 13.93 -13.95 -27.71
CA ALA G 126 13.83 -13.40 -29.07
C ALA G 126 15.10 -13.73 -29.84
N GLU G 127 15.10 -13.46 -31.16
CA GLU G 127 16.29 -13.67 -31.96
C GLU G 127 17.28 -12.54 -31.74
N ILE G 128 18.57 -12.88 -31.65
CA ILE G 128 19.68 -11.93 -31.58
C ILE G 128 20.28 -11.90 -32.99
N HIS G 129 20.15 -10.78 -33.71
CA HIS G 129 20.70 -10.65 -35.05
C HIS G 129 22.22 -10.62 -34.97
N VAL G 130 22.74 -9.81 -34.05
CA VAL G 130 24.17 -9.67 -33.79
C VAL G 130 24.37 -9.09 -32.38
N ALA G 131 25.45 -9.54 -31.74
CA ALA G 131 25.92 -8.99 -30.48
C ALA G 131 27.21 -8.25 -30.78
N LEU G 132 27.20 -6.93 -30.54
CA LEU G 132 28.31 -6.02 -30.79
C LEU G 132 28.98 -5.71 -29.48
N ILE G 133 30.25 -6.09 -29.36
CA ILE G 133 31.04 -5.88 -28.17
C ILE G 133 31.98 -4.71 -28.43
N ILE G 134 31.82 -3.64 -27.64
CA ILE G 134 32.51 -2.38 -27.87
C ILE G 134 33.85 -2.38 -27.17
N LYS G 135 34.90 -2.37 -27.97
CA LYS G 135 36.29 -2.35 -27.50
C LYS G 135 36.83 -0.89 -27.49
N PRO G 136 37.91 -0.56 -26.73
CA PRO G 136 38.45 0.82 -26.80
C PRO G 136 39.13 1.10 -28.16
N ASP G 137 39.41 2.38 -28.45
CA ASP G 137 40.02 2.83 -29.72
C ASP G 137 41.47 2.34 -29.89
N SER G 149 36.43 -17.54 -31.89
CA SER G 149 37.05 -18.26 -30.76
C SER G 149 35.96 -18.82 -29.84
N SER G 150 35.09 -17.96 -29.33
CA SER G 150 34.05 -18.40 -28.37
C SER G 150 32.91 -19.11 -29.10
N LYS G 151 32.15 -18.36 -29.91
CA LYS G 151 31.03 -18.85 -30.75
C LYS G 151 29.77 -19.19 -29.96
N PHE G 152 28.71 -18.50 -30.33
CA PHE G 152 27.36 -18.58 -29.79
C PHE G 152 26.38 -18.95 -30.90
N ILE G 153 25.09 -19.11 -30.57
CA ILE G 153 24.04 -19.41 -31.55
C ILE G 153 23.79 -18.18 -32.46
N PHE G 154 24.22 -16.98 -32.01
CA PHE G 154 24.10 -15.72 -32.72
C PHE G 154 25.49 -15.18 -33.10
N GLU G 155 25.55 -14.33 -34.13
CA GLU G 155 26.79 -13.69 -34.59
C GLU G 155 27.29 -12.70 -33.53
N THR G 156 28.60 -12.65 -33.33
CA THR G 156 29.24 -11.72 -32.39
C THR G 156 30.31 -10.96 -33.14
N SER G 157 30.48 -9.68 -32.81
CA SER G 157 31.50 -8.85 -33.46
C SER G 157 32.12 -7.88 -32.47
N MET G 158 33.46 -7.85 -32.40
CA MET G 158 34.20 -6.91 -31.57
C MET G 158 34.45 -5.70 -32.41
N VAL G 159 33.91 -4.56 -32.01
CA VAL G 159 33.93 -3.38 -32.85
C VAL G 159 34.22 -2.10 -32.01
N SER G 160 34.82 -1.07 -32.64
CA SER G 160 35.06 0.23 -31.98
C SER G 160 33.74 1.01 -32.00
N VAL G 161 33.66 2.18 -31.36
CA VAL G 161 32.43 2.98 -31.42
C VAL G 161 32.15 3.40 -32.91
N GLU G 162 33.22 3.62 -33.72
CA GLU G 162 33.14 3.92 -35.16
C GLU G 162 32.55 2.72 -35.92
N GLY G 163 33.04 1.52 -35.57
CA GLY G 163 32.54 0.27 -36.13
C GLY G 163 31.07 0.09 -35.82
N LEU G 164 30.65 0.55 -34.61
CA LEU G 164 29.26 0.53 -34.14
C LEU G 164 28.37 1.43 -35.01
N THR G 165 28.84 2.63 -35.35
CA THR G 165 28.09 3.63 -36.15
C THR G 165 27.88 3.17 -37.60
N LYS G 166 28.61 2.13 -38.06
CA LYS G 166 28.37 1.55 -39.39
C LYS G 166 27.06 0.75 -39.38
N LEU G 167 26.65 0.23 -38.21
CA LEU G 167 25.43 -0.59 -38.07
C LEU G 167 24.29 0.17 -37.36
N VAL G 168 24.60 1.21 -36.56
CA VAL G 168 23.59 1.98 -35.84
C VAL G 168 23.88 3.48 -36.05
N ASP G 169 22.87 4.24 -36.54
CA ASP G 169 22.98 5.69 -36.71
C ASP G 169 23.19 6.35 -35.33
N PRO G 170 24.08 7.37 -35.20
CA PRO G 170 24.31 8.00 -33.87
C PRO G 170 23.05 8.57 -33.21
N SER G 171 22.01 8.92 -33.99
CA SER G 171 20.74 9.43 -33.45
C SER G 171 19.95 8.33 -32.70
N GLN G 172 20.36 7.05 -32.88
CA GLN G 172 19.72 5.88 -32.28
C GLN G 172 20.57 5.29 -31.17
N LEU G 173 21.74 5.88 -30.93
CA LEU G 173 22.65 5.48 -29.86
C LEU G 173 22.50 6.43 -28.68
N THR G 174 22.60 5.89 -27.48
CA THR G 174 22.54 6.73 -26.27
C THR G 174 23.93 7.36 -26.03
N GLU G 175 24.01 8.21 -25.00
CA GLU G 175 25.12 9.03 -24.54
C GLU G 175 26.42 8.22 -24.35
N GLU G 176 26.34 6.96 -23.85
CA GLU G 176 27.51 6.11 -23.61
C GLU G 176 28.33 5.79 -24.89
N PHE G 177 27.70 5.87 -26.09
CA PHE G 177 28.37 5.60 -27.36
C PHE G 177 28.43 6.82 -28.27
N ASP G 178 28.55 8.02 -27.66
CA ASP G 178 28.63 9.33 -28.31
C ASP G 178 27.42 9.56 -29.24
N GLY G 179 26.28 8.98 -28.86
CA GLY G 179 25.05 9.11 -29.61
C GLY G 179 24.18 10.27 -29.12
N SER G 180 23.12 10.60 -29.86
CA SER G 180 22.24 11.70 -29.49
C SER G 180 20.81 11.25 -29.13
N LEU G 181 20.59 9.94 -28.94
CA LEU G 181 19.25 9.48 -28.53
C LEU G 181 19.01 9.82 -27.07
N ASP G 182 17.94 10.57 -26.79
CA ASP G 182 17.57 10.89 -25.42
C ASP G 182 16.89 9.68 -24.81
N TYR G 183 17.36 9.26 -23.64
CA TYR G 183 16.82 8.12 -22.94
C TYR G 183 17.02 8.32 -21.45
N ASN G 184 15.90 8.43 -20.74
CA ASN G 184 15.86 8.61 -19.29
C ASN G 184 15.39 7.29 -18.69
N HIS G 185 16.34 6.50 -18.18
CA HIS G 185 16.07 5.15 -17.66
C HIS G 185 15.09 5.18 -16.46
N GLU G 186 15.27 6.12 -15.51
CA GLU G 186 14.38 6.23 -14.34
C GLU G 186 12.93 6.54 -14.75
N GLU G 187 12.74 7.47 -15.71
CA GLU G 187 11.43 7.80 -16.24
C GLU G 187 10.82 6.61 -16.97
N TRP G 188 11.64 5.88 -17.75
CA TRP G 188 11.20 4.70 -18.49
C TRP G 188 10.66 3.65 -17.50
N ILE G 189 11.39 3.40 -16.39
CA ILE G 189 10.96 2.44 -15.36
C ILE G 189 9.56 2.83 -14.81
N GLU G 190 9.35 4.12 -14.47
CA GLU G 190 8.07 4.64 -13.93
C GLU G 190 6.94 4.45 -14.94
N LEU G 191 7.23 4.71 -16.21
CA LEU G 191 6.30 4.52 -17.33
C LEU G 191 5.91 3.05 -17.43
N ARG G 192 6.90 2.12 -17.37
CA ARG G 192 6.62 0.67 -17.45
C ARG G 192 5.80 0.19 -16.27
N LEU G 193 6.10 0.68 -15.05
CA LEU G 193 5.36 0.29 -13.85
C LEU G 193 3.89 0.72 -13.91
N SER G 194 3.56 1.75 -14.72
CA SER G 194 2.20 2.27 -14.85
C SER G 194 1.38 1.52 -15.92
N LEU G 195 2.05 0.64 -16.71
CA LEU G 195 1.59 -0.24 -17.81
C LEU G 195 2.31 0.10 -19.10
N ALA H 23 19.04 32.49 10.00
CA ALA H 23 18.69 31.55 8.94
C ALA H 23 19.21 30.13 9.25
N PHE H 24 19.20 29.72 10.55
CA PHE H 24 19.60 28.38 11.01
C PHE H 24 18.78 27.28 10.29
N PHE H 25 17.48 27.51 10.11
CA PHE H 25 16.58 26.54 9.51
C PHE H 25 16.51 26.69 8.01
N ARG H 26 16.14 25.59 7.33
CA ARG H 26 15.88 25.58 5.90
C ARG H 26 14.48 26.18 5.71
N THR H 27 14.35 27.16 4.79
CA THR H 27 13.08 27.81 4.49
C THR H 27 12.88 27.86 2.98
N GLY H 28 11.70 28.30 2.55
CA GLY H 28 11.41 28.47 1.14
C GLY H 28 10.93 27.22 0.44
N SER H 29 10.97 27.27 -0.88
CA SER H 29 10.49 26.27 -1.82
C SER H 29 11.01 24.86 -1.54
N PHE H 30 10.17 23.86 -1.83
CA PHE H 30 10.53 22.44 -1.76
C PHE H 30 10.91 21.90 -3.11
N ARG H 31 10.71 22.70 -4.16
CA ARG H 31 10.85 22.23 -5.54
C ARG H 31 12.26 21.63 -5.85
N ASN H 32 13.33 21.97 -5.09
CA ASN H 32 14.65 21.36 -5.35
C ASN H 32 15.13 20.48 -4.20
N ASP H 33 14.21 20.05 -3.31
CA ASP H 33 14.57 19.20 -2.17
C ASP H 33 14.54 17.70 -2.47
N GLY H 34 14.18 17.33 -3.69
CA GLY H 34 14.11 15.95 -4.15
C GLY H 34 13.17 15.09 -3.32
N LEU H 35 11.96 15.62 -3.04
CA LEU H 35 10.94 14.90 -2.26
C LEU H 35 10.58 13.59 -2.91
N LYS H 36 10.45 12.55 -2.07
CA LYS H 36 10.04 11.22 -2.49
C LYS H 36 8.69 10.92 -1.88
N ALA H 37 8.03 9.85 -2.32
CA ALA H 37 6.74 9.44 -1.74
C ALA H 37 6.83 9.30 -0.22
N SER H 38 7.95 8.72 0.27
CA SER H 38 8.15 8.49 1.70
C SER H 38 8.16 9.82 2.49
N ASP H 39 8.56 10.94 1.86
CA ASP H 39 8.57 12.27 2.51
C ASP H 39 7.17 12.86 2.69
N VAL H 40 6.20 12.40 1.88
CA VAL H 40 4.84 12.97 1.91
C VAL H 40 3.82 11.88 2.17
N LEU H 41 4.26 10.74 2.74
CA LEU H 41 3.39 9.58 2.91
C LEU H 41 2.09 9.89 3.70
N PRO H 42 2.11 10.54 4.90
CA PRO H 42 0.83 10.78 5.59
C PRO H 42 -0.18 11.56 4.75
N ILE H 43 0.23 12.69 4.08
CA ILE H 43 -0.68 13.50 3.28
C ILE H 43 -1.06 12.75 1.99
N LEU H 44 -0.15 11.92 1.41
CA LEU H 44 -0.51 11.05 0.25
C LEU H 44 -1.69 10.15 0.63
N LYS H 45 -1.62 9.50 1.81
CA LYS H 45 -2.64 8.59 2.31
C LYS H 45 -3.98 9.27 2.59
N GLU H 46 -3.96 10.56 2.98
CA GLU H 46 -5.17 11.38 3.24
C GLU H 46 -5.96 11.60 1.95
N LYS H 47 -5.24 11.49 0.81
CA LYS H 47 -5.82 11.62 -0.53
C LYS H 47 -6.50 12.99 -0.68
N VAL H 48 -5.78 14.05 -0.27
CA VAL H 48 -6.14 15.46 -0.45
C VAL H 48 -6.14 15.76 -1.97
N ALA H 49 -5.15 15.17 -2.65
CA ALA H 49 -5.01 15.30 -4.11
C ALA H 49 -4.34 14.06 -4.67
N PHE H 50 -4.58 13.79 -5.97
CA PHE H 50 -3.98 12.62 -6.59
C PHE H 50 -3.78 12.84 -8.07
N VAL H 51 -2.83 12.09 -8.65
CA VAL H 51 -2.51 12.10 -10.08
C VAL H 51 -2.88 10.68 -10.54
N SER H 52 -4.08 10.55 -11.13
CA SER H 52 -4.65 9.27 -11.53
C SER H 52 -3.98 8.58 -12.72
N GLY H 53 -3.29 9.36 -13.55
CA GLY H 53 -2.71 8.86 -14.80
C GLY H 53 -3.62 9.21 -15.96
N GLY H 54 -4.80 9.74 -15.63
CA GLY H 54 -5.76 10.23 -16.61
C GLY H 54 -5.23 11.48 -17.28
N ARG H 55 -5.57 11.66 -18.56
CA ARG H 55 -5.09 12.79 -19.32
C ARG H 55 -6.22 13.55 -19.95
N ASP H 56 -5.94 14.83 -20.19
CA ASP H 56 -6.71 15.82 -20.95
C ASP H 56 -7.01 15.37 -22.31
N LYS H 57 -7.96 16.06 -22.99
CA LYS H 57 -8.22 15.84 -24.41
C LYS H 57 -7.03 16.42 -25.22
N ARG H 58 -6.14 17.20 -24.57
CA ARG H 58 -4.93 17.77 -25.19
C ARG H 58 -3.70 16.88 -24.92
N GLY H 59 -3.89 15.90 -24.04
CA GLY H 59 -2.83 14.99 -23.62
C GLY H 59 -2.08 15.45 -22.37
N GLY H 60 -2.59 16.52 -21.74
CA GLY H 60 -2.02 17.05 -20.51
C GLY H 60 -2.38 16.20 -19.30
N PRO H 61 -1.56 16.21 -18.22
CA PRO H 61 -1.92 15.37 -17.05
C PRO H 61 -3.01 15.98 -16.18
N ILE H 62 -3.80 15.13 -15.51
CA ILE H 62 -4.86 15.58 -14.62
C ILE H 62 -4.41 15.46 -13.16
N LEU H 63 -4.60 16.55 -12.41
CA LEU H 63 -4.39 16.63 -10.96
C LEU H 63 -5.76 16.81 -10.33
N THR H 64 -6.17 15.89 -9.45
CA THR H 64 -7.50 15.96 -8.86
C THR H 64 -7.46 16.26 -7.37
N PHE H 65 -8.33 17.19 -6.93
CA PHE H 65 -8.60 17.50 -5.52
C PHE H 65 -10.03 17.03 -5.27
N PRO H 66 -10.24 15.80 -4.76
CA PRO H 66 -11.61 15.34 -4.55
C PRO H 66 -12.28 16.03 -3.37
N ALA H 67 -13.59 15.85 -3.24
CA ALA H 67 -14.33 16.46 -2.11
C ALA H 67 -13.92 15.74 -0.83
N ARG H 68 -13.65 16.48 0.24
CA ARG H 68 -13.22 15.84 1.48
C ARG H 68 -14.21 16.11 2.61
N HIS H 71 -13.70 18.36 6.19
CA HIS H 71 -12.78 17.33 6.78
C HIS H 71 -11.83 18.06 7.75
N ASP H 72 -10.63 17.50 7.91
CA ASP H 72 -9.61 17.99 8.84
C ASP H 72 -8.82 19.13 8.18
N ARG H 73 -8.40 20.10 8.98
CA ARG H 73 -7.59 21.20 8.49
C ARG H 73 -6.19 20.71 8.16
N ILE H 74 -5.62 21.24 7.09
CA ILE H 74 -4.33 20.83 6.57
C ILE H 74 -3.27 21.86 6.97
N ARG H 75 -2.02 21.41 7.17
CA ARG H 75 -0.87 22.29 7.39
C ARG H 75 -0.42 22.80 6.03
N GLN H 76 -0.18 24.11 5.89
CA GLN H 76 0.23 24.69 4.60
C GLN H 76 1.49 24.04 4.05
N GLU H 77 2.49 23.77 4.93
CA GLU H 77 3.72 23.12 4.51
C GLU H 77 3.46 21.73 3.92
N ASP H 78 2.51 20.97 4.49
CA ASP H 78 2.17 19.63 3.99
C ASP H 78 1.56 19.74 2.60
N LEU H 79 0.68 20.71 2.39
CA LEU H 79 0.07 20.94 1.07
C LEU H 79 1.12 21.35 0.04
N ARG H 80 2.06 22.23 0.42
CA ARG H 80 3.14 22.65 -0.49
C ARG H 80 4.01 21.46 -0.88
N LYS H 81 4.35 20.58 0.09
CA LYS H 81 5.14 19.38 -0.21
C LYS H 81 4.36 18.42 -1.13
N LEU H 82 3.06 18.22 -0.84
CA LEU H 82 2.21 17.35 -1.65
C LEU H 82 2.15 17.79 -3.12
N VAL H 83 1.82 19.06 -3.37
CA VAL H 83 1.67 19.53 -4.76
C VAL H 83 3.04 19.55 -5.47
N THR H 84 4.13 19.77 -4.71
CA THR H 84 5.49 19.73 -5.29
C THR H 84 5.78 18.29 -5.76
N TYR H 85 5.48 17.31 -4.91
CA TYR H 85 5.70 15.91 -5.25
C TYR H 85 4.83 15.47 -6.46
N LEU H 86 3.53 15.79 -6.41
CA LEU H 86 2.60 15.37 -7.46
C LEU H 86 2.93 15.97 -8.83
N ALA H 87 3.53 17.17 -8.86
CA ALA H 87 3.94 17.80 -10.12
C ALA H 87 4.98 16.97 -10.87
N SER H 88 5.80 16.20 -10.14
CA SER H 88 6.88 15.36 -10.68
C SER H 88 6.41 13.95 -11.11
N VAL H 89 5.12 13.58 -10.85
CA VAL H 89 4.61 12.22 -11.12
C VAL H 89 4.49 11.94 -12.65
N PRO H 90 3.83 12.77 -13.50
CA PRO H 90 3.81 12.44 -14.94
C PRO H 90 5.19 12.62 -15.57
N SER H 91 5.39 12.08 -16.78
CA SER H 91 6.66 12.23 -17.49
C SER H 91 6.86 13.70 -17.85
N GLU H 92 8.12 14.11 -18.05
CA GLU H 92 8.50 15.48 -18.44
C GLU H 92 7.71 15.96 -19.66
N ASP H 93 7.61 15.12 -20.72
CA ASP H 93 6.90 15.43 -21.96
C ASP H 93 5.40 15.66 -21.73
N VAL H 94 4.78 14.86 -20.85
CA VAL H 94 3.36 15.01 -20.54
C VAL H 94 3.15 16.31 -19.75
N CYS H 95 4.03 16.58 -18.74
CA CYS H 95 3.99 17.78 -17.90
CA CYS H 95 3.97 17.80 -17.91
C CYS H 95 4.09 19.06 -18.74
N LYS H 96 4.90 19.04 -19.82
CA LYS H 96 5.13 20.18 -20.70
C LYS H 96 3.83 20.72 -21.32
N ARG H 97 2.79 19.88 -21.40
CA ARG H 97 1.49 20.28 -21.97
C ARG H 97 0.66 21.09 -20.98
N GLY H 98 1.08 21.11 -19.72
CA GLY H 98 0.37 21.79 -18.64
C GLY H 98 -0.71 20.91 -18.04
N PHE H 99 -0.94 21.06 -16.75
CA PHE H 99 -1.91 20.26 -16.02
C PHE H 99 -3.33 20.79 -16.15
N THR H 100 -4.30 19.87 -16.12
CA THR H 100 -5.70 20.20 -15.95
C THR H 100 -5.92 19.86 -14.48
N VAL H 101 -6.27 20.86 -13.69
CA VAL H 101 -6.52 20.65 -12.27
C VAL H 101 -8.03 20.56 -12.07
N ILE H 102 -8.51 19.50 -11.43
CA ILE H 102 -9.95 19.35 -11.17
C ILE H 102 -10.15 19.45 -9.67
N ILE H 103 -10.94 20.44 -9.22
CA ILE H 103 -11.23 20.61 -7.80
C ILE H 103 -12.74 20.46 -7.60
N ASP H 104 -13.13 19.48 -6.80
CA ASP H 104 -14.55 19.29 -6.54
C ASP H 104 -15.02 20.23 -5.42
N MET H 105 -15.92 21.16 -5.75
CA MET H 105 -16.50 22.10 -4.77
C MET H 105 -17.92 21.70 -4.39
N ARG H 106 -18.42 20.55 -4.89
CA ARG H 106 -19.80 20.12 -4.63
C ARG H 106 -20.15 19.98 -3.14
N GLY H 107 -19.24 19.57 -2.26
CA GLY H 107 -19.61 19.52 -0.85
C GLY H 107 -19.17 20.74 -0.07
N SER H 108 -18.43 21.67 -0.75
CA SER H 108 -17.78 22.82 -0.14
C SER H 108 -18.33 24.21 -0.57
N LYS H 109 -17.52 25.27 -0.35
CA LYS H 109 -17.74 26.71 -0.61
C LYS H 109 -16.48 27.30 -1.25
N TRP H 110 -16.62 28.43 -2.00
CA TRP H 110 -15.50 29.11 -2.69
C TRP H 110 -14.37 29.50 -1.72
N ASP H 111 -14.71 29.94 -0.49
CA ASP H 111 -13.76 30.34 0.55
C ASP H 111 -12.87 29.19 0.99
N LEU H 112 -13.29 27.92 0.76
CA LEU H 112 -12.50 26.73 1.10
C LEU H 112 -11.76 26.15 -0.12
N ILE H 113 -12.00 26.74 -1.31
CA ILE H 113 -11.37 26.28 -2.56
C ILE H 113 -10.26 27.24 -2.97
N LYS H 114 -10.53 28.55 -2.86
CA LYS H 114 -9.58 29.62 -3.19
C LYS H 114 -8.18 29.37 -2.53
N PRO H 115 -8.05 28.95 -1.24
CA PRO H 115 -6.70 28.70 -0.68
C PRO H 115 -5.94 27.56 -1.37
N LEU H 116 -6.65 26.55 -1.93
CA LEU H 116 -6.00 25.48 -2.69
C LEU H 116 -5.37 26.07 -3.96
N LEU H 117 -6.14 26.92 -4.67
CA LEU H 117 -5.67 27.57 -5.89
C LEU H 117 -4.52 28.52 -5.61
N LYS H 118 -4.56 29.28 -4.48
CA LYS H 118 -3.49 30.20 -4.09
C LYS H 118 -2.20 29.42 -3.80
N THR H 119 -2.30 28.26 -3.11
CA THR H 119 -1.14 27.42 -2.81
C THR H 119 -0.57 26.84 -4.10
N LEU H 120 -1.44 26.40 -5.04
CA LEU H 120 -0.97 25.91 -6.33
C LEU H 120 -0.22 27.00 -7.09
N GLN H 121 -0.77 28.21 -7.10
CA GLN H 121 -0.12 29.33 -7.77
C GLN H 121 1.27 29.60 -7.19
N GLU H 122 1.39 29.59 -5.85
CA GLU H 122 2.65 29.91 -5.16
C GLU H 122 3.66 28.75 -5.19
N ALA H 123 3.21 27.50 -5.03
CA ALA H 123 4.10 26.37 -4.83
C ALA H 123 4.20 25.34 -5.97
N PHE H 124 3.16 25.18 -6.80
CA PHE H 124 3.16 24.14 -7.86
C PHE H 124 4.28 24.42 -8.89
N PRO H 125 5.28 23.51 -8.99
CA PRO H 125 6.43 23.79 -9.89
C PRO H 125 6.21 23.39 -11.35
N ALA H 126 4.96 23.35 -11.80
CA ALA H 126 4.66 23.01 -13.20
C ALA H 126 3.60 23.96 -13.74
N GLU H 127 3.37 23.94 -15.04
CA GLU H 127 2.35 24.81 -15.64
C GLU H 127 0.96 24.22 -15.43
N ILE H 128 -0.01 25.09 -15.10
CA ILE H 128 -1.41 24.70 -14.98
C ILE H 128 -2.11 25.27 -16.22
N HIS H 129 -2.63 24.39 -17.08
CA HIS H 129 -3.36 24.83 -18.27
C HIS H 129 -4.69 25.46 -17.87
N VAL H 130 -5.42 24.80 -16.95
CA VAL H 130 -6.71 25.25 -16.45
C VAL H 130 -7.02 24.56 -15.12
N ALA H 131 -7.69 25.29 -14.21
CA ALA H 131 -8.21 24.78 -12.94
C ALA H 131 -9.73 24.75 -13.09
N LEU H 132 -10.32 23.56 -13.11
CA LEU H 132 -11.76 23.33 -13.28
C LEU H 132 -12.36 23.08 -11.92
N ILE H 133 -13.28 23.95 -11.52
CA ILE H 133 -13.94 23.89 -10.21
C ILE H 133 -15.34 23.34 -10.44
N ILE H 134 -15.61 22.12 -9.86
CA ILE H 134 -16.90 21.45 -10.04
C ILE H 134 -17.91 22.10 -9.11
N LYS H 135 -18.85 22.78 -9.73
CA LYS H 135 -19.93 23.55 -9.15
C LYS H 135 -21.00 22.66 -8.47
N PRO H 136 -21.47 23.04 -7.26
CA PRO H 136 -22.55 22.30 -6.60
C PRO H 136 -23.84 22.21 -7.44
N THR H 145 -18.23 33.32 -5.11
CA THR H 145 -18.56 34.54 -4.38
C THR H 145 -17.65 35.66 -4.87
N ASN H 146 -16.35 35.50 -4.62
CA ASN H 146 -15.24 36.36 -5.05
C ASN H 146 -14.69 35.85 -6.39
N PHE H 147 -15.20 34.68 -6.83
CA PHE H 147 -14.74 33.91 -7.98
C PHE H 147 -14.43 34.77 -9.20
N GLY H 148 -15.42 35.55 -9.65
CA GLY H 148 -15.32 36.41 -10.82
C GLY H 148 -14.19 37.43 -10.80
N SER H 149 -13.82 37.91 -9.60
CA SER H 149 -12.76 38.90 -9.40
C SER H 149 -11.41 38.27 -9.02
N SER H 150 -11.42 37.00 -8.56
CA SER H 150 -10.19 36.27 -8.16
C SER H 150 -9.37 35.90 -9.40
N LYS H 151 -8.24 36.58 -9.60
CA LYS H 151 -7.39 36.33 -10.77
C LYS H 151 -6.18 35.51 -10.39
N PHE H 152 -5.80 34.54 -11.26
CA PHE H 152 -4.65 33.64 -11.06
C PHE H 152 -3.78 33.62 -12.31
N ILE H 153 -2.58 33.02 -12.20
CA ILE H 153 -1.61 32.91 -13.31
C ILE H 153 -2.10 31.83 -14.32
N PHE H 154 -3.17 31.13 -13.97
CA PHE H 154 -3.80 30.13 -14.81
C PHE H 154 -5.29 30.40 -14.92
N GLU H 155 -5.87 29.95 -16.01
CA GLU H 155 -7.31 30.06 -16.24
C GLU H 155 -8.05 29.21 -15.22
N THR H 156 -9.16 29.74 -14.72
CA THR H 156 -10.05 29.03 -13.79
C THR H 156 -11.44 29.02 -14.40
N SER H 157 -12.16 27.91 -14.23
CA SER H 157 -13.52 27.82 -14.77
C SER H 157 -14.41 27.04 -13.83
N MET H 158 -15.58 27.60 -13.52
CA MET H 158 -16.61 26.98 -12.67
C MET H 158 -17.51 26.21 -13.62
N VAL H 159 -17.49 24.88 -13.51
CA VAL H 159 -18.19 24.01 -14.45
C VAL H 159 -19.01 22.95 -13.73
N SER H 160 -20.01 22.39 -14.42
CA SER H 160 -20.82 21.30 -13.91
C SER H 160 -20.05 20.03 -14.17
N VAL H 161 -20.47 18.90 -13.58
CA VAL H 161 -19.79 17.61 -13.76
C VAL H 161 -19.91 17.15 -15.25
N GLU H 162 -20.96 17.62 -15.98
CA GLU H 162 -21.18 17.37 -17.40
C GLU H 162 -20.27 18.28 -18.24
N GLY H 163 -20.11 19.54 -17.84
CA GLY H 163 -19.22 20.48 -18.50
C GLY H 163 -17.74 20.07 -18.48
N LEU H 164 -17.37 19.23 -17.49
CA LEU H 164 -16.03 18.68 -17.33
C LEU H 164 -15.68 17.73 -18.50
N THR H 165 -16.69 16.95 -18.96
CA THR H 165 -16.60 15.98 -20.06
C THR H 165 -16.29 16.67 -21.41
N LYS H 166 -16.45 18.00 -21.51
CA LYS H 166 -16.11 18.73 -22.73
C LYS H 166 -14.58 18.84 -22.86
N LEU H 167 -13.86 18.82 -21.72
CA LEU H 167 -12.40 18.96 -21.71
C LEU H 167 -11.69 17.65 -21.37
N VAL H 168 -12.40 16.72 -20.73
CA VAL H 168 -11.81 15.45 -20.35
C VAL H 168 -12.77 14.33 -20.72
N ASP H 169 -12.27 13.33 -21.47
CA ASP H 169 -13.06 12.16 -21.84
C ASP H 169 -13.42 11.36 -20.57
N PRO H 170 -14.68 10.85 -20.44
CA PRO H 170 -15.04 10.10 -19.22
C PRO H 170 -14.14 8.90 -18.89
N SER H 171 -13.44 8.33 -19.89
CA SER H 171 -12.52 7.21 -19.68
C SER H 171 -11.25 7.65 -18.92
N GLN H 172 -11.02 8.97 -18.83
CA GLN H 172 -9.86 9.59 -18.19
C GLN H 172 -10.23 10.21 -16.84
N LEU H 173 -11.52 10.15 -16.47
CA LEU H 173 -12.04 10.66 -15.21
C LEU H 173 -12.25 9.51 -14.25
N THR H 174 -12.04 9.76 -12.95
CA THR H 174 -12.26 8.73 -11.94
C THR H 174 -13.74 8.73 -11.54
N GLU H 175 -14.17 7.74 -10.71
CA GLU H 175 -15.55 7.52 -10.28
C GLU H 175 -16.24 8.75 -9.64
N GLU H 176 -15.51 9.62 -8.95
CA GLU H 176 -16.10 10.83 -8.34
C GLU H 176 -16.78 11.76 -9.39
N PHE H 177 -16.32 11.71 -10.65
CA PHE H 177 -16.85 12.56 -11.71
C PHE H 177 -17.58 11.75 -12.78
N ASP H 178 -18.18 10.61 -12.37
CA ASP H 178 -18.94 9.67 -13.19
C ASP H 178 -18.07 9.12 -14.35
N GLY H 179 -16.77 9.01 -14.11
CA GLY H 179 -15.81 8.51 -15.07
C GLY H 179 -15.56 7.02 -14.95
N SER H 180 -14.85 6.44 -15.94
CA SER H 180 -14.58 5.00 -15.94
C SER H 180 -13.07 4.66 -15.78
N LEU H 181 -12.23 5.64 -15.39
CA LEU H 181 -10.82 5.37 -15.19
C LEU H 181 -10.62 4.59 -13.90
N ASP H 182 -9.97 3.44 -14.00
CA ASP H 182 -9.64 2.65 -12.82
C ASP H 182 -8.44 3.30 -12.16
N TYR H 183 -8.57 3.61 -10.86
CA TYR H 183 -7.49 4.21 -10.09
C TYR H 183 -7.62 3.78 -8.64
N ASN H 184 -6.62 3.03 -8.17
CA ASN H 184 -6.52 2.56 -6.81
C ASN H 184 -5.40 3.34 -6.16
N HIS H 185 -5.77 4.31 -5.32
CA HIS H 185 -4.80 5.23 -4.68
C HIS H 185 -3.77 4.52 -3.81
N GLU H 186 -4.20 3.55 -2.99
CA GLU H 186 -3.28 2.84 -2.10
C GLU H 186 -2.28 1.97 -2.91
N GLU H 187 -2.72 1.38 -4.02
CA GLU H 187 -1.84 0.59 -4.89
C GLU H 187 -0.82 1.52 -5.54
N TRP H 188 -1.27 2.72 -5.98
CA TRP H 188 -0.41 3.77 -6.55
C TRP H 188 0.65 4.18 -5.52
N ILE H 189 0.27 4.40 -4.25
CA ILE H 189 1.20 4.76 -3.20
C ILE H 189 2.32 3.70 -3.07
N GLU H 190 1.95 2.39 -3.01
CA GLU H 190 2.91 1.31 -2.89
C GLU H 190 3.88 1.30 -4.08
N LEU H 191 3.34 1.53 -5.29
CA LEU H 191 4.13 1.61 -6.52
C LEU H 191 5.18 2.74 -6.38
N ARG H 192 4.74 3.93 -5.93
CA ARG H 192 5.64 5.10 -5.80
C ARG H 192 6.69 4.85 -4.71
N LEU H 193 6.28 4.20 -3.61
CA LEU H 193 7.20 3.90 -2.48
C LEU H 193 8.29 2.94 -2.99
N SER H 194 8.08 2.32 -4.15
CA SER H 194 9.06 1.38 -4.73
C SER H 194 9.73 2.01 -5.96
N LEU H 195 9.94 3.32 -5.92
CA LEU H 195 10.58 4.08 -7.03
C LEU H 195 9.89 3.71 -8.35
#